data_7Z1I
#
_entry.id   7Z1I
#
_cell.length_a   70.989
_cell.length_b   88.989
_cell.length_c   120.982
_cell.angle_alpha   108.790
_cell.angle_beta   92.870
_cell.angle_gamma   102.970
#
_symmetry.space_group_name_H-M   'P 1'
#
loop_
_entity.id
_entity.type
_entity.pdbx_description
1 polymer 'Myrosinase 1'
2 branched 2-acetamido-2-deoxy-beta-D-glucopyranose-(1-4)-2-acetamido-2-deoxy-beta-D-glucopyranose
3 non-polymer 2-acetamido-2-deoxy-beta-D-glucopyranose
4 non-polymer 'CALCIUM ION'
#
_entity_poly.entity_id   1
_entity_poly.type   'polypeptide(L)'
_entity_poly.pdbx_seq_one_letter_code
;ATMGDEFVCEENEPFTCNQTKLFNSGNFEKGFIFGVASSAYQVEGGRGRGLNVWDSFTHRFPEKGGADLGNGDTTCDSYT
LWQKDIDVMDELNSTGYRFSIAWSRLLPKGKRSRGVNPGAIKYYNGLIDGLVAKNMTPFVTLFHWDLPQTLQDEYNGFLN
KTIVDDFKDYADLCFELFGDRVKNWITINQLYTVPTRGYALGTDAPGRCSPKIDVRCPGGNSSTEPYIVAHNQLLAHAAA
VDVYRTKYKDDQKGMIGPVMITRWFLPFDHSQESKDATERAKIFFHGWFMGPLTEGKYPDIMREYVGDRLPEFSETEAAL
VKGSYDFLGLNYYVTQYAQNNQTIVPSDVHTALMDSRTTLTSKNATGHAPGPPFNAASYYYPKGIYYVMDYFKTTYGDPL
IYVTENGFSTPGDEDFEKATADYKRIDYLCSHLCFLSKVIKEKNVNVKGYFAWSLGDNYEFCNGFTVRFGLSYVDFANIT
GDRDLKASGKWFQKFINVTDEDSTNQDLLRSSVSSKNRDRKSLADALEGSENLYFQ
;
_entity_poly.pdbx_strand_id   A,B,C,D
#
loop_
_chem_comp.id
_chem_comp.type
_chem_comp.name
_chem_comp.formula
CA non-polymer 'CALCIUM ION' 'Ca 2'
NAG D-saccharide, beta linking 2-acetamido-2-deoxy-beta-D-glucopyranose 'C8 H15 N O6'
#
# COMPACT_ATOMS: atom_id res chain seq x y z
N GLU A 6 3.55 33.81 -48.48
CA GLU A 6 4.72 33.90 -47.62
C GLU A 6 4.33 34.36 -46.21
N PHE A 7 4.74 33.59 -45.21
CA PHE A 7 4.46 33.86 -43.82
C PHE A 7 5.73 34.28 -43.12
N VAL A 8 5.63 35.29 -42.26
CA VAL A 8 6.77 35.80 -41.50
C VAL A 8 6.83 34.98 -40.22
N CYS A 9 7.78 34.05 -40.16
CA CYS A 9 7.88 33.17 -39.00
C CYS A 9 8.25 33.96 -37.77
N GLU A 10 7.51 33.73 -36.68
CA GLU A 10 7.73 34.44 -35.42
C GLU A 10 8.63 33.61 -34.52
N GLU A 11 9.60 34.28 -33.89
CA GLU A 11 10.56 33.61 -33.04
C GLU A 11 10.24 33.71 -31.55
N ASN A 12 9.48 34.72 -31.14
CA ASN A 12 9.11 34.92 -29.74
C ASN A 12 7.62 35.17 -29.64
N GLU A 13 7.12 35.15 -28.40
CA GLU A 13 5.71 35.40 -28.15
C GLU A 13 5.35 36.84 -28.49
N PRO A 14 4.13 37.08 -28.99
CA PRO A 14 3.06 36.11 -29.29
C PRO A 14 3.28 35.37 -30.59
N PHE A 15 2.55 34.28 -30.82
CA PHE A 15 2.66 33.48 -32.05
C PHE A 15 1.32 33.44 -32.76
N THR A 16 1.32 33.74 -34.06
CA THR A 16 0.11 33.67 -34.88
C THR A 16 0.10 32.46 -35.80
N CYS A 17 1.03 31.52 -35.63
CA CYS A 17 1.10 30.34 -36.47
C CYS A 17 0.06 29.28 -36.10
N ASN A 18 -0.71 29.49 -35.04
CA ASN A 18 -1.74 28.51 -34.69
C ASN A 18 -3.00 28.63 -35.54
N GLN A 19 -3.06 29.61 -36.45
CA GLN A 19 -4.16 29.71 -37.40
C GLN A 19 -3.76 28.99 -38.69
N THR A 20 -4.49 27.92 -39.01
CA THR A 20 -4.23 27.13 -40.21
C THR A 20 -4.62 27.84 -41.49
N LYS A 21 -5.30 28.98 -41.41
CA LYS A 21 -5.74 29.69 -42.62
C LYS A 21 -4.55 30.16 -43.44
N LEU A 22 -3.49 30.65 -42.78
CA LEU A 22 -2.32 31.15 -43.48
C LEU A 22 -1.11 30.24 -43.36
N PHE A 23 -1.09 29.32 -42.39
CA PHE A 23 0.00 28.37 -42.23
C PHE A 23 -0.61 26.99 -42.07
N ASN A 24 -0.49 26.17 -43.11
CA ASN A 24 -1.06 24.82 -43.11
C ASN A 24 -0.05 23.86 -43.72
N SER A 25 -0.45 22.59 -43.83
CA SER A 25 0.41 21.58 -44.42
C SER A 25 0.70 21.85 -45.89
N GLY A 26 -0.10 22.71 -46.54
CA GLY A 26 0.19 23.11 -47.90
C GLY A 26 1.49 23.87 -48.04
N ASN A 27 2.00 24.43 -46.94
CA ASN A 27 3.31 25.08 -46.94
C ASN A 27 4.44 24.10 -47.18
N PHE A 28 4.17 22.80 -47.06
CA PHE A 28 5.14 21.76 -47.38
C PHE A 28 4.74 21.09 -48.69
N GLU A 29 5.72 20.41 -49.30
CA GLU A 29 5.45 19.71 -50.55
C GLU A 29 4.47 18.57 -50.30
N LYS A 30 3.66 18.28 -51.33
CA LYS A 30 2.66 17.23 -51.22
C LYS A 30 3.31 15.89 -50.94
N GLY A 31 2.70 15.12 -50.05
CA GLY A 31 3.28 13.86 -49.60
C GLY A 31 4.15 13.96 -48.37
N PHE A 32 4.24 15.13 -47.75
CA PHE A 32 5.03 15.28 -46.55
C PHE A 32 4.43 14.46 -45.42
N ILE A 33 5.29 13.76 -44.68
CA ILE A 33 4.86 12.88 -43.60
C ILE A 33 4.76 13.69 -42.33
N PHE A 34 3.53 13.97 -41.91
CA PHE A 34 3.25 14.63 -40.62
C PHE A 34 2.79 13.55 -39.66
N GLY A 35 3.69 13.11 -38.78
CA GLY A 35 3.36 12.03 -37.87
C GLY A 35 3.79 12.25 -36.44
N VAL A 36 3.75 11.18 -35.64
CA VAL A 36 4.14 11.22 -34.23
C VAL A 36 5.10 10.07 -33.96
N ALA A 37 5.66 10.07 -32.76
CA ALA A 37 6.69 9.10 -32.42
C ALA A 37 6.57 8.70 -30.95
N SER A 38 7.16 7.56 -30.63
CA SER A 38 7.28 7.07 -29.26
C SER A 38 8.43 6.09 -29.20
N SER A 39 8.76 5.66 -27.98
CA SER A 39 9.80 4.67 -27.78
C SER A 39 9.24 3.52 -26.94
N ALA A 40 9.86 2.35 -27.10
CA ALA A 40 9.32 1.12 -26.52
C ALA A 40 9.23 1.19 -25.00
N TYR A 41 10.33 1.57 -24.34
CA TYR A 41 10.35 1.52 -22.88
C TYR A 41 9.37 2.50 -22.25
N GLN A 42 9.01 3.57 -22.95
CA GLN A 42 8.15 4.59 -22.36
C GLN A 42 6.66 4.30 -22.52
N VAL A 43 6.26 3.43 -23.44
CA VAL A 43 4.86 3.19 -23.73
C VAL A 43 4.46 1.72 -23.53
N GLU A 44 5.31 0.78 -23.92
CA GLU A 44 4.93 -0.63 -23.95
C GLU A 44 4.57 -1.18 -22.57
N GLY A 45 5.55 -1.27 -21.67
CA GLY A 45 5.33 -1.79 -20.34
C GLY A 45 6.12 -3.07 -20.10
N GLY A 46 6.02 -3.56 -18.87
CA GLY A 46 6.75 -4.76 -18.48
C GLY A 46 6.12 -6.07 -18.90
N ARG A 47 4.85 -6.07 -19.27
CA ARG A 47 4.17 -7.32 -19.62
C ARG A 47 4.76 -7.91 -20.89
N GLY A 48 4.95 -9.23 -20.87
CA GLY A 48 5.34 -9.96 -22.06
C GLY A 48 6.73 -9.65 -22.59
N ARG A 49 7.61 -9.09 -21.77
CA ARG A 49 8.96 -8.77 -22.22
C ARG A 49 9.96 -9.01 -21.09
N GLY A 50 11.21 -9.22 -21.49
CA GLY A 50 12.28 -9.36 -20.52
C GLY A 50 12.72 -8.03 -19.94
N LEU A 51 13.58 -8.12 -18.94
CA LEU A 51 14.10 -6.94 -18.26
C LEU A 51 15.30 -6.38 -19.03
N ASN A 52 15.31 -5.06 -19.20
CA ASN A 52 16.35 -4.36 -19.95
C ASN A 52 17.21 -3.52 -18.99
N VAL A 53 18.18 -2.82 -19.57
CA VAL A 53 19.09 -2.01 -18.77
C VAL A 53 18.37 -0.86 -18.09
N TRP A 54 17.34 -0.30 -18.74
CA TRP A 54 16.61 0.80 -18.12
C TRP A 54 15.75 0.31 -16.96
N ASP A 55 15.31 -0.95 -17.00
CA ASP A 55 14.62 -1.53 -15.85
C ASP A 55 15.55 -1.58 -14.64
N SER A 56 16.79 -2.04 -14.87
CA SER A 56 17.76 -2.10 -13.78
C SER A 56 18.09 -0.71 -13.25
N PHE A 57 18.28 0.24 -14.16
CA PHE A 57 18.66 1.59 -13.76
C PHE A 57 17.56 2.23 -12.90
N THR A 58 16.30 2.11 -13.33
CA THR A 58 15.20 2.70 -12.57
C THR A 58 14.99 1.97 -11.25
N HIS A 59 15.08 0.64 -11.26
CA HIS A 59 14.85 -0.12 -10.04
C HIS A 59 15.93 0.14 -9.00
N ARG A 60 17.20 0.16 -9.42
CA ARG A 60 18.29 0.37 -8.48
C ARG A 60 18.37 1.81 -8.01
N PHE A 61 18.10 2.77 -8.89
CA PHE A 61 18.18 4.21 -8.57
C PHE A 61 16.86 4.87 -8.93
N PRO A 62 15.85 4.75 -8.08
CA PRO A 62 14.54 5.35 -8.40
C PRO A 62 14.59 6.85 -8.63
N GLU A 63 15.44 7.57 -7.88
CA GLU A 63 15.56 9.01 -8.10
C GLU A 63 16.12 9.33 -9.47
N LYS A 64 17.10 8.56 -9.93
CA LYS A 64 17.72 8.84 -11.22
C LYS A 64 16.73 8.72 -12.37
N GLY A 65 15.71 7.88 -12.22
CA GLY A 65 14.66 7.75 -13.20
C GLY A 65 13.55 8.76 -13.12
N GLY A 66 13.58 9.64 -12.14
CA GLY A 66 12.59 10.68 -11.97
C GLY A 66 12.40 11.03 -10.51
N ALA A 67 11.99 12.28 -10.27
CA ALA A 67 11.68 12.72 -8.91
C ALA A 67 10.46 11.97 -8.37
N ASP A 68 9.49 11.67 -9.23
CA ASP A 68 8.31 10.90 -8.87
C ASP A 68 8.62 9.42 -8.70
N LEU A 69 9.85 8.99 -8.95
CA LEU A 69 10.28 7.60 -8.84
C LEU A 69 9.57 6.69 -9.84
N GLY A 70 9.02 7.26 -10.91
CA GLY A 70 8.35 6.46 -11.91
C GLY A 70 9.32 5.64 -12.73
N ASN A 71 8.77 4.64 -13.42
CA ASN A 71 9.56 3.75 -14.27
C ASN A 71 8.69 3.31 -15.44
N GLY A 72 9.27 2.49 -16.31
CA GLY A 72 8.57 2.01 -17.47
C GLY A 72 7.87 0.67 -17.27
N ASP A 73 7.30 0.47 -16.08
CA ASP A 73 6.64 -0.80 -15.78
C ASP A 73 5.26 -0.86 -16.42
N THR A 74 4.42 0.13 -16.14
CA THR A 74 3.06 0.19 -16.65
C THR A 74 2.84 1.34 -17.62
N THR A 75 3.39 2.52 -17.31
CA THR A 75 3.23 3.76 -18.06
C THR A 75 1.83 3.87 -18.66
N CYS A 76 1.74 4.02 -19.98
CA CYS A 76 0.44 4.03 -20.65
C CYS A 76 0.02 2.66 -21.16
N ASP A 77 0.86 1.64 -20.97
CA ASP A 77 0.53 0.25 -21.31
C ASP A 77 0.11 0.11 -22.77
N SER A 78 1.00 0.54 -23.67
CA SER A 78 0.71 0.40 -25.09
C SER A 78 0.79 -1.05 -25.56
N TYR A 79 1.43 -1.93 -24.79
CA TYR A 79 1.41 -3.34 -25.16
C TYR A 79 0.00 -3.91 -25.08
N THR A 80 -0.80 -3.43 -24.13
CA THR A 80 -2.18 -3.84 -24.00
C THR A 80 -3.15 -2.91 -24.72
N LEU A 81 -2.82 -1.62 -24.81
CA LEU A 81 -3.68 -0.62 -25.41
C LEU A 81 -3.10 -0.08 -26.71
N TRP A 82 -2.53 -0.97 -27.53
CA TRP A 82 -1.91 -0.54 -28.78
C TRP A 82 -2.93 0.01 -29.77
N GLN A 83 -4.16 -0.53 -29.75
CA GLN A 83 -5.20 0.00 -30.63
C GLN A 83 -5.53 1.45 -30.29
N LYS A 84 -5.38 1.83 -29.02
CA LYS A 84 -5.68 3.20 -28.62
C LYS A 84 -4.74 4.19 -29.29
N ASP A 85 -3.46 3.83 -29.42
CA ASP A 85 -2.50 4.71 -30.09
C ASP A 85 -2.89 4.95 -31.54
N ILE A 86 -3.33 3.90 -32.24
CA ILE A 86 -3.75 4.06 -33.62
C ILE A 86 -5.01 4.92 -33.72
N ASP A 87 -5.92 4.77 -32.75
CA ASP A 87 -7.14 5.58 -32.74
C ASP A 87 -6.82 7.06 -32.56
N VAL A 88 -5.87 7.38 -31.68
CA VAL A 88 -5.47 8.77 -31.49
C VAL A 88 -4.82 9.31 -32.76
N MET A 89 -3.96 8.52 -33.40
CA MET A 89 -3.35 8.94 -34.65
C MET A 89 -4.38 9.11 -35.75
N ASP A 90 -5.37 8.21 -35.81
CA ASP A 90 -6.43 8.35 -36.81
C ASP A 90 -7.20 9.65 -36.59
N GLU A 91 -7.48 9.99 -35.33
CA GLU A 91 -8.10 11.27 -35.03
C GLU A 91 -7.20 12.43 -35.38
N LEU A 92 -5.87 12.23 -35.32
CA LEU A 92 -4.91 13.27 -35.66
C LEU A 92 -4.67 13.40 -37.16
N ASN A 93 -5.19 12.48 -37.98
CA ASN A 93 -4.90 12.43 -39.41
C ASN A 93 -3.39 12.33 -39.66
N SER A 94 -2.71 11.59 -38.79
CA SER A 94 -1.27 11.39 -38.89
C SER A 94 -0.96 10.46 -40.05
N THR A 95 -0.15 10.92 -41.00
CA THR A 95 0.21 10.08 -42.14
C THR A 95 1.34 9.09 -41.84
N GLY A 96 2.01 9.21 -40.69
CA GLY A 96 3.10 8.32 -40.35
C GLY A 96 3.22 8.13 -38.86
N TYR A 97 4.04 7.16 -38.47
CA TYR A 97 4.25 6.87 -37.07
C TYR A 97 5.64 6.25 -36.88
N ARG A 98 6.30 6.66 -35.81
CA ARG A 98 7.64 6.16 -35.47
C ARG A 98 7.57 5.45 -34.13
N PHE A 99 7.94 4.16 -34.11
CA PHE A 99 7.98 3.38 -32.88
C PHE A 99 9.24 2.53 -32.88
N SER A 100 9.52 1.94 -31.72
CA SER A 100 10.71 1.13 -31.52
C SER A 100 10.31 -0.32 -31.20
N ILE A 101 11.12 -1.26 -31.69
CA ILE A 101 10.97 -2.67 -31.34
C ILE A 101 11.83 -2.95 -30.14
N ALA A 102 11.20 -3.38 -29.04
CA ALA A 102 11.92 -3.64 -27.81
C ALA A 102 12.74 -4.92 -27.93
N TRP A 103 14.05 -4.80 -27.74
CA TRP A 103 14.92 -5.97 -27.83
C TRP A 103 14.56 -7.00 -26.76
N SER A 104 14.28 -6.54 -25.54
CA SER A 104 13.89 -7.46 -24.47
C SER A 104 12.50 -8.03 -24.66
N ARG A 105 11.72 -7.52 -25.62
CA ARG A 105 10.43 -8.11 -25.92
C ARG A 105 10.54 -9.20 -27.00
N LEU A 106 11.12 -8.86 -28.15
CA LEU A 106 11.32 -9.87 -29.19
C LEU A 106 12.33 -10.93 -28.75
N LEU A 107 13.38 -10.52 -28.05
CA LEU A 107 14.40 -11.44 -27.55
C LEU A 107 14.57 -11.17 -26.06
N PRO A 108 13.70 -11.73 -25.23
CA PRO A 108 13.81 -11.52 -23.78
C PRO A 108 15.14 -11.98 -23.19
N LYS A 109 15.74 -13.03 -23.74
CA LYS A 109 17.01 -13.53 -23.26
C LYS A 109 18.19 -12.79 -23.90
N GLY A 110 17.93 -11.83 -24.76
CA GLY A 110 18.99 -11.06 -25.39
C GLY A 110 19.53 -11.64 -26.68
N LYS A 111 19.96 -12.91 -26.64
CA LYS A 111 20.54 -13.56 -27.80
C LYS A 111 19.46 -14.27 -28.61
N ARG A 112 19.61 -14.23 -29.93
CA ARG A 112 18.63 -14.87 -30.80
C ARG A 112 18.63 -16.39 -30.62
N SER A 113 19.80 -16.98 -30.39
CA SER A 113 19.90 -18.43 -30.19
C SER A 113 19.15 -18.89 -28.95
N ARG A 114 18.95 -18.00 -27.98
CA ARG A 114 18.29 -18.37 -26.73
C ARG A 114 16.77 -18.41 -26.84
N GLY A 115 16.20 -18.01 -27.96
CA GLY A 115 14.76 -18.07 -28.14
C GLY A 115 14.15 -16.75 -28.58
N VAL A 116 13.01 -16.84 -29.26
CA VAL A 116 12.27 -15.69 -29.75
C VAL A 116 10.87 -15.76 -29.18
N ASN A 117 10.38 -14.63 -28.67
CA ASN A 117 9.06 -14.60 -28.04
C ASN A 117 7.98 -14.47 -29.11
N PRO A 118 7.16 -15.51 -29.30
CA PRO A 118 6.08 -15.41 -30.30
C PRO A 118 5.07 -14.34 -29.97
N GLY A 119 4.79 -14.11 -28.68
CA GLY A 119 3.86 -13.06 -28.30
C GLY A 119 4.33 -11.68 -28.73
N ALA A 120 5.65 -11.46 -28.73
CA ALA A 120 6.20 -10.21 -29.25
C ALA A 120 5.90 -10.06 -30.73
N ILE A 121 6.08 -11.13 -31.50
CA ILE A 121 5.85 -11.08 -32.94
C ILE A 121 4.41 -10.72 -33.24
N LYS A 122 3.47 -11.33 -32.50
CA LYS A 122 2.06 -11.03 -32.70
C LYS A 122 1.76 -9.58 -32.36
N TYR A 123 2.36 -9.06 -31.29
CA TYR A 123 2.10 -7.67 -30.90
C TYR A 123 2.58 -6.69 -31.96
N TYR A 124 3.83 -6.85 -32.40
CA TYR A 124 4.38 -5.94 -33.40
C TYR A 124 3.64 -6.06 -34.73
N ASN A 125 3.32 -7.29 -35.15
CA ASN A 125 2.58 -7.46 -36.38
C ASN A 125 1.20 -6.81 -36.30
N GLY A 126 0.56 -6.90 -35.14
CA GLY A 126 -0.73 -6.26 -34.98
C GLY A 126 -0.66 -4.75 -35.17
N LEU A 127 0.34 -4.11 -34.57
CA LEU A 127 0.50 -2.67 -34.73
C LEU A 127 0.85 -2.30 -36.17
N ILE A 128 1.74 -3.07 -36.80
CA ILE A 128 2.13 -2.79 -38.19
C ILE A 128 0.93 -2.98 -39.11
N ASP A 129 0.21 -4.09 -38.95
CA ASP A 129 -0.97 -4.34 -39.79
C ASP A 129 -2.05 -3.29 -39.55
N GLY A 130 -2.24 -2.88 -38.29
CA GLY A 130 -3.18 -1.82 -38.01
C GLY A 130 -2.78 -0.50 -38.67
N LEU A 131 -1.48 -0.18 -38.66
CA LEU A 131 -1.02 1.03 -39.32
C LEU A 131 -1.22 0.96 -40.84
N VAL A 132 -0.92 -0.20 -41.44
CA VAL A 132 -1.09 -0.33 -42.89
C VAL A 132 -2.55 -0.15 -43.29
N ALA A 133 -3.46 -0.76 -42.53
CA ALA A 133 -4.89 -0.61 -42.82
C ALA A 133 -5.35 0.83 -42.69
N LYS A 134 -4.69 1.61 -41.83
CA LYS A 134 -5.01 3.02 -41.65
C LYS A 134 -4.18 3.94 -42.54
N ASN A 135 -3.37 3.38 -43.44
CA ASN A 135 -2.49 4.15 -44.32
C ASN A 135 -1.50 4.98 -43.51
N MET A 136 -0.82 4.32 -42.58
CA MET A 136 0.19 4.95 -41.75
C MET A 136 1.57 4.50 -42.19
N THR A 137 2.54 5.42 -42.17
CA THR A 137 3.88 5.11 -42.63
C THR A 137 4.69 4.52 -41.48
N PRO A 138 5.12 3.26 -41.54
CA PRO A 138 5.82 2.65 -40.40
C PRO A 138 7.30 3.03 -40.31
N PHE A 139 7.63 3.96 -39.42
CA PHE A 139 9.02 4.28 -39.09
C PHE A 139 9.42 3.49 -37.86
N VAL A 140 10.39 2.59 -38.02
CA VAL A 140 10.77 1.66 -36.97
C VAL A 140 12.20 1.95 -36.51
N THR A 141 12.37 2.12 -35.21
CA THR A 141 13.69 2.28 -34.58
C THR A 141 14.09 0.94 -33.99
N LEU A 142 15.23 0.41 -34.44
CA LEU A 142 15.68 -0.90 -33.95
C LEU A 142 16.08 -0.83 -32.49
N PHE A 143 16.87 0.16 -32.11
CA PHE A 143 17.41 0.28 -30.76
C PHE A 143 17.11 1.67 -30.22
N HIS A 144 16.42 1.73 -29.08
CA HIS A 144 16.12 2.97 -28.39
C HIS A 144 16.57 2.88 -26.93
N TRP A 145 17.80 2.41 -26.73
CA TRP A 145 18.49 2.34 -25.45
C TRP A 145 17.90 1.28 -24.50
N ASP A 146 17.01 0.43 -24.98
CA ASP A 146 16.44 -0.64 -24.15
C ASP A 146 17.20 -1.95 -24.38
N LEU A 147 18.48 -1.92 -24.03
CA LEU A 147 19.33 -3.09 -24.17
C LEU A 147 18.95 -4.15 -23.15
N PRO A 148 18.89 -5.43 -23.55
CA PRO A 148 18.60 -6.49 -22.59
C PRO A 148 19.63 -6.52 -21.46
N GLN A 149 19.14 -6.77 -20.24
CA GLN A 149 19.99 -6.66 -19.06
C GLN A 149 21.10 -7.71 -19.07
N THR A 150 20.79 -8.94 -19.46
CA THR A 150 21.79 -9.99 -19.42
C THR A 150 22.96 -9.68 -20.36
N LEU A 151 22.70 -8.97 -21.46
CA LEU A 151 23.78 -8.56 -22.35
C LEU A 151 24.73 -7.60 -21.65
N GLN A 152 24.18 -6.65 -20.89
CA GLN A 152 25.02 -5.75 -20.10
C GLN A 152 25.73 -6.50 -18.98
N ASP A 153 25.05 -7.44 -18.33
CA ASP A 153 25.67 -8.22 -17.26
C ASP A 153 26.71 -9.20 -17.77
N GLU A 154 26.75 -9.47 -19.07
CA GLU A 154 27.70 -10.42 -19.65
C GLU A 154 28.93 -9.71 -20.19
N TYR A 155 28.75 -8.73 -21.08
CA TYR A 155 29.86 -8.05 -21.73
C TYR A 155 29.74 -6.53 -21.63
N ASN A 156 29.13 -6.04 -20.55
CA ASN A 156 29.04 -4.60 -20.26
C ASN A 156 28.32 -3.84 -21.37
N GLY A 157 27.43 -4.51 -22.09
CA GLY A 157 26.67 -3.84 -23.13
C GLY A 157 27.55 -3.39 -24.28
N PHE A 158 27.34 -2.14 -24.71
CA PHE A 158 28.06 -1.60 -25.85
C PHE A 158 29.53 -1.36 -25.56
N LEU A 159 29.95 -1.45 -24.29
CA LEU A 159 31.37 -1.29 -23.95
C LEU A 159 32.23 -2.35 -24.63
N ASN A 160 31.66 -3.50 -24.94
CA ASN A 160 32.36 -4.59 -25.61
C ASN A 160 31.95 -4.64 -27.09
N LYS A 161 32.87 -5.11 -27.92
CA LYS A 161 32.57 -5.27 -29.34
C LYS A 161 31.61 -6.41 -29.62
N THR A 162 31.32 -7.23 -28.60
CA THR A 162 30.38 -8.35 -28.77
C THR A 162 28.98 -7.85 -29.15
N ILE A 163 28.63 -6.62 -28.76
CA ILE A 163 27.30 -6.10 -29.01
C ILE A 163 27.02 -5.99 -30.50
N VAL A 164 28.05 -5.85 -31.32
CA VAL A 164 27.86 -5.70 -32.77
C VAL A 164 27.21 -6.94 -33.34
N ASP A 165 27.72 -8.13 -32.97
CA ASP A 165 27.16 -9.37 -33.50
C ASP A 165 25.74 -9.61 -32.99
N ASP A 166 25.51 -9.39 -31.69
CA ASP A 166 24.17 -9.60 -31.14
C ASP A 166 23.17 -8.62 -31.73
N PHE A 167 23.56 -7.35 -31.88
CA PHE A 167 22.68 -6.37 -32.50
C PHE A 167 22.43 -6.71 -33.97
N LYS A 168 23.44 -7.26 -34.66
CA LYS A 168 23.27 -7.65 -36.06
C LYS A 168 22.20 -8.73 -36.21
N ASP A 169 22.27 -9.76 -35.37
CA ASP A 169 21.28 -10.84 -35.44
C ASP A 169 19.89 -10.35 -35.08
N TYR A 170 19.78 -9.50 -34.05
CA TYR A 170 18.47 -8.97 -33.65
C TYR A 170 17.88 -8.11 -34.76
N ALA A 171 18.70 -7.26 -35.40
CA ALA A 171 18.20 -6.47 -36.52
C ALA A 171 17.81 -7.34 -37.70
N ASP A 172 18.58 -8.40 -37.96
CA ASP A 172 18.27 -9.31 -39.06
C ASP A 172 16.91 -9.98 -38.86
N LEU A 173 16.60 -10.37 -37.62
CA LEU A 173 15.30 -10.99 -37.35
C LEU A 173 14.16 -10.00 -37.60
N CYS A 174 14.34 -8.74 -37.23
CA CYS A 174 13.28 -7.75 -37.40
C CYS A 174 12.94 -7.55 -38.88
N PHE A 175 13.96 -7.50 -39.74
CA PHE A 175 13.70 -7.36 -41.17
C PHE A 175 12.95 -8.58 -41.70
N GLU A 176 13.29 -9.78 -41.23
CA GLU A 176 12.65 -11.00 -41.71
C GLU A 176 11.19 -11.06 -41.31
N LEU A 177 10.83 -10.53 -40.15
CA LEU A 177 9.46 -10.61 -39.66
C LEU A 177 8.59 -9.48 -40.18
N PHE A 178 9.08 -8.24 -40.09
CA PHE A 178 8.28 -7.06 -40.37
C PHE A 178 8.71 -6.30 -41.62
N GLY A 179 9.78 -6.73 -42.28
CA GLY A 179 10.28 -6.01 -43.45
C GLY A 179 9.32 -6.01 -44.62
N ASP A 180 8.37 -6.95 -44.66
CA ASP A 180 7.40 -6.99 -45.75
C ASP A 180 6.54 -5.73 -45.78
N ARG A 181 6.27 -5.13 -44.62
CA ARG A 181 5.46 -3.94 -44.54
C ARG A 181 6.21 -2.71 -44.04
N VAL A 182 7.20 -2.88 -43.17
CA VAL A 182 7.98 -1.76 -42.67
C VAL A 182 9.04 -1.38 -43.69
N LYS A 183 9.09 -0.10 -44.04
CA LYS A 183 10.03 0.41 -45.02
C LYS A 183 10.99 1.47 -44.49
N ASN A 184 10.82 1.92 -43.25
CA ASN A 184 11.67 2.95 -42.65
C ASN A 184 12.32 2.38 -41.40
N TRP A 185 13.56 1.94 -41.52
CA TRP A 185 14.29 1.31 -40.43
C TRP A 185 15.30 2.29 -39.85
N ILE A 186 15.30 2.42 -38.53
CA ILE A 186 16.23 3.29 -37.80
C ILE A 186 17.05 2.43 -36.84
N THR A 187 18.37 2.58 -36.91
CA THR A 187 19.25 1.72 -36.12
C THR A 187 19.29 2.14 -34.65
N ILE A 188 19.79 3.35 -34.39
CA ILE A 188 19.95 3.85 -33.02
C ILE A 188 19.43 5.28 -32.97
N ASN A 189 18.78 5.63 -31.85
CA ASN A 189 18.21 6.94 -31.64
C ASN A 189 19.15 7.78 -30.79
N GLN A 190 19.57 8.94 -31.31
CA GLN A 190 20.39 9.93 -30.60
C GLN A 190 21.71 9.31 -30.13
N LEU A 191 22.56 9.00 -31.11
CA LEU A 191 23.85 8.35 -30.84
C LEU A 191 24.66 9.09 -29.79
N TYR A 192 24.59 10.43 -29.76
CA TYR A 192 25.41 11.20 -28.83
C TYR A 192 24.98 11.04 -27.38
N THR A 193 23.70 10.73 -27.14
CA THR A 193 23.18 10.75 -25.78
C THR A 193 23.73 9.61 -24.92
N VAL A 194 23.80 8.39 -25.46
CA VAL A 194 24.17 7.24 -24.63
C VAL A 194 25.59 7.34 -24.09
N PRO A 195 26.63 7.61 -24.89
CA PRO A 195 27.97 7.73 -24.30
C PRO A 195 28.10 8.90 -23.33
N THR A 196 27.35 9.97 -23.53
CA THR A 196 27.49 11.13 -22.65
C THR A 196 26.70 10.96 -21.36
N ARG A 197 25.41 10.66 -21.46
CA ARG A 197 24.56 10.56 -20.28
C ARG A 197 24.51 9.15 -19.69
N GLY A 198 25.07 8.15 -20.37
CA GLY A 198 25.04 6.80 -19.87
C GLY A 198 26.41 6.26 -19.48
N TYR A 199 27.46 6.85 -20.05
CA TYR A 199 28.82 6.39 -19.78
C TYR A 199 29.76 7.50 -19.30
N ALA A 200 29.35 8.77 -19.34
CA ALA A 200 30.17 9.87 -18.83
C ALA A 200 29.54 10.54 -17.62
N LEU A 201 28.31 11.03 -17.76
CA LEU A 201 27.62 11.66 -16.64
C LEU A 201 26.96 10.64 -15.71
N GLY A 202 26.65 9.45 -16.22
CA GLY A 202 25.99 8.44 -15.41
C GLY A 202 24.56 8.75 -15.05
N THR A 203 23.90 9.63 -15.80
CA THR A 203 22.52 10.00 -15.52
C THR A 203 21.51 9.08 -16.18
N ASP A 204 21.88 8.40 -17.26
CA ASP A 204 21.01 7.43 -17.92
C ASP A 204 21.59 6.03 -17.77
N ALA A 205 20.80 5.05 -18.23
CA ALA A 205 21.24 3.66 -18.19
C ALA A 205 22.44 3.47 -19.11
N PRO A 206 23.40 2.59 -18.74
CA PRO A 206 23.41 1.71 -17.56
C PRO A 206 23.88 2.41 -16.29
N GLY A 207 24.24 3.69 -16.34
CA GLY A 207 24.63 4.41 -15.15
C GLY A 207 26.10 4.37 -14.81
N ARG A 208 26.97 4.22 -15.80
CA ARG A 208 28.41 4.18 -15.57
C ARG A 208 28.98 5.59 -15.58
N CYS A 209 29.71 5.95 -14.52
CA CYS A 209 30.32 7.26 -14.42
C CYS A 209 31.52 7.16 -13.48
N SER A 210 32.34 8.22 -13.49
CA SER A 210 33.51 8.26 -12.63
C SER A 210 33.09 8.31 -11.16
N PRO A 211 33.91 7.73 -10.27
CA PRO A 211 33.52 7.71 -8.84
C PRO A 211 33.30 9.09 -8.26
N LYS A 212 34.09 10.08 -8.68
CA LYS A 212 33.93 11.43 -8.17
C LYS A 212 32.68 12.11 -8.73
N ILE A 213 32.29 11.75 -9.96
CA ILE A 213 31.09 12.34 -10.56
C ILE A 213 29.86 11.98 -9.74
N ASP A 214 29.73 10.71 -9.37
CA ASP A 214 28.62 10.25 -8.56
C ASP A 214 28.98 8.92 -7.92
N VAL A 215 28.90 8.84 -6.59
CA VAL A 215 29.19 7.59 -5.90
C VAL A 215 28.13 6.53 -6.20
N ARG A 216 26.94 6.94 -6.62
CA ARG A 216 25.87 5.99 -6.90
C ARG A 216 26.18 5.13 -8.12
N CYS A 217 26.98 5.63 -9.06
CA CYS A 217 27.33 4.85 -10.23
C CYS A 217 28.11 3.61 -9.80
N PRO A 218 27.76 2.42 -10.30
CA PRO A 218 28.55 1.22 -9.95
C PRO A 218 30.00 1.31 -10.38
N GLY A 219 30.31 2.09 -11.41
CA GLY A 219 31.68 2.28 -11.82
C GLY A 219 31.75 2.75 -13.26
N GLY A 220 32.89 3.34 -13.60
CA GLY A 220 33.10 3.81 -14.95
C GLY A 220 34.15 4.89 -15.02
N ASN A 221 34.63 5.12 -16.24
CA ASN A 221 35.61 6.16 -16.54
C ASN A 221 34.96 7.15 -17.50
N SER A 222 34.64 8.34 -16.99
CA SER A 222 33.96 9.36 -17.79
C SER A 222 34.86 9.97 -18.87
N SER A 223 36.11 9.55 -18.98
CA SER A 223 37.02 10.09 -19.98
C SER A 223 37.40 9.08 -21.07
N THR A 224 37.17 7.79 -20.85
CA THR A 224 37.52 6.77 -21.85
C THR A 224 36.33 5.95 -22.30
N GLU A 225 35.41 5.62 -21.40
CA GLU A 225 34.27 4.79 -21.78
C GLU A 225 33.37 5.40 -22.86
N PRO A 226 33.00 6.69 -22.81
CA PRO A 226 32.09 7.21 -23.85
C PRO A 226 32.60 7.05 -25.28
N TYR A 227 33.90 7.23 -25.50
CA TYR A 227 34.43 7.10 -26.86
C TYR A 227 34.43 5.65 -27.32
N ILE A 228 34.67 4.71 -26.41
CA ILE A 228 34.62 3.29 -26.77
C ILE A 228 33.19 2.87 -27.13
N VAL A 229 32.22 3.29 -26.32
CA VAL A 229 30.83 2.90 -26.54
C VAL A 229 30.32 3.47 -27.86
N ALA A 230 30.60 4.75 -28.12
CA ALA A 230 30.18 5.36 -29.38
C ALA A 230 30.86 4.70 -30.57
N HIS A 231 32.10 4.26 -30.40
CA HIS A 231 32.79 3.57 -31.48
C HIS A 231 32.08 2.28 -31.87
N ASN A 232 31.65 1.50 -30.87
CA ASN A 232 30.96 0.25 -31.14
C ASN A 232 29.56 0.48 -31.70
N GLN A 233 28.91 1.58 -31.31
CA GLN A 233 27.61 1.89 -31.89
C GLN A 233 27.69 2.10 -33.39
N LEU A 234 28.74 2.78 -33.86
CA LEU A 234 28.91 2.96 -35.29
C LEU A 234 29.14 1.62 -35.98
N LEU A 235 29.94 0.74 -35.37
CA LEU A 235 30.13 -0.59 -35.94
C LEU A 235 28.81 -1.37 -35.96
N ALA A 236 28.04 -1.29 -34.87
CA ALA A 236 26.73 -1.94 -34.83
C ALA A 236 25.77 -1.32 -35.84
N HIS A 237 25.77 0.02 -35.94
CA HIS A 237 24.90 0.69 -36.89
C HIS A 237 25.27 0.33 -38.33
N ALA A 238 26.57 0.26 -38.63
CA ALA A 238 27.01 -0.12 -39.96
C ALA A 238 26.59 -1.55 -40.28
N ALA A 239 26.69 -2.45 -39.30
CA ALA A 239 26.34 -3.85 -39.53
C ALA A 239 24.86 -4.01 -39.84
N ALA A 240 23.99 -3.28 -39.13
CA ALA A 240 22.56 -3.37 -39.39
C ALA A 240 22.22 -2.90 -40.80
N VAL A 241 22.83 -1.80 -41.24
CA VAL A 241 22.64 -1.33 -42.61
C VAL A 241 23.19 -2.34 -43.61
N ASP A 242 24.30 -3.00 -43.25
CA ASP A 242 24.90 -4.00 -44.12
C ASP A 242 23.95 -5.16 -44.37
N VAL A 243 23.27 -5.63 -43.33
CA VAL A 243 22.34 -6.74 -43.49
C VAL A 243 21.17 -6.34 -44.38
N TYR A 244 20.62 -5.14 -44.16
CA TYR A 244 19.43 -4.72 -44.90
C TYR A 244 19.71 -4.55 -46.39
N ARG A 245 20.87 -3.97 -46.74
CA ARG A 245 21.15 -3.69 -48.14
C ARG A 245 21.42 -4.96 -48.93
N THR A 246 22.15 -5.92 -48.34
CA THR A 246 22.57 -7.10 -49.09
C THR A 246 21.51 -8.19 -49.15
N LYS A 247 20.47 -8.11 -48.32
CA LYS A 247 19.49 -9.19 -48.27
C LYS A 247 18.06 -8.72 -48.48
N TYR A 248 17.69 -7.57 -47.94
CA TYR A 248 16.31 -7.10 -47.94
C TYR A 248 16.05 -5.94 -48.87
N LYS A 249 17.03 -5.05 -49.07
CA LYS A 249 16.84 -3.91 -49.96
C LYS A 249 16.60 -4.34 -51.41
N ASP A 250 17.01 -5.55 -51.78
CA ASP A 250 16.81 -6.02 -53.15
C ASP A 250 15.34 -6.15 -53.50
N ASP A 251 14.54 -6.71 -52.59
CA ASP A 251 13.12 -6.96 -52.83
C ASP A 251 12.18 -6.09 -52.03
N GLN A 252 12.49 -5.81 -50.76
CA GLN A 252 11.55 -5.05 -49.93
C GLN A 252 11.49 -3.59 -50.34
N LYS A 253 12.56 -3.05 -50.94
CA LYS A 253 12.60 -1.68 -51.44
C LYS A 253 12.30 -0.66 -50.34
N GLY A 254 13.19 -0.63 -49.34
CA GLY A 254 13.06 0.30 -48.24
C GLY A 254 14.39 0.99 -47.95
N MET A 255 14.33 1.94 -47.02
CA MET A 255 15.51 2.72 -46.62
C MET A 255 15.80 2.50 -45.14
N ILE A 256 17.08 2.58 -44.79
CA ILE A 256 17.54 2.46 -43.42
C ILE A 256 18.48 3.63 -43.13
N GLY A 257 18.31 4.26 -41.98
CA GLY A 257 19.13 5.39 -41.60
C GLY A 257 19.15 5.63 -40.11
N PRO A 258 20.25 6.17 -39.61
CA PRO A 258 20.37 6.44 -38.17
C PRO A 258 19.66 7.74 -37.78
N VAL A 259 19.53 7.93 -36.47
CA VAL A 259 18.92 9.12 -35.89
C VAL A 259 19.90 9.73 -34.91
N MET A 260 20.14 11.03 -35.05
CA MET A 260 21.05 11.76 -34.18
C MET A 260 20.33 12.90 -33.50
N ILE A 261 20.78 13.25 -32.30
CA ILE A 261 20.27 14.42 -31.61
C ILE A 261 20.97 15.64 -32.17
N THR A 262 20.21 16.68 -32.49
CA THR A 262 20.75 17.90 -33.07
C THR A 262 20.46 19.08 -32.17
N ARG A 263 21.46 19.92 -32.00
CA ARG A 263 21.35 21.17 -31.26
C ARG A 263 22.00 22.27 -32.07
N TRP A 264 21.42 23.46 -32.03
CA TRP A 264 22.06 24.61 -32.65
C TRP A 264 22.90 25.35 -31.61
N PHE A 265 23.97 25.99 -32.08
CA PHE A 265 24.90 26.67 -31.21
C PHE A 265 25.09 28.11 -31.66
N LEU A 266 25.14 29.01 -30.68
CA LEU A 266 25.35 30.44 -30.90
C LEU A 266 26.50 30.91 -30.03
N PRO A 267 27.22 31.94 -30.46
CA PRO A 267 28.31 32.48 -29.64
C PRO A 267 27.79 33.02 -28.32
N PHE A 268 28.57 32.82 -27.26
CA PHE A 268 28.20 33.33 -25.94
C PHE A 268 28.18 34.86 -25.95
N ASP A 269 29.16 35.47 -26.59
CA ASP A 269 29.23 36.91 -26.77
C ASP A 269 29.74 37.18 -28.18
N HIS A 270 30.10 38.43 -28.46
CA HIS A 270 30.52 38.83 -29.79
C HIS A 270 32.03 38.72 -29.98
N SER A 271 32.71 37.87 -29.22
CA SER A 271 34.15 37.74 -29.32
C SER A 271 34.52 36.61 -30.30
N GLN A 272 35.76 36.69 -30.79
CA GLN A 272 36.25 35.65 -31.69
C GLN A 272 36.43 34.31 -30.96
N GLU A 273 36.84 34.36 -29.69
CA GLU A 273 37.03 33.13 -28.92
C GLU A 273 35.73 32.36 -28.77
N SER A 274 34.62 33.08 -28.54
CA SER A 274 33.31 32.44 -28.49
C SER A 274 32.94 31.87 -29.85
N LYS A 275 33.26 32.60 -30.92
CA LYS A 275 32.97 32.12 -32.26
C LYS A 275 33.71 30.83 -32.58
N ASP A 276 34.99 30.75 -32.17
CA ASP A 276 35.73 29.51 -32.34
C ASP A 276 35.13 28.38 -31.50
N ALA A 277 34.75 28.69 -30.26
CA ALA A 277 34.14 27.67 -29.41
C ALA A 277 32.80 27.21 -29.96
N THR A 278 32.02 28.13 -30.54
CA THR A 278 30.74 27.76 -31.13
C THR A 278 30.93 26.80 -32.29
N GLU A 279 31.94 27.02 -33.13
CA GLU A 279 32.22 26.10 -34.21
C GLU A 279 32.69 24.75 -33.68
N ARG A 280 33.50 24.75 -32.62
CA ARG A 280 33.95 23.50 -32.01
C ARG A 280 32.77 22.71 -31.43
N ALA A 281 31.80 23.40 -30.82
CA ALA A 281 30.66 22.72 -30.24
C ALA A 281 29.86 21.97 -31.29
N LYS A 282 29.68 22.56 -32.47
CA LYS A 282 28.98 21.86 -33.54
C LYS A 282 29.74 20.61 -33.97
N ILE A 283 31.08 20.71 -34.06
CA ILE A 283 31.87 19.58 -34.52
C ILE A 283 31.79 18.42 -33.52
N PHE A 284 31.90 18.71 -32.23
CA PHE A 284 31.92 17.64 -31.24
C PHE A 284 30.53 17.04 -31.04
N PHE A 285 29.49 17.87 -31.11
CA PHE A 285 28.12 17.39 -30.89
C PHE A 285 27.60 16.59 -32.08
N HIS A 286 27.88 17.06 -33.30
CA HIS A 286 27.36 16.44 -34.52
C HIS A 286 28.40 15.68 -35.31
N GLY A 287 29.56 16.29 -35.56
CA GLY A 287 30.58 15.66 -36.38
C GLY A 287 31.21 14.43 -35.77
N TRP A 288 30.99 14.19 -34.48
CA TRP A 288 31.53 12.99 -33.84
C TRP A 288 31.10 11.73 -34.56
N PHE A 289 29.86 11.69 -35.05
CA PHE A 289 29.36 10.58 -35.83
C PHE A 289 29.16 10.90 -37.31
N MET A 290 28.76 12.13 -37.63
CA MET A 290 28.54 12.49 -39.03
C MET A 290 29.83 12.42 -39.84
N GLY A 291 30.95 12.79 -39.22
CA GLY A 291 32.24 12.69 -39.86
C GLY A 291 32.57 11.28 -40.31
N PRO A 292 32.56 10.33 -39.39
CA PRO A 292 32.73 8.92 -39.79
C PRO A 292 31.65 8.43 -40.73
N LEU A 293 30.41 8.92 -40.59
CA LEU A 293 29.34 8.50 -41.47
C LEU A 293 29.55 8.97 -42.91
N THR A 294 30.27 10.08 -43.09
CA THR A 294 30.50 10.65 -44.41
C THR A 294 31.89 10.32 -44.97
N GLU A 295 32.94 10.59 -44.21
CA GLU A 295 34.31 10.41 -44.66
C GLU A 295 34.99 9.18 -44.09
N GLY A 296 34.32 8.43 -43.21
CA GLY A 296 34.92 7.24 -42.64
C GLY A 296 35.95 7.47 -41.58
N LYS A 297 36.02 8.67 -41.01
CA LYS A 297 36.99 8.97 -39.96
C LYS A 297 36.44 10.06 -39.07
N TYR A 298 36.96 10.11 -37.85
CA TYR A 298 36.54 11.10 -36.88
C TYR A 298 37.04 12.48 -37.29
N PRO A 299 36.43 13.54 -36.79
CA PRO A 299 36.90 14.89 -37.11
C PRO A 299 38.35 15.08 -36.67
N ASP A 300 39.10 15.84 -37.47
CA ASP A 300 40.51 16.06 -37.18
C ASP A 300 40.70 16.79 -35.85
N ILE A 301 39.86 17.79 -35.58
CA ILE A 301 39.97 18.54 -34.33
C ILE A 301 39.71 17.63 -33.13
N MET A 302 38.69 16.77 -33.23
CA MET A 302 38.43 15.82 -32.15
C MET A 302 39.59 14.84 -32.02
N ARG A 303 40.15 14.39 -33.15
CA ARG A 303 41.29 13.48 -33.09
C ARG A 303 42.48 14.13 -32.40
N GLU A 304 42.73 15.41 -32.69
CA GLU A 304 43.83 16.11 -32.03
C GLU A 304 43.53 16.34 -30.56
N TYR A 305 42.32 16.81 -30.23
CA TYR A 305 42.00 17.16 -28.85
C TYR A 305 41.94 15.92 -27.97
N VAL A 306 41.18 14.91 -28.39
CA VAL A 306 41.01 13.71 -27.58
C VAL A 306 42.25 12.83 -27.63
N GLY A 307 42.87 12.70 -28.79
CA GLY A 307 44.10 11.94 -28.89
C GLY A 307 43.84 10.45 -28.78
N ASP A 308 44.64 9.78 -27.95
CA ASP A 308 44.55 8.33 -27.83
C ASP A 308 43.22 7.88 -27.23
N ARG A 309 42.57 8.73 -26.43
CA ARG A 309 41.27 8.39 -25.87
C ARG A 309 40.19 8.25 -26.93
N LEU A 310 40.43 8.77 -28.14
CA LEU A 310 39.52 8.58 -29.25
C LEU A 310 39.97 7.40 -30.09
N PRO A 311 39.17 6.34 -30.21
CA PRO A 311 39.57 5.20 -31.05
C PRO A 311 39.51 5.54 -32.53
N GLU A 312 40.08 4.62 -33.32
CA GLU A 312 40.14 4.78 -34.77
C GLU A 312 39.57 3.55 -35.45
N PHE A 313 38.90 3.76 -36.57
CA PHE A 313 38.30 2.66 -37.32
C PHE A 313 39.37 1.90 -38.12
N SER A 314 39.16 0.59 -38.22
CA SER A 314 40.02 -0.23 -39.07
C SER A 314 39.65 0.00 -40.54
N GLU A 315 40.49 -0.55 -41.43
CA GLU A 315 40.25 -0.41 -42.85
C GLU A 315 38.92 -1.04 -43.25
N THR A 316 38.63 -2.23 -42.73
CA THR A 316 37.34 -2.85 -42.99
C THR A 316 36.20 -2.05 -42.35
N GLU A 317 36.38 -1.59 -41.11
CA GLU A 317 35.33 -0.85 -40.43
C GLU A 317 35.06 0.49 -41.10
N ALA A 318 36.11 1.17 -41.55
CA ALA A 318 35.94 2.50 -42.14
C ALA A 318 35.09 2.44 -43.40
N ALA A 319 35.32 1.44 -44.25
CA ALA A 319 34.51 1.30 -45.46
C ALA A 319 33.05 1.02 -45.13
N LEU A 320 32.80 0.15 -44.15
CA LEU A 320 31.43 -0.15 -43.76
C LEU A 320 30.74 1.06 -43.15
N VAL A 321 31.42 1.79 -42.26
CA VAL A 321 30.80 2.92 -41.59
C VAL A 321 30.53 4.05 -42.58
N LYS A 322 31.45 4.28 -43.52
CA LYS A 322 31.27 5.35 -44.49
C LYS A 322 30.08 5.05 -45.39
N GLY A 323 29.19 6.03 -45.53
CA GLY A 323 28.00 5.87 -46.37
C GLY A 323 27.06 4.78 -45.90
N SER A 324 27.02 4.51 -44.60
CA SER A 324 26.11 3.50 -44.05
C SER A 324 24.78 4.11 -43.65
N TYR A 325 24.15 4.82 -44.58
CA TYR A 325 22.88 5.46 -44.31
C TYR A 325 22.20 5.82 -45.63
N ASP A 326 20.88 5.74 -45.65
CA ASP A 326 20.07 6.22 -46.76
C ASP A 326 19.33 7.51 -46.46
N PHE A 327 18.96 7.73 -45.20
CA PHE A 327 18.33 8.96 -44.74
C PHE A 327 18.87 9.30 -43.37
N LEU A 328 18.54 10.51 -42.89
CA LEU A 328 18.99 10.96 -41.58
C LEU A 328 17.79 11.46 -40.79
N GLY A 329 17.51 10.82 -39.66
CA GLY A 329 16.44 11.26 -38.78
C GLY A 329 16.91 12.27 -37.75
N LEU A 330 16.82 13.55 -38.08
CA LEU A 330 17.29 14.62 -37.19
C LEU A 330 16.25 14.94 -36.12
N ASN A 331 16.72 15.11 -34.88
CA ASN A 331 15.88 15.50 -33.75
C ASN A 331 16.42 16.81 -33.19
N TYR A 332 15.60 17.86 -33.21
CA TYR A 332 16.00 19.16 -32.69
C TYR A 332 14.98 19.62 -31.65
N TYR A 333 15.49 20.04 -30.49
CA TYR A 333 14.62 20.57 -29.43
C TYR A 333 14.96 22.02 -29.08
N VAL A 334 16.20 22.33 -28.73
CA VAL A 334 16.57 23.66 -28.25
C VAL A 334 17.93 24.05 -28.83
N THR A 335 18.29 25.31 -28.59
CA THR A 335 19.56 25.89 -29.01
C THR A 335 20.30 26.39 -27.78
N GLN A 336 21.62 26.19 -27.76
CA GLN A 336 22.45 26.56 -26.62
C GLN A 336 23.58 27.48 -27.06
N TYR A 337 23.99 28.37 -26.15
CA TYR A 337 25.11 29.27 -26.38
C TYR A 337 26.42 28.57 -26.03
N ALA A 338 27.46 28.85 -26.80
CA ALA A 338 28.77 28.23 -26.64
C ALA A 338 29.82 29.28 -26.30
N GLN A 339 30.69 28.94 -25.34
CA GLN A 339 31.77 29.82 -24.93
C GLN A 339 33.04 29.00 -24.77
N ASN A 340 34.18 29.70 -24.76
CA ASN A 340 35.46 29.03 -24.60
C ASN A 340 35.72 28.75 -23.13
N ASN A 341 36.26 27.57 -22.84
CA ASN A 341 36.59 27.19 -21.48
C ASN A 341 37.81 26.26 -21.54
N GLN A 342 39.00 26.83 -21.35
CA GLN A 342 40.24 26.06 -21.31
C GLN A 342 40.69 25.79 -19.89
N THR A 343 39.75 25.50 -18.98
CA THR A 343 40.11 25.25 -17.59
C THR A 343 40.51 23.79 -17.43
N ILE A 344 41.73 23.56 -16.96
CA ILE A 344 42.20 22.20 -16.74
C ILE A 344 41.48 21.60 -15.54
N VAL A 345 40.99 20.38 -15.70
CA VAL A 345 40.20 19.72 -14.67
C VAL A 345 40.96 18.50 -14.17
N PRO A 346 40.85 18.15 -12.90
CA PRO A 346 41.47 16.91 -12.42
C PRO A 346 40.88 15.69 -13.13
N SER A 347 41.74 14.69 -13.33
CA SER A 347 41.33 13.51 -14.11
C SER A 347 40.20 12.76 -13.44
N ASP A 348 40.16 12.75 -12.11
CA ASP A 348 39.13 11.97 -11.40
C ASP A 348 37.74 12.53 -11.63
N VAL A 349 37.61 13.83 -11.88
CA VAL A 349 36.32 14.46 -12.09
C VAL A 349 36.12 14.91 -13.53
N HIS A 350 37.08 14.64 -14.41
CA HIS A 350 36.97 15.04 -15.80
C HIS A 350 35.97 14.17 -16.54
N THR A 351 35.18 14.79 -17.42
CA THR A 351 34.22 14.09 -18.25
C THR A 351 34.57 14.30 -19.72
N ALA A 352 34.12 13.34 -20.54
CA ALA A 352 34.42 13.41 -21.98
C ALA A 352 33.81 14.63 -22.62
N LEU A 353 32.72 15.17 -22.05
CA LEU A 353 32.09 16.36 -22.60
C LEU A 353 33.01 17.58 -22.54
N MET A 354 33.98 17.58 -21.63
CA MET A 354 34.92 18.68 -21.49
C MET A 354 36.00 18.71 -22.56
N ASP A 355 36.11 17.66 -23.38
CA ASP A 355 37.17 17.60 -24.37
C ASP A 355 37.07 18.68 -25.44
N SER A 356 35.88 19.23 -25.67
CA SER A 356 35.73 20.31 -26.63
C SER A 356 36.32 21.62 -26.13
N ARG A 357 36.68 21.70 -24.85
CA ARG A 357 37.19 22.93 -24.24
C ARG A 357 36.17 24.07 -24.34
N THR A 358 34.88 23.72 -24.28
CA THR A 358 33.79 24.67 -24.41
C THR A 358 32.82 24.51 -23.25
N THR A 359 31.96 25.52 -23.09
CA THR A 359 30.92 25.49 -22.07
C THR A 359 29.60 25.88 -22.71
N LEU A 360 28.58 25.03 -22.52
CA LEU A 360 27.25 25.26 -23.07
C LEU A 360 26.37 25.90 -22.00
N THR A 361 25.71 26.99 -22.37
CA THR A 361 24.90 27.76 -21.44
C THR A 361 23.49 27.93 -22.01
N SER A 362 22.56 28.27 -21.11
CA SER A 362 21.19 28.55 -21.52
C SER A 362 21.03 29.98 -22.02
N LYS A 363 21.75 30.92 -21.42
CA LYS A 363 21.71 32.32 -21.81
C LYS A 363 23.10 32.75 -22.28
N ASN A 364 23.15 33.86 -23.00
CA ASN A 364 24.42 34.36 -23.51
C ASN A 364 25.09 35.25 -22.46
N ALA A 365 26.13 35.99 -22.86
CA ALA A 365 26.91 36.78 -21.92
C ALA A 365 26.09 37.88 -21.26
N THR A 366 25.11 38.44 -21.97
CA THR A 366 24.29 39.51 -21.41
C THR A 366 23.09 38.99 -20.62
N GLY A 367 22.95 37.68 -20.50
CA GLY A 367 21.84 37.10 -19.76
C GLY A 367 20.54 36.99 -20.52
N HIS A 368 20.57 37.17 -21.84
CA HIS A 368 19.36 37.10 -22.66
C HIS A 368 19.11 35.67 -23.15
N ALA A 369 17.85 35.27 -23.12
CA ALA A 369 17.48 33.96 -23.64
C ALA A 369 17.31 34.01 -25.14
N PRO A 370 17.60 32.92 -25.86
CA PRO A 370 17.40 32.92 -27.31
C PRO A 370 15.96 32.82 -27.75
N GLY A 371 15.04 32.45 -26.85
CA GLY A 371 13.65 32.31 -27.20
C GLY A 371 12.75 32.11 -26.00
N PRO A 372 11.50 31.72 -26.23
CA PRO A 372 10.56 31.47 -25.13
C PRO A 372 10.99 30.27 -24.30
N PRO A 373 10.57 30.20 -23.04
CA PRO A 373 10.99 29.08 -22.18
C PRO A 373 10.51 27.73 -22.73
N PHE A 374 11.40 26.75 -22.64
CA PHE A 374 11.10 25.38 -23.07
C PHE A 374 10.79 24.49 -21.86
N ASN A 375 11.72 24.43 -20.91
CA ASN A 375 11.52 23.69 -19.67
C ASN A 375 11.99 24.59 -18.53
N ALA A 376 12.17 23.99 -17.36
CA ALA A 376 12.55 24.75 -16.17
C ALA A 376 13.91 25.41 -16.29
N ALA A 377 14.80 24.89 -17.16
CA ALA A 377 16.17 25.40 -17.20
C ALA A 377 16.69 25.56 -18.62
N SER A 378 15.83 25.89 -19.58
CA SER A 378 16.28 26.17 -20.94
C SER A 378 15.16 26.88 -21.68
N TYR A 379 15.52 27.41 -22.85
CA TYR A 379 14.59 28.11 -23.74
C TYR A 379 14.78 27.61 -25.16
N TYR A 380 13.68 27.55 -25.90
CA TYR A 380 13.71 27.02 -27.27
C TYR A 380 13.87 28.16 -28.27
N TYR A 381 14.67 27.92 -29.31
CA TYR A 381 14.95 28.89 -30.35
C TYR A 381 14.40 28.38 -31.67
N PRO A 382 13.23 28.87 -32.12
CA PRO A 382 12.60 28.27 -33.31
C PRO A 382 13.46 28.28 -34.56
N LYS A 383 14.26 29.33 -34.76
CA LYS A 383 15.12 29.40 -35.94
C LYS A 383 16.24 28.37 -35.91
N GLY A 384 16.45 27.70 -34.78
CA GLY A 384 17.52 26.73 -34.70
C GLY A 384 17.34 25.57 -35.66
N ILE A 385 16.10 25.13 -35.85
CA ILE A 385 15.85 24.03 -36.78
C ILE A 385 16.19 24.45 -38.21
N TYR A 386 15.95 25.72 -38.55
CA TYR A 386 16.35 26.22 -39.86
C TYR A 386 17.86 26.11 -40.05
N TYR A 387 18.63 26.49 -39.04
CA TYR A 387 20.08 26.39 -39.14
C TYR A 387 20.53 24.94 -39.22
N VAL A 388 19.91 24.05 -38.45
CA VAL A 388 20.35 22.65 -38.41
C VAL A 388 20.16 22.00 -39.78
N MET A 389 19.00 22.21 -40.41
CA MET A 389 18.80 21.64 -41.74
C MET A 389 19.76 22.24 -42.74
N ASP A 390 19.98 23.56 -42.68
CA ASP A 390 20.94 24.20 -43.57
C ASP A 390 22.36 23.73 -43.28
N TYR A 391 22.73 23.63 -41.99
CA TYR A 391 24.07 23.19 -41.63
C TYR A 391 24.32 21.76 -42.09
N PHE A 392 23.36 20.87 -41.85
CA PHE A 392 23.51 19.49 -42.30
C PHE A 392 23.54 19.39 -43.82
N LYS A 393 22.72 20.17 -44.50
CA LYS A 393 22.67 20.11 -45.96
C LYS A 393 23.99 20.57 -46.57
N THR A 394 24.55 21.69 -46.07
CA THR A 394 25.77 22.22 -46.66
C THR A 394 27.00 21.42 -46.26
N THR A 395 27.06 20.98 -45.00
CA THR A 395 28.23 20.24 -44.54
C THR A 395 28.23 18.80 -45.04
N TYR A 396 27.05 18.21 -45.24
CA TYR A 396 26.90 16.81 -45.60
C TYR A 396 26.02 16.73 -46.84
N GLY A 397 26.64 16.67 -48.01
CA GLY A 397 25.94 16.52 -49.27
C GLY A 397 24.93 15.38 -49.30
N ASP A 398 23.97 15.46 -50.23
CA ASP A 398 22.80 14.59 -50.28
C ASP A 398 22.15 14.57 -48.90
N PRO A 399 21.41 15.62 -48.52
CA PRO A 399 20.82 15.70 -47.18
C PRO A 399 19.39 15.16 -47.08
N LEU A 400 19.22 13.86 -47.27
CA LEU A 400 17.90 13.27 -47.03
C LEU A 400 17.64 13.32 -45.53
N ILE A 401 16.65 14.10 -45.12
CA ILE A 401 16.42 14.40 -43.71
C ILE A 401 14.96 14.11 -43.35
N TYR A 402 14.76 13.42 -42.23
CA TYR A 402 13.45 13.24 -41.62
C TYR A 402 13.51 13.81 -40.22
N VAL A 403 12.48 14.57 -39.84
CA VAL A 403 12.41 15.16 -38.50
C VAL A 403 11.72 14.12 -37.62
N THR A 404 12.52 13.22 -37.04
CA THR A 404 11.95 12.10 -36.30
C THR A 404 11.45 12.51 -34.92
N GLU A 405 11.97 13.58 -34.33
CA GLU A 405 11.52 14.01 -33.01
C GLU A 405 11.54 15.53 -32.91
N ASN A 406 10.43 16.09 -32.44
CA ASN A 406 10.33 17.52 -32.17
C ASN A 406 9.10 17.73 -31.31
N GLY A 407 9.27 18.32 -30.13
CA GLY A 407 8.14 18.50 -29.24
C GLY A 407 8.44 19.48 -28.14
N PHE A 408 7.40 19.78 -27.36
CA PHE A 408 7.48 20.75 -26.27
C PHE A 408 7.00 20.08 -24.99
N SER A 409 7.77 20.24 -23.92
CA SER A 409 7.45 19.62 -22.64
C SER A 409 6.52 20.51 -21.83
N THR A 410 5.56 19.89 -21.16
CA THR A 410 4.65 20.59 -20.28
C THR A 410 4.70 19.97 -18.89
N PRO A 411 4.64 20.79 -17.84
CA PRO A 411 4.72 20.25 -16.48
C PRO A 411 3.58 19.28 -16.18
N GLY A 412 3.90 18.22 -15.45
CA GLY A 412 2.91 17.21 -15.11
C GLY A 412 1.93 17.64 -14.05
N ASP A 413 2.32 18.60 -13.20
CA ASP A 413 1.42 19.05 -12.14
C ASP A 413 0.21 19.80 -12.68
N GLU A 414 0.22 20.18 -13.96
CA GLU A 414 -0.93 20.83 -14.56
C GLU A 414 -2.15 19.91 -14.49
N ASP A 415 -3.31 20.49 -14.20
CA ASP A 415 -4.54 19.73 -14.13
C ASP A 415 -4.98 19.34 -15.54
N PHE A 416 -6.14 18.68 -15.62
CA PHE A 416 -6.63 18.23 -16.92
C PHE A 416 -6.92 19.40 -17.85
N GLU A 417 -7.53 20.46 -17.32
CA GLU A 417 -7.84 21.63 -18.14
C GLU A 417 -6.57 22.31 -18.64
N LYS A 418 -5.58 22.50 -17.76
CA LYS A 418 -4.35 23.16 -18.17
C LYS A 418 -3.57 22.33 -19.18
N ALA A 419 -3.49 21.01 -18.96
CA ALA A 419 -2.74 20.15 -19.87
C ALA A 419 -3.39 20.10 -21.25
N THR A 420 -4.72 20.03 -21.31
CA THR A 420 -5.41 20.02 -22.59
C THR A 420 -5.23 21.34 -23.33
N ALA A 421 -5.20 22.45 -22.60
CA ALA A 421 -4.99 23.76 -23.19
C ALA A 421 -3.50 24.06 -23.33
N ASP A 422 -2.82 23.20 -24.11
CA ASP A 422 -1.38 23.31 -24.29
C ASP A 422 -1.05 24.22 -25.48
N TYR A 423 -1.52 25.46 -25.40
CA TYR A 423 -1.23 26.44 -26.44
C TYR A 423 0.26 26.73 -26.53
N LYS A 424 0.99 26.57 -25.42
CA LYS A 424 2.44 26.70 -25.46
C LYS A 424 3.05 25.64 -26.35
N ARG A 425 2.52 24.42 -26.30
CA ARG A 425 2.97 23.38 -27.24
C ARG A 425 2.63 23.76 -28.66
N ILE A 426 1.46 24.35 -28.88
CA ILE A 426 1.08 24.81 -30.22
C ILE A 426 2.07 25.85 -30.71
N ASP A 427 2.45 26.80 -29.84
CA ASP A 427 3.40 27.83 -30.24
C ASP A 427 4.74 27.21 -30.63
N TYR A 428 5.20 26.22 -29.86
CA TYR A 428 6.46 25.55 -30.19
C TYR A 428 6.37 24.83 -31.53
N LEU A 429 5.28 24.11 -31.77
CA LEU A 429 5.18 23.27 -32.95
C LEU A 429 5.04 24.09 -34.22
N CYS A 430 4.17 25.10 -34.21
CA CYS A 430 3.97 25.90 -35.42
C CYS A 430 5.24 26.66 -35.79
N SER A 431 5.91 27.25 -34.80
CA SER A 431 7.09 28.05 -35.08
C SER A 431 8.22 27.20 -35.67
N HIS A 432 8.48 26.03 -35.06
CA HIS A 432 9.51 25.14 -35.60
C HIS A 432 9.12 24.62 -36.99
N LEU A 433 7.84 24.29 -37.17
CA LEU A 433 7.37 23.91 -38.50
C LEU A 433 7.48 25.07 -39.47
N CYS A 434 7.28 26.30 -38.99
CA CYS A 434 7.37 27.48 -39.85
C CYS A 434 8.77 27.62 -40.45
N PHE A 435 9.80 27.53 -39.61
CA PHE A 435 11.16 27.61 -40.11
C PHE A 435 11.54 26.36 -40.89
N LEU A 436 10.90 25.23 -40.60
CA LEU A 436 11.15 24.03 -41.38
C LEU A 436 10.70 24.22 -42.83
N SER A 437 9.55 24.87 -43.03
CA SER A 437 9.10 25.16 -44.39
C SER A 437 10.04 26.13 -45.09
N LYS A 438 10.56 27.12 -44.36
CA LYS A 438 11.45 28.11 -44.95
C LYS A 438 12.74 27.45 -45.44
N VAL A 439 13.34 26.60 -44.62
CA VAL A 439 14.62 26.00 -45.00
C VAL A 439 14.45 25.02 -46.15
N ILE A 440 13.26 24.39 -46.26
CA ILE A 440 13.02 23.50 -47.39
C ILE A 440 12.98 24.30 -48.69
N LYS A 441 12.32 25.45 -48.68
CA LYS A 441 12.23 26.26 -49.90
C LYS A 441 13.49 27.08 -50.12
N GLU A 442 13.86 27.90 -49.14
CA GLU A 442 14.95 28.84 -49.32
C GLU A 442 16.29 28.14 -49.51
N LYS A 443 16.59 27.16 -48.66
CA LYS A 443 17.87 26.47 -48.69
C LYS A 443 17.84 25.17 -49.49
N ASN A 444 16.67 24.77 -49.98
CA ASN A 444 16.51 23.55 -50.79
C ASN A 444 17.07 22.33 -50.05
N VAL A 445 16.68 22.18 -48.79
CA VAL A 445 17.09 21.04 -47.98
C VAL A 445 16.10 19.89 -48.20
N ASN A 446 16.62 18.68 -48.26
CA ASN A 446 15.81 17.51 -48.61
C ASN A 446 15.18 16.92 -47.34
N VAL A 447 14.16 17.63 -46.85
CA VAL A 447 13.39 17.22 -45.69
C VAL A 447 12.01 16.80 -46.17
N LYS A 448 11.60 15.58 -45.82
CA LYS A 448 10.34 15.01 -46.29
C LYS A 448 9.39 14.59 -45.19
N GLY A 449 9.85 14.47 -43.95
CA GLY A 449 8.98 14.00 -42.88
C GLY A 449 9.25 14.73 -41.58
N TYR A 450 8.19 14.92 -40.82
CA TYR A 450 8.24 15.56 -39.50
C TYR A 450 7.43 14.72 -38.53
N PHE A 451 8.02 14.39 -37.38
CA PHE A 451 7.37 13.57 -36.36
C PHE A 451 7.37 14.34 -35.05
N ALA A 452 6.18 14.76 -34.60
CA ALA A 452 6.07 15.45 -33.33
C ALA A 452 6.21 14.47 -32.17
N TRP A 453 6.85 14.91 -31.10
CA TRP A 453 7.08 14.09 -29.91
C TRP A 453 6.30 14.72 -28.75
N SER A 454 5.44 13.92 -28.12
CA SER A 454 5.15 12.55 -28.53
C SER A 454 3.68 12.38 -28.86
N LEU A 455 3.28 11.16 -29.19
CA LEU A 455 1.87 10.90 -29.48
C LEU A 455 0.99 11.19 -28.27
N GLY A 456 1.41 10.73 -27.09
CA GLY A 456 0.67 10.96 -25.88
C GLY A 456 1.61 11.03 -24.70
N ASP A 457 1.06 11.46 -23.56
CA ASP A 457 1.85 11.54 -22.33
C ASP A 457 2.38 10.16 -21.96
N ASN A 458 3.68 10.10 -21.66
CA ASN A 458 4.34 8.83 -21.38
C ASN A 458 5.45 9.06 -20.37
N TYR A 459 6.17 8.00 -20.05
CA TYR A 459 7.32 8.10 -19.16
C TYR A 459 8.46 8.84 -19.84
N GLU A 460 9.08 9.76 -19.11
CA GLU A 460 10.22 10.53 -19.60
C GLU A 460 11.49 10.05 -18.93
N PHE A 461 12.50 9.73 -19.73
CA PHE A 461 13.76 9.23 -19.20
C PHE A 461 14.36 10.25 -18.24
N CYS A 462 14.80 9.75 -17.07
CA CYS A 462 15.48 10.53 -16.04
C CYS A 462 14.55 11.52 -15.35
N ASN A 463 13.30 11.63 -15.83
CA ASN A 463 12.35 12.55 -15.23
C ASN A 463 11.05 11.90 -14.79
N GLY A 464 10.83 10.62 -15.10
CA GLY A 464 9.61 9.97 -14.69
C GLY A 464 8.42 10.55 -15.43
N PHE A 465 7.35 10.84 -14.68
CA PHE A 465 6.13 11.42 -15.24
C PHE A 465 5.92 12.85 -14.76
N THR A 466 7.00 13.53 -14.36
CA THR A 466 6.90 14.91 -13.89
C THR A 466 6.58 15.89 -15.03
N VAL A 467 6.88 15.52 -16.28
CA VAL A 467 6.62 16.37 -17.44
C VAL A 467 5.92 15.53 -18.50
N ARG A 468 5.23 16.23 -19.41
CA ARG A 468 4.48 15.61 -20.49
C ARG A 468 4.95 16.17 -21.82
N PHE A 469 5.21 15.28 -22.78
CA PHE A 469 5.55 15.67 -24.14
C PHE A 469 4.47 15.35 -25.15
N GLY A 470 3.41 14.65 -24.74
CA GLY A 470 2.43 14.15 -25.69
C GLY A 470 1.44 15.20 -26.15
N LEU A 471 0.93 14.99 -27.37
CA LEU A 471 -0.13 15.82 -27.93
C LEU A 471 -1.51 15.43 -27.41
N SER A 472 -1.64 14.29 -26.75
CA SER A 472 -2.91 13.81 -26.21
C SER A 472 -2.74 13.51 -24.73
N TYR A 473 -3.71 13.95 -23.93
CA TYR A 473 -3.66 13.74 -22.48
C TYR A 473 -3.99 12.30 -22.14
N VAL A 474 -3.18 11.71 -21.25
CA VAL A 474 -3.37 10.33 -20.79
C VAL A 474 -3.40 10.39 -19.27
N ASP A 475 -4.59 10.28 -18.68
CA ASP A 475 -4.74 10.24 -17.24
C ASP A 475 -4.18 8.91 -16.73
N PHE A 476 -3.01 8.95 -16.08
CA PHE A 476 -2.33 7.72 -15.70
C PHE A 476 -3.05 6.98 -14.57
N ALA A 477 -3.96 7.62 -13.85
CA ALA A 477 -4.80 6.89 -12.91
C ALA A 477 -5.87 6.07 -13.62
N ASN A 478 -6.20 6.43 -14.85
CA ASN A 478 -7.25 5.78 -15.65
C ASN A 478 -6.71 5.53 -17.05
N ILE A 479 -5.59 4.79 -17.14
CA ILE A 479 -4.93 4.56 -18.41
C ILE A 479 -5.85 3.89 -19.41
N THR A 480 -6.77 3.04 -18.94
CA THR A 480 -7.74 2.42 -19.85
C THR A 480 -8.79 3.42 -20.34
N GLY A 481 -8.91 4.58 -19.70
CA GLY A 481 -9.86 5.58 -20.15
C GLY A 481 -9.45 6.21 -21.47
N ASP A 482 -10.41 6.89 -22.09
CA ASP A 482 -10.18 7.51 -23.39
C ASP A 482 -9.10 8.57 -23.31
N ARG A 483 -8.17 8.54 -24.26
CA ARG A 483 -7.05 9.48 -24.30
C ARG A 483 -7.47 10.66 -25.19
N ASP A 484 -8.02 11.68 -24.56
CA ASP A 484 -8.49 12.85 -25.29
C ASP A 484 -7.32 13.65 -25.88
N LEU A 485 -7.58 14.28 -27.02
CA LEU A 485 -6.56 15.09 -27.68
C LEU A 485 -6.49 16.48 -27.06
N LYS A 486 -5.27 16.95 -26.82
CA LYS A 486 -5.07 18.31 -26.34
C LYS A 486 -5.32 19.30 -27.48
N ALA A 487 -5.30 20.59 -27.14
CA ALA A 487 -5.50 21.61 -28.15
C ALA A 487 -4.43 21.55 -29.22
N SER A 488 -3.21 21.15 -28.85
CA SER A 488 -2.16 20.94 -29.86
C SER A 488 -2.53 19.81 -30.81
N GLY A 489 -3.11 18.73 -30.28
CA GLY A 489 -3.54 17.64 -31.14
C GLY A 489 -4.63 18.06 -32.11
N LYS A 490 -5.61 18.83 -31.63
CA LYS A 490 -6.66 19.33 -32.52
C LYS A 490 -6.07 20.26 -33.58
N TRP A 491 -5.14 21.13 -33.19
CA TRP A 491 -4.51 22.03 -34.15
C TRP A 491 -3.73 21.26 -35.20
N PHE A 492 -3.01 20.21 -34.79
CA PHE A 492 -2.21 19.44 -35.73
C PHE A 492 -3.10 18.76 -36.78
N GLN A 493 -4.25 18.24 -36.35
CA GLN A 493 -5.18 17.64 -37.31
C GLN A 493 -5.72 18.70 -38.28
N LYS A 494 -6.12 19.86 -37.75
CA LYS A 494 -6.57 20.94 -38.61
C LYS A 494 -5.45 21.46 -39.49
N PHE A 495 -4.21 21.38 -39.01
CA PHE A 495 -3.07 21.77 -39.84
C PHE A 495 -2.95 20.86 -41.05
N ILE A 496 -3.12 19.55 -40.86
CA ILE A 496 -3.06 18.62 -41.98
C ILE A 496 -4.34 18.69 -42.80
N ASN A 497 -5.51 18.75 -42.14
CA ASN A 497 -6.80 18.69 -42.81
C ASN A 497 -7.08 20.02 -43.52
N VAL A 498 -6.48 20.17 -44.70
CA VAL A 498 -6.72 21.34 -45.52
C VAL A 498 -6.94 20.92 -46.97
N GLU B 6 0.09 -29.54 33.76
CA GLU B 6 -0.25 -30.07 32.44
C GLU B 6 -1.45 -29.34 31.85
N PHE B 7 -1.29 -28.82 30.64
CA PHE B 7 -2.32 -28.08 29.95
C PHE B 7 -2.83 -28.90 28.78
N VAL B 8 -4.15 -28.91 28.60
CA VAL B 8 -4.79 -29.65 27.51
C VAL B 8 -4.92 -28.72 26.32
N CYS B 9 -4.07 -28.92 25.31
CA CYS B 9 -4.10 -28.10 24.11
C CYS B 9 -5.39 -28.34 23.33
N GLU B 10 -6.01 -27.26 22.86
CA GLU B 10 -7.26 -27.33 22.12
C GLU B 10 -6.97 -27.42 20.63
N GLU B 11 -7.72 -28.30 19.95
CA GLU B 11 -7.56 -28.52 18.52
C GLU B 11 -8.54 -27.70 17.68
N ASN B 12 -9.67 -27.30 18.26
CA ASN B 12 -10.68 -26.51 17.58
C ASN B 12 -11.10 -25.37 18.49
N GLU B 13 -11.88 -24.44 17.94
CA GLU B 13 -12.36 -23.31 18.70
C GLU B 13 -13.31 -23.78 19.80
N PRO B 14 -13.30 -23.10 20.96
CA PRO B 14 -12.46 -21.96 21.33
C PRO B 14 -11.05 -22.37 21.77
N PHE B 15 -10.13 -21.42 21.85
CA PHE B 15 -8.75 -21.66 22.26
C PHE B 15 -8.45 -20.86 23.51
N THR B 16 -7.87 -21.52 24.52
CA THR B 16 -7.47 -20.86 25.74
C THR B 16 -5.96 -20.65 25.83
N CYS B 17 -5.23 -20.91 24.75
CA CYS B 17 -3.78 -20.74 24.76
C CYS B 17 -3.36 -19.28 24.60
N ASN B 18 -4.28 -18.37 24.32
CA ASN B 18 -3.95 -16.96 24.24
C ASN B 18 -3.86 -16.29 25.60
N GLN B 19 -4.15 -17.02 26.68
CA GLN B 19 -3.99 -16.52 28.04
C GLN B 19 -2.60 -16.88 28.54
N THR B 20 -1.80 -15.85 28.83
CA THR B 20 -0.45 -16.09 29.33
C THR B 20 -0.44 -16.67 30.74
N LYS B 21 -1.57 -16.66 31.44
CA LYS B 21 -1.63 -17.23 32.78
C LYS B 21 -1.41 -18.74 32.74
N LEU B 22 -1.97 -19.41 31.73
CA LEU B 22 -1.85 -20.85 31.60
C LEU B 22 -0.90 -21.28 30.49
N PHE B 23 -0.57 -20.41 29.54
CA PHE B 23 0.32 -20.73 28.44
C PHE B 23 1.38 -19.62 28.33
N ASN B 24 2.60 -19.92 28.75
CA ASN B 24 3.70 -18.97 28.69
C ASN B 24 4.94 -19.69 28.20
N SER B 25 6.05 -18.93 28.09
CA SER B 25 7.31 -19.50 27.64
C SER B 25 7.86 -20.54 28.60
N GLY B 26 7.41 -20.54 29.85
CA GLY B 26 7.82 -21.57 30.79
C GLY B 26 7.40 -22.97 30.39
N ASN B 27 6.40 -23.08 29.52
CA ASN B 27 6.01 -24.38 28.98
C ASN B 27 7.09 -24.97 28.09
N PHE B 28 8.04 -24.16 27.64
CA PHE B 28 9.17 -24.63 26.85
C PHE B 28 10.44 -24.61 27.69
N GLU B 29 11.42 -25.38 27.27
CA GLU B 29 12.69 -25.44 27.95
C GLU B 29 13.42 -24.11 27.87
N LYS B 30 14.19 -23.80 28.92
CA LYS B 30 14.93 -22.54 28.98
C LYS B 30 15.93 -22.46 27.84
N GLY B 31 16.03 -21.27 27.24
CA GLY B 31 16.86 -21.07 26.07
C GLY B 31 16.16 -21.27 24.75
N PHE B 32 14.86 -21.53 24.74
CA PHE B 32 14.13 -21.71 23.50
C PHE B 32 14.11 -20.40 22.71
N ILE B 33 14.34 -20.51 21.40
CA ILE B 33 14.41 -19.35 20.53
C ILE B 33 12.99 -19.03 20.06
N PHE B 34 12.41 -17.97 20.61
CA PHE B 34 11.12 -17.45 20.16
C PHE B 34 11.40 -16.22 19.30
N GLY B 35 11.33 -16.40 17.98
CA GLY B 35 11.68 -15.32 17.08
C GLY B 35 10.75 -15.11 15.92
N VAL B 36 11.19 -14.32 14.94
CA VAL B 36 10.42 -14.00 13.75
C VAL B 36 11.31 -14.22 12.52
N ALA B 37 10.70 -14.12 11.34
CA ALA B 37 11.40 -14.41 10.11
C ALA B 37 10.91 -13.48 9.00
N SER B 38 11.72 -13.36 7.96
CA SER B 38 11.36 -12.60 6.77
C SER B 38 12.19 -13.13 5.61
N SER B 39 11.90 -12.62 4.42
CA SER B 39 12.63 -12.98 3.20
C SER B 39 13.16 -11.73 2.52
N ALA B 40 14.26 -11.91 1.78
CA ALA B 40 14.94 -10.77 1.17
C ALA B 40 14.03 -10.07 0.16
N TYR B 41 13.45 -10.83 -0.76
CA TYR B 41 12.63 -10.24 -1.81
C TYR B 41 11.37 -9.58 -1.26
N GLN B 42 10.90 -10.00 -0.09
CA GLN B 42 9.66 -9.49 0.45
C GLN B 42 9.81 -8.18 1.23
N VAL B 43 11.02 -7.86 1.70
CA VAL B 43 11.25 -6.69 2.54
C VAL B 43 12.27 -5.72 1.94
N GLU B 44 13.34 -6.23 1.33
CA GLU B 44 14.45 -5.38 0.91
C GLU B 44 14.01 -4.37 -0.14
N GLY B 45 13.63 -4.84 -1.31
CA GLY B 45 13.24 -3.98 -2.41
C GLY B 45 14.30 -3.95 -3.49
N GLY B 46 13.99 -3.22 -4.55
CA GLY B 46 14.87 -3.10 -5.70
C GLY B 46 16.01 -2.11 -5.58
N ARG B 47 15.98 -1.22 -4.58
CA ARG B 47 17.01 -0.20 -4.47
C ARG B 47 18.36 -0.85 -4.16
N GLY B 48 19.40 -0.36 -4.83
CA GLY B 48 20.75 -0.80 -4.53
C GLY B 48 21.05 -2.24 -4.84
N ARG B 49 20.24 -2.87 -5.68
CA ARG B 49 20.44 -4.28 -6.02
C ARG B 49 20.09 -4.51 -7.49
N GLY B 50 20.64 -5.58 -8.05
CA GLY B 50 20.32 -5.96 -9.41
C GLY B 50 18.98 -6.66 -9.52
N LEU B 51 18.58 -6.91 -10.76
CA LEU B 51 17.30 -7.56 -11.03
C LEU B 51 17.45 -9.08 -10.95
N ASN B 52 16.51 -9.74 -10.29
CA ASN B 52 16.52 -11.18 -10.09
C ASN B 52 15.40 -11.85 -10.89
N VAL B 53 15.30 -13.17 -10.76
CA VAL B 53 14.33 -13.94 -11.54
C VAL B 53 12.90 -13.62 -11.12
N TRP B 54 12.67 -13.31 -9.84
CA TRP B 54 11.31 -12.98 -9.41
C TRP B 54 10.87 -11.63 -9.94
N ASP B 55 11.81 -10.71 -10.16
CA ASP B 55 11.46 -9.45 -10.80
C ASP B 55 10.98 -9.68 -12.23
N SER B 56 11.70 -10.51 -12.98
CA SER B 56 11.29 -10.80 -14.35
C SER B 56 9.96 -11.52 -14.40
N PHE B 57 9.77 -12.50 -13.51
CA PHE B 57 8.54 -13.28 -13.50
C PHE B 57 7.35 -12.39 -13.19
N THR B 58 7.46 -11.54 -12.17
CA THR B 58 6.35 -10.67 -11.79
C THR B 58 6.10 -9.60 -12.84
N HIS B 59 7.16 -9.03 -13.39
CA HIS B 59 6.99 -7.96 -14.37
C HIS B 59 6.35 -8.48 -15.66
N ARG B 60 6.78 -9.65 -16.13
CA ARG B 60 6.22 -10.20 -17.36
C ARG B 60 4.79 -10.69 -17.15
N PHE B 61 4.51 -11.26 -15.97
CA PHE B 61 3.19 -11.80 -15.64
C PHE B 61 2.73 -11.19 -14.32
N PRO B 62 2.22 -9.96 -14.34
CA PRO B 62 1.77 -9.33 -13.08
C PRO B 62 0.71 -10.11 -12.33
N GLU B 63 -0.19 -10.79 -13.05
CA GLU B 63 -1.20 -11.59 -12.36
C GLU B 63 -0.56 -12.77 -11.63
N LYS B 64 0.48 -13.37 -12.22
CA LYS B 64 1.12 -14.52 -11.60
C LYS B 64 1.76 -14.16 -10.27
N GLY B 65 2.18 -12.91 -10.10
CA GLY B 65 2.72 -12.45 -8.85
C GLY B 65 1.71 -12.02 -7.81
N GLY B 66 0.44 -12.00 -8.16
CA GLY B 66 -0.62 -11.61 -7.24
C GLY B 66 -1.77 -10.99 -7.99
N ALA B 67 -2.96 -11.12 -7.42
CA ALA B 67 -4.15 -10.52 -8.01
C ALA B 67 -4.07 -9.00 -7.99
N ASP B 68 -3.49 -8.44 -6.93
CA ASP B 68 -3.28 -7.00 -6.83
C ASP B 68 -2.14 -6.51 -7.73
N LEU B 69 -1.46 -7.41 -8.44
CA LEU B 69 -0.34 -7.11 -9.31
C LEU B 69 0.86 -6.55 -8.54
N GLY B 70 0.92 -6.79 -7.25
CA GLY B 70 2.04 -6.33 -6.46
C GLY B 70 3.32 -7.09 -6.77
N ASN B 71 4.43 -6.48 -6.37
CA ASN B 71 5.76 -7.05 -6.61
C ASN B 71 6.68 -6.65 -5.46
N GLY B 72 7.93 -7.09 -5.54
CA GLY B 72 8.91 -6.78 -4.52
C GLY B 72 9.76 -5.57 -4.84
N ASP B 73 9.16 -4.54 -5.43
CA ASP B 73 9.93 -3.34 -5.78
C ASP B 73 10.17 -2.45 -4.55
N THR B 74 9.09 -2.07 -3.87
CA THR B 74 9.16 -1.19 -2.72
C THR B 74 8.74 -1.86 -1.42
N THR B 75 7.69 -2.68 -1.46
CA THR B 75 7.08 -3.34 -0.31
C THR B 75 7.14 -2.46 0.94
N CYS B 76 7.74 -2.96 2.02
CA CYS B 76 7.92 -2.17 3.22
C CYS B 76 9.26 -1.44 3.27
N ASP B 77 10.12 -1.66 2.26
CA ASP B 77 11.40 -0.98 2.13
C ASP B 77 12.26 -1.17 3.38
N SER B 78 12.49 -2.44 3.74
CA SER B 78 13.34 -2.73 4.89
C SER B 78 14.81 -2.49 4.59
N TYR B 79 15.19 -2.36 3.31
CA TYR B 79 16.58 -2.01 3.00
C TYR B 79 16.92 -0.61 3.51
N THR B 80 15.95 0.30 3.49
CA THR B 80 16.13 1.64 4.01
C THR B 80 15.67 1.76 5.46
N LEU B 81 14.66 0.97 5.85
CA LEU B 81 14.07 1.04 7.18
C LEU B 81 14.42 -0.19 8.01
N TRP B 82 15.66 -0.67 7.89
CA TRP B 82 16.08 -1.87 8.61
C TRP B 82 16.07 -1.66 10.13
N GLN B 83 16.34 -0.43 10.59
CA GLN B 83 16.28 -0.17 12.02
C GLN B 83 14.88 -0.36 12.57
N LYS B 84 13.85 -0.10 11.75
CA LYS B 84 12.47 -0.27 12.19
C LYS B 84 12.17 -1.74 12.48
N ASP B 85 12.72 -2.65 11.68
CA ASP B 85 12.52 -4.08 11.92
C ASP B 85 13.10 -4.48 13.27
N ILE B 86 14.28 -3.95 13.61
CA ILE B 86 14.89 -4.25 14.90
C ILE B 86 14.06 -3.66 16.03
N ASP B 87 13.48 -2.47 15.81
CA ASP B 87 12.64 -1.85 16.83
C ASP B 87 11.42 -2.70 17.13
N VAL B 88 10.79 -3.27 16.09
CA VAL B 88 9.65 -4.16 16.30
C VAL B 88 10.10 -5.41 17.05
N MET B 89 11.24 -5.97 16.66
CA MET B 89 11.77 -7.16 17.35
C MET B 89 12.12 -6.84 18.80
N ASP B 90 12.68 -5.65 19.05
CA ASP B 90 13.01 -5.27 20.42
C ASP B 90 11.76 -5.20 21.28
N GLU B 91 10.67 -4.66 20.73
CA GLU B 91 9.40 -4.67 21.46
C GLU B 91 8.87 -6.09 21.62
N LEU B 92 9.17 -6.97 20.67
CA LEU B 92 8.73 -8.36 20.74
C LEU B 92 9.62 -9.23 21.62
N ASN B 93 10.76 -8.72 22.07
CA ASN B 93 11.74 -9.49 22.83
C ASN B 93 12.18 -10.74 22.06
N SER B 94 12.29 -10.60 20.74
CA SER B 94 12.71 -11.70 19.89
C SER B 94 14.20 -11.96 20.09
N THR B 95 14.54 -13.18 20.52
CA THR B 95 15.93 -13.54 20.73
C THR B 95 16.62 -13.95 19.43
N GLY B 96 15.87 -14.11 18.34
CA GLY B 96 16.45 -14.49 17.07
C GLY B 96 15.65 -13.90 15.93
N TYR B 97 16.25 -13.94 14.74
CA TYR B 97 15.63 -13.41 13.54
C TYR B 97 16.17 -14.14 12.33
N ARG B 98 15.27 -14.45 11.38
CA ARG B 98 15.64 -15.16 10.17
C ARG B 98 15.41 -14.24 8.98
N PHE B 99 16.46 -13.96 8.22
CA PHE B 99 16.39 -13.13 7.03
C PHE B 99 17.24 -13.76 5.93
N SER B 100 17.10 -13.23 4.72
CA SER B 100 17.78 -13.75 3.54
C SER B 100 18.73 -12.71 2.98
N ILE B 101 19.87 -13.18 2.47
CA ILE B 101 20.82 -12.33 1.78
C ILE B 101 20.50 -12.38 0.29
N ALA B 102 20.18 -11.23 -0.29
CA ALA B 102 19.80 -11.17 -1.70
C ALA B 102 21.02 -11.37 -2.58
N TRP B 103 20.98 -12.41 -3.42
CA TRP B 103 22.08 -12.67 -4.33
C TRP B 103 22.26 -11.52 -5.32
N SER B 104 21.15 -10.98 -5.84
CA SER B 104 21.23 -9.86 -6.77
C SER B 104 21.64 -8.56 -6.10
N ARG B 105 21.70 -8.51 -4.77
CA ARG B 105 22.21 -7.34 -4.08
C ARG B 105 23.72 -7.43 -3.88
N LEU B 106 24.20 -8.53 -3.30
CA LEU B 106 25.63 -8.70 -3.13
C LEU B 106 26.33 -8.83 -4.49
N LEU B 107 25.70 -9.53 -5.43
CA LEU B 107 26.23 -9.73 -6.78
C LEU B 107 25.17 -9.32 -7.78
N PRO B 108 25.05 -8.03 -8.08
CA PRO B 108 24.05 -7.58 -9.05
C PRO B 108 24.23 -8.22 -10.42
N LYS B 109 25.46 -8.48 -10.84
CA LYS B 109 25.73 -9.13 -12.11
C LYS B 109 25.72 -10.65 -12.00
N GLY B 110 25.43 -11.19 -10.83
CA GLY B 110 25.36 -12.63 -10.63
C GLY B 110 26.65 -13.32 -10.25
N LYS B 111 27.69 -13.12 -11.06
CA LYS B 111 28.99 -13.76 -10.83
C LYS B 111 29.87 -12.88 -9.96
N ARG B 112 30.66 -13.52 -9.10
CA ARG B 112 31.55 -12.79 -8.21
C ARG B 112 32.63 -12.05 -8.99
N SER B 113 33.11 -12.64 -10.08
CA SER B 113 34.14 -12.01 -10.89
C SER B 113 33.68 -10.69 -11.52
N ARG B 114 32.37 -10.50 -11.70
CA ARG B 114 31.86 -9.30 -12.34
C ARG B 114 31.76 -8.11 -11.39
N GLY B 115 32.03 -8.30 -10.10
CA GLY B 115 32.00 -7.20 -9.15
C GLY B 115 31.10 -7.48 -7.96
N VAL B 116 31.42 -6.87 -6.83
CA VAL B 116 30.67 -7.01 -5.59
C VAL B 116 30.23 -5.63 -5.13
N ASN B 117 28.97 -5.51 -4.73
CA ASN B 117 28.39 -4.23 -4.32
C ASN B 117 28.78 -3.93 -2.88
N PRO B 118 29.62 -2.91 -2.65
CA PRO B 118 29.99 -2.57 -1.27
C PRO B 118 28.81 -2.12 -0.43
N GLY B 119 27.84 -1.44 -1.03
CA GLY B 119 26.67 -1.00 -0.30
C GLY B 119 25.89 -2.15 0.29
N ALA B 120 25.87 -3.29 -0.40
CA ALA B 120 25.23 -4.49 0.14
C ALA B 120 25.89 -4.95 1.42
N ILE B 121 27.24 -4.98 1.43
CA ILE B 121 27.96 -5.44 2.61
C ILE B 121 27.68 -4.54 3.80
N LYS B 122 27.67 -3.22 3.59
CA LYS B 122 27.40 -2.28 4.67
C LYS B 122 25.99 -2.45 5.21
N TYR B 123 25.01 -2.67 4.33
CA TYR B 123 23.64 -2.85 4.78
C TYR B 123 23.49 -4.10 5.64
N TYR B 124 23.99 -5.24 5.15
CA TYR B 124 23.88 -6.48 5.88
C TYR B 124 24.69 -6.43 7.18
N ASN B 125 25.89 -5.83 7.14
CA ASN B 125 26.67 -5.68 8.35
C ASN B 125 25.95 -4.81 9.37
N GLY B 126 25.27 -3.76 8.90
CA GLY B 126 24.50 -2.93 9.81
C GLY B 126 23.39 -3.70 10.51
N LEU B 127 22.65 -4.51 9.74
CA LEU B 127 21.58 -5.30 10.34
C LEU B 127 22.11 -6.35 11.31
N ILE B 128 23.21 -7.03 10.95
CA ILE B 128 23.78 -8.02 11.84
C ILE B 128 24.31 -7.37 13.11
N ASP B 129 25.04 -6.25 12.96
CA ASP B 129 25.55 -5.55 14.12
C ASP B 129 24.41 -5.02 15.00
N GLY B 130 23.34 -4.54 14.37
CA GLY B 130 22.19 -4.11 15.14
C GLY B 130 21.57 -5.25 15.93
N LEU B 131 21.49 -6.44 15.33
CA LEU B 131 21.00 -7.61 16.05
C LEU B 131 21.95 -7.99 17.19
N VAL B 132 23.26 -7.94 16.94
CA VAL B 132 24.22 -8.29 17.98
C VAL B 132 24.12 -7.31 19.15
N ALA B 133 23.95 -6.02 18.86
CA ALA B 133 23.79 -5.03 19.92
C ALA B 133 22.54 -5.30 20.73
N LYS B 134 21.51 -5.90 20.13
CA LYS B 134 20.30 -6.29 20.82
C LYS B 134 20.36 -7.72 21.33
N ASN B 135 21.50 -8.40 21.14
CA ASN B 135 21.69 -9.79 21.55
C ASN B 135 20.67 -10.72 20.89
N MET B 136 20.51 -10.56 19.57
CA MET B 136 19.61 -11.38 18.78
C MET B 136 20.42 -12.31 17.89
N THR B 137 19.94 -13.55 17.73
CA THR B 137 20.67 -14.56 16.98
C THR B 137 20.34 -14.46 15.49
N PRO B 138 21.32 -14.14 14.64
CA PRO B 138 21.07 -13.95 13.19
C PRO B 138 20.97 -15.26 12.44
N PHE B 139 19.74 -15.64 12.07
CA PHE B 139 19.50 -16.78 11.20
C PHE B 139 19.47 -16.28 9.76
N VAL B 140 20.42 -16.74 8.95
CA VAL B 140 20.64 -16.21 7.60
C VAL B 140 20.31 -17.28 6.58
N THR B 141 19.45 -16.94 5.63
CA THR B 141 19.10 -17.80 4.51
C THR B 141 19.90 -17.37 3.28
N LEU B 142 20.70 -18.30 2.73
CA LEU B 142 21.52 -17.99 1.57
C LEU B 142 20.66 -17.74 0.33
N PHE B 143 19.69 -18.61 0.07
CA PHE B 143 18.87 -18.54 -1.13
C PHE B 143 17.40 -18.55 -0.75
N HIS B 144 16.67 -17.52 -1.15
CA HIS B 144 15.23 -17.43 -0.95
C HIS B 144 14.53 -17.19 -2.28
N TRP B 145 14.91 -17.97 -3.28
CA TRP B 145 14.32 -18.01 -4.62
C TRP B 145 14.57 -16.75 -5.44
N ASP B 146 15.44 -15.85 -4.95
CA ASP B 146 15.77 -14.63 -5.69
C ASP B 146 17.08 -14.80 -6.47
N LEU B 147 17.05 -15.71 -7.44
CA LEU B 147 18.21 -15.95 -8.28
C LEU B 147 18.43 -14.76 -9.21
N PRO B 148 19.69 -14.32 -9.40
CA PRO B 148 19.95 -13.22 -10.34
C PRO B 148 19.47 -13.55 -11.74
N GLN B 149 18.92 -12.53 -12.41
CA GLN B 149 18.25 -12.75 -13.69
C GLN B 149 19.23 -13.21 -14.78
N THR B 150 20.42 -12.61 -14.83
CA THR B 150 21.35 -12.94 -15.91
C THR B 150 21.76 -14.41 -15.87
N LEU B 151 21.82 -15.00 -14.67
CA LEU B 151 22.14 -16.42 -14.57
C LEU B 151 21.06 -17.27 -15.23
N GLN B 152 19.79 -16.92 -15.02
CA GLN B 152 18.71 -17.63 -15.70
C GLN B 152 18.75 -17.38 -17.21
N ASP B 153 19.07 -16.16 -17.63
CA ASP B 153 19.15 -15.86 -19.05
C ASP B 153 20.35 -16.50 -19.72
N GLU B 154 21.34 -16.96 -18.94
CA GLU B 154 22.54 -17.56 -19.50
C GLU B 154 22.45 -19.08 -19.56
N TYR B 155 22.21 -19.73 -18.42
CA TYR B 155 22.18 -21.18 -18.35
C TYR B 155 20.92 -21.69 -17.65
N ASN B 156 19.82 -20.95 -17.76
CA ASN B 156 18.51 -21.37 -17.28
C ASN B 156 18.51 -21.64 -15.77
N GLY B 157 19.38 -20.97 -15.03
CA GLY B 157 19.40 -21.14 -13.59
C GLY B 157 19.82 -22.54 -13.20
N PHE B 158 19.07 -23.14 -12.28
CA PHE B 158 19.40 -24.46 -11.76
C PHE B 158 19.23 -25.57 -12.78
N LEU B 159 18.63 -25.28 -13.94
CA LEU B 159 18.50 -26.31 -14.97
C LEU B 159 19.86 -26.80 -15.45
N ASN B 160 20.88 -25.94 -15.37
CA ASN B 160 22.25 -26.31 -15.71
C ASN B 160 23.07 -26.48 -14.43
N LYS B 161 24.06 -27.36 -14.50
CA LYS B 161 24.95 -27.60 -13.36
C LYS B 161 25.91 -26.45 -13.10
N THR B 162 25.97 -25.46 -14.00
CA THR B 162 26.85 -24.32 -13.79
C THR B 162 26.49 -23.53 -12.55
N ILE B 163 25.22 -23.58 -12.13
CA ILE B 163 24.75 -22.81 -10.98
C ILE B 163 25.46 -23.25 -9.70
N VAL B 164 25.93 -24.50 -9.65
CA VAL B 164 26.59 -24.99 -8.44
C VAL B 164 27.85 -24.17 -8.14
N ASP B 165 28.65 -23.91 -9.17
CA ASP B 165 29.86 -23.12 -8.97
C ASP B 165 29.54 -21.67 -8.59
N ASP B 166 28.54 -21.07 -9.26
CA ASP B 166 28.17 -19.69 -8.94
C ASP B 166 27.59 -19.59 -7.53
N PHE B 167 26.77 -20.56 -7.13
CA PHE B 167 26.25 -20.58 -5.77
C PHE B 167 27.37 -20.78 -4.76
N LYS B 168 28.39 -21.57 -5.11
CA LYS B 168 29.53 -21.77 -4.22
C LYS B 168 30.26 -20.46 -3.97
N ASP B 169 30.54 -19.71 -5.04
CA ASP B 169 31.24 -18.44 -4.89
C ASP B 169 30.43 -17.43 -4.10
N TYR B 170 29.12 -17.36 -4.36
CA TYR B 170 28.26 -16.43 -3.61
C TYR B 170 28.23 -16.81 -2.12
N ALA B 171 28.09 -18.09 -1.83
CA ALA B 171 28.13 -18.54 -0.43
C ALA B 171 29.51 -18.31 0.17
N ASP B 172 30.56 -18.54 -0.61
CA ASP B 172 31.93 -18.34 -0.10
C ASP B 172 32.16 -16.89 0.30
N LEU B 173 31.67 -15.95 -0.51
CA LEU B 173 31.81 -14.54 -0.17
C LEU B 173 31.03 -14.18 1.09
N CYS B 174 29.83 -14.74 1.25
CA CYS B 174 29.00 -14.41 2.41
C CYS B 174 29.67 -14.81 3.71
N PHE B 175 30.31 -15.98 3.74
CA PHE B 175 31.00 -16.42 4.95
C PHE B 175 32.14 -15.48 5.31
N GLU B 176 32.88 -14.97 4.31
CA GLU B 176 33.99 -14.08 4.59
C GLU B 176 33.53 -12.75 5.17
N LEU B 177 32.38 -12.25 4.75
CA LEU B 177 31.88 -10.94 5.17
C LEU B 177 31.15 -11.00 6.50
N PHE B 178 30.20 -11.93 6.64
CA PHE B 178 29.30 -11.95 7.78
C PHE B 178 29.50 -13.15 8.69
N GLY B 179 30.39 -14.08 8.33
CA GLY B 179 30.60 -15.26 9.15
C GLY B 179 31.19 -14.97 10.51
N ASP B 180 31.82 -13.81 10.68
CA ASP B 180 32.37 -13.45 11.99
C ASP B 180 31.27 -13.31 13.05
N ARG B 181 30.08 -12.90 12.65
CA ARG B 181 28.98 -12.71 13.58
C ARG B 181 27.79 -13.65 13.35
N VAL B 182 27.54 -14.05 12.11
CA VAL B 182 26.43 -14.95 11.81
C VAL B 182 26.83 -16.38 12.13
N LYS B 183 26.00 -17.07 12.91
CA LYS B 183 26.27 -18.43 13.33
C LYS B 183 25.22 -19.44 12.87
N ASN B 184 24.12 -18.99 12.26
CA ASN B 184 23.05 -19.86 11.80
C ASN B 184 22.87 -19.64 10.30
N TRP B 185 23.45 -20.51 9.49
CA TRP B 185 23.42 -20.37 8.05
C TRP B 185 22.41 -21.36 7.46
N ILE B 186 21.52 -20.85 6.61
CA ILE B 186 20.52 -21.65 5.93
C ILE B 186 20.74 -21.52 4.43
N THR B 187 20.84 -22.66 3.74
CA THR B 187 21.21 -22.62 2.32
C THR B 187 20.03 -22.20 1.45
N ILE B 188 18.97 -23.00 1.43
CA ILE B 188 17.80 -22.74 0.59
C ILE B 188 16.55 -22.95 1.43
N ASN B 189 15.53 -22.12 1.18
CA ASN B 189 14.27 -22.18 1.90
C ASN B 189 13.26 -22.97 1.05
N GLN B 190 12.72 -24.04 1.63
CA GLN B 190 11.67 -24.85 1.00
C GLN B 190 12.14 -25.39 -0.37
N LEU B 191 13.11 -26.31 -0.28
CA LEU B 191 13.70 -26.92 -1.47
C LEU B 191 12.65 -27.47 -2.41
N TYR B 192 11.55 -28.00 -1.87
CA TYR B 192 10.51 -28.64 -2.66
C TYR B 192 9.72 -27.64 -3.49
N THR B 193 9.67 -26.37 -3.08
CA THR B 193 8.79 -25.40 -3.72
C THR B 193 9.24 -25.07 -5.14
N VAL B 194 10.53 -24.82 -5.34
CA VAL B 194 11.00 -24.32 -6.64
C VAL B 194 10.78 -25.32 -7.77
N PRO B 195 11.19 -26.59 -7.67
CA PRO B 195 10.94 -27.51 -8.78
C PRO B 195 9.48 -27.77 -9.05
N THR B 196 8.62 -27.74 -8.02
CA THR B 196 7.22 -28.06 -8.23
C THR B 196 6.44 -26.85 -8.75
N ARG B 197 6.51 -25.72 -8.07
CA ARG B 197 5.74 -24.56 -8.47
C ARG B 197 6.47 -23.65 -9.45
N GLY B 198 7.75 -23.89 -9.72
CA GLY B 198 8.51 -23.06 -10.63
C GLY B 198 8.92 -23.74 -11.91
N TYR B 199 8.96 -25.08 -11.90
CA TYR B 199 9.34 -25.84 -13.08
C TYR B 199 8.33 -26.89 -13.53
N ALA B 200 7.28 -27.16 -12.74
CA ALA B 200 6.24 -28.10 -13.12
C ALA B 200 4.90 -27.41 -13.35
N LEU B 201 4.41 -26.67 -12.35
CA LEU B 201 3.17 -25.91 -12.53
C LEU B 201 3.41 -24.58 -13.22
N GLY B 202 4.63 -24.05 -13.15
CA GLY B 202 4.92 -22.76 -13.75
C GLY B 202 4.27 -21.60 -13.04
N THR B 203 3.89 -21.77 -11.78
CA THR B 203 3.25 -20.70 -11.02
C THR B 203 4.24 -19.79 -10.30
N ASP B 204 5.46 -20.26 -10.05
CA ASP B 204 6.51 -19.45 -9.44
C ASP B 204 7.63 -19.20 -10.44
N ALA B 205 8.58 -18.37 -10.02
CA ALA B 205 9.75 -18.08 -10.86
C ALA B 205 10.60 -19.34 -11.04
N PRO B 206 11.21 -19.52 -12.21
CA PRO B 206 11.24 -18.62 -13.38
C PRO B 206 10.02 -18.73 -14.29
N GLY B 207 9.06 -19.59 -13.99
CA GLY B 207 7.86 -19.70 -14.79
C GLY B 207 7.92 -20.72 -15.92
N ARG B 208 8.70 -21.79 -15.77
CA ARG B 208 8.79 -22.83 -16.78
C ARG B 208 7.74 -23.90 -16.54
N CYS B 209 6.96 -24.21 -17.57
CA CYS B 209 5.92 -25.25 -17.49
C CYS B 209 5.64 -25.78 -18.88
N SER B 210 4.91 -26.89 -18.93
CA SER B 210 4.54 -27.50 -20.19
C SER B 210 3.59 -26.59 -20.97
N PRO B 211 3.64 -26.64 -22.30
CA PRO B 211 2.76 -25.75 -23.08
C PRO B 211 1.29 -25.96 -22.78
N LYS B 212 0.87 -27.20 -22.55
CA LYS B 212 -0.53 -27.48 -22.25
C LYS B 212 -0.90 -27.05 -20.84
N ILE B 213 0.05 -27.10 -19.91
CA ILE B 213 -0.23 -26.66 -18.54
C ILE B 213 -0.57 -25.17 -18.52
N ASP B 214 0.23 -24.36 -19.22
CA ASP B 214 -0.02 -22.92 -19.31
C ASP B 214 0.73 -22.40 -20.53
N VAL B 215 0.01 -21.75 -21.44
CA VAL B 215 0.63 -21.16 -22.62
C VAL B 215 1.51 -19.96 -22.26
N ARG B 216 1.27 -19.34 -21.10
CA ARG B 216 2.04 -18.17 -20.72
C ARG B 216 3.49 -18.51 -20.43
N CYS B 217 3.77 -19.74 -20.04
CA CYS B 217 5.14 -20.14 -19.75
C CYS B 217 6.00 -20.05 -21.02
N PRO B 218 7.19 -19.46 -20.95
CA PRO B 218 8.07 -19.43 -22.14
C PRO B 218 8.47 -20.81 -22.63
N GLY B 219 8.43 -21.82 -21.77
CA GLY B 219 8.75 -23.17 -22.16
C GLY B 219 9.03 -24.03 -20.95
N GLY B 220 8.96 -25.33 -21.16
CA GLY B 220 9.16 -26.27 -20.08
C GLY B 220 8.54 -27.61 -20.39
N ASN B 221 8.90 -28.60 -19.57
CA ASN B 221 8.42 -29.96 -19.72
C ASN B 221 7.52 -30.41 -18.58
N SER B 222 7.79 -29.98 -17.35
CA SER B 222 7.07 -30.30 -16.13
C SER B 222 7.16 -31.77 -15.74
N SER B 223 7.80 -32.61 -16.55
CA SER B 223 7.99 -34.02 -16.22
C SER B 223 9.44 -34.39 -16.02
N THR B 224 10.38 -33.58 -16.51
CA THR B 224 11.81 -33.81 -16.38
C THR B 224 12.53 -32.66 -15.69
N GLU B 225 12.13 -31.42 -15.98
CA GLU B 225 12.80 -30.25 -15.40
C GLU B 225 12.77 -30.22 -13.88
N PRO B 226 11.64 -30.48 -13.20
CA PRO B 226 11.66 -30.40 -11.73
C PRO B 226 12.69 -31.32 -11.08
N TYR B 227 12.88 -32.52 -11.62
CA TYR B 227 13.85 -33.44 -11.06
C TYR B 227 15.27 -32.97 -11.33
N ILE B 228 15.51 -32.38 -12.50
CA ILE B 228 16.83 -31.85 -12.82
C ILE B 228 17.17 -30.68 -11.91
N VAL B 229 16.22 -29.76 -11.73
CA VAL B 229 16.47 -28.56 -10.93
C VAL B 229 16.74 -28.94 -9.48
N ALA B 230 15.92 -29.84 -8.93
CA ALA B 230 16.14 -30.29 -7.56
C ALA B 230 17.46 -31.04 -7.43
N HIS B 231 17.85 -31.79 -8.47
CA HIS B 231 19.12 -32.49 -8.43
C HIS B 231 20.29 -31.51 -8.37
N ASN B 232 20.26 -30.47 -9.19
CA ASN B 232 21.34 -29.49 -9.17
C ASN B 232 21.31 -28.63 -7.92
N GLN B 233 20.12 -28.40 -7.37
CA GLN B 233 20.01 -27.66 -6.11
C GLN B 233 20.72 -28.41 -4.99
N LEU B 234 20.55 -29.74 -4.94
CA LEU B 234 21.22 -30.54 -3.92
C LEU B 234 22.74 -30.46 -4.07
N LEU B 235 23.24 -30.51 -5.30
CA LEU B 235 24.67 -30.38 -5.52
C LEU B 235 25.17 -29.01 -5.07
N ALA B 236 24.42 -27.96 -5.39
CA ALA B 236 24.80 -26.62 -4.94
C ALA B 236 24.74 -26.50 -3.42
N HIS B 237 23.68 -27.05 -2.81
CA HIS B 237 23.57 -27.03 -1.36
C HIS B 237 24.69 -27.82 -0.71
N ALA B 238 25.02 -28.98 -1.28
CA ALA B 238 26.12 -29.79 -0.74
C ALA B 238 27.46 -29.05 -0.85
N ALA B 239 27.67 -28.35 -1.96
CA ALA B 239 28.92 -27.62 -2.15
C ALA B 239 29.06 -26.49 -1.13
N ALA B 240 27.97 -25.77 -0.87
CA ALA B 240 28.01 -24.68 0.09
C ALA B 240 28.33 -25.20 1.50
N VAL B 241 27.73 -26.32 1.88
CA VAL B 241 28.05 -26.92 3.19
C VAL B 241 29.50 -27.38 3.21
N ASP B 242 30.01 -27.87 2.08
CA ASP B 242 31.40 -28.30 2.00
C ASP B 242 32.35 -27.13 2.24
N VAL B 243 32.06 -25.98 1.64
CA VAL B 243 32.91 -24.81 1.81
C VAL B 243 32.89 -24.32 3.25
N TYR B 244 31.70 -24.26 3.86
CA TYR B 244 31.57 -23.68 5.19
C TYR B 244 32.31 -24.49 6.25
N ARG B 245 32.19 -25.83 6.20
CA ARG B 245 32.79 -26.66 7.25
C ARG B 245 34.31 -26.69 7.11
N THR B 246 34.83 -26.77 5.90
CA THR B 246 36.27 -26.96 5.69
C THR B 246 37.07 -25.67 5.80
N LYS B 247 36.42 -24.51 5.75
CA LYS B 247 37.13 -23.23 5.76
C LYS B 247 36.69 -22.30 6.87
N TYR B 248 35.40 -22.25 7.19
CA TYR B 248 34.87 -21.27 8.14
C TYR B 248 34.44 -21.87 9.46
N LYS B 249 33.91 -23.10 9.47
CA LYS B 249 33.53 -23.74 10.72
C LYS B 249 34.72 -23.97 11.63
N ASP B 250 35.93 -24.00 11.06
CA ASP B 250 37.13 -24.21 11.86
C ASP B 250 37.34 -23.05 12.83
N ASP B 251 37.07 -21.82 12.39
CA ASP B 251 37.31 -20.63 13.19
C ASP B 251 36.03 -19.97 13.70
N GLN B 252 35.01 -19.86 12.85
CA GLN B 252 33.77 -19.19 13.28
C GLN B 252 32.96 -20.05 14.23
N LYS B 253 33.10 -21.38 14.13
CA LYS B 253 32.41 -22.33 15.02
C LYS B 253 30.89 -22.16 14.94
N GLY B 254 30.36 -22.43 13.75
CA GLY B 254 28.93 -22.34 13.50
C GLY B 254 28.42 -23.55 12.76
N MET B 255 27.09 -23.58 12.58
CA MET B 255 26.40 -24.67 11.92
C MET B 255 25.71 -24.17 10.66
N ILE B 256 25.58 -25.06 9.67
CA ILE B 256 24.90 -24.78 8.42
C ILE B 256 23.90 -25.91 8.16
N GLY B 257 22.69 -25.54 7.75
CA GLY B 257 21.67 -26.53 7.47
C GLY B 257 20.59 -26.01 6.55
N PRO B 258 19.99 -26.91 5.78
CA PRO B 258 18.91 -26.52 4.87
C PRO B 258 17.57 -26.41 5.60
N VAL B 259 16.60 -25.87 4.88
CA VAL B 259 15.24 -25.69 5.38
C VAL B 259 14.30 -26.39 4.41
N MET B 260 13.39 -27.19 4.96
CA MET B 260 12.44 -27.94 4.16
C MET B 260 11.02 -27.51 4.50
N ILE B 261 10.15 -27.54 3.51
CA ILE B 261 8.73 -27.31 3.72
C ILE B 261 8.09 -28.62 4.19
N THR B 262 7.31 -28.54 5.26
CA THR B 262 6.70 -29.72 5.86
C THR B 262 5.18 -29.57 5.88
N ARG B 263 4.49 -30.65 5.54
CA ARG B 263 3.04 -30.77 5.63
C ARG B 263 2.70 -32.11 6.25
N TRP B 264 1.64 -32.13 7.07
CA TRP B 264 1.15 -33.38 7.62
C TRP B 264 0.06 -33.96 6.71
N PHE B 265 -0.04 -35.29 6.71
CA PHE B 265 -0.97 -35.99 5.83
C PHE B 265 -1.84 -36.94 6.63
N LEU B 266 -3.12 -37.00 6.25
CA LEU B 266 -4.11 -37.87 6.86
C LEU B 266 -4.81 -38.67 5.76
N PRO B 267 -5.26 -39.89 6.08
CA PRO B 267 -5.99 -40.68 5.08
C PRO B 267 -7.30 -40.02 4.69
N PHE B 268 -7.62 -40.10 3.40
CA PHE B 268 -8.89 -39.56 2.93
C PHE B 268 -10.08 -40.30 3.52
N ASP B 269 -9.98 -41.63 3.58
CA ASP B 269 -11.00 -42.48 4.20
C ASP B 269 -10.29 -43.60 4.95
N HIS B 270 -11.06 -44.61 5.37
CA HIS B 270 -10.53 -45.69 6.19
C HIS B 270 -10.07 -46.89 5.36
N SER B 271 -9.69 -46.70 4.11
CA SER B 271 -9.27 -47.80 3.26
C SER B 271 -7.76 -48.01 3.34
N GLN B 272 -7.33 -49.23 2.97
CA GLN B 272 -5.90 -49.52 2.92
C GLN B 272 -5.22 -48.74 1.80
N GLU B 273 -5.90 -48.56 0.67
CA GLU B 273 -5.32 -47.79 -0.42
C GLU B 273 -5.03 -46.36 0.00
N SER B 274 -5.93 -45.77 0.78
CA SER B 274 -5.68 -44.43 1.32
C SER B 274 -4.50 -44.45 2.28
N LYS B 275 -4.38 -45.51 3.08
CA LYS B 275 -3.26 -45.63 4.01
C LYS B 275 -1.92 -45.70 3.26
N ASP B 276 -1.88 -46.46 2.17
CA ASP B 276 -0.68 -46.47 1.34
C ASP B 276 -0.46 -45.11 0.70
N ALA B 277 -1.53 -44.49 0.20
CA ALA B 277 -1.41 -43.16 -0.39
C ALA B 277 -0.97 -42.14 0.64
N THR B 278 -1.46 -42.26 1.88
CA THR B 278 -1.02 -41.36 2.94
C THR B 278 0.46 -41.53 3.23
N GLU B 279 0.94 -42.77 3.26
CA GLU B 279 2.37 -43.01 3.47
C GLU B 279 3.18 -42.57 2.25
N ARG B 280 2.65 -42.79 1.05
CA ARG B 280 3.34 -42.34 -0.16
C ARG B 280 3.48 -40.82 -0.19
N ALA B 281 2.45 -40.10 0.26
CA ALA B 281 2.51 -38.64 0.27
C ALA B 281 3.65 -38.14 1.14
N LYS B 282 3.83 -38.76 2.31
CA LYS B 282 4.94 -38.38 3.18
C LYS B 282 6.28 -38.65 2.51
N ILE B 283 6.41 -39.79 1.83
CA ILE B 283 7.67 -40.16 1.20
C ILE B 283 8.01 -39.21 0.07
N PHE B 284 7.04 -38.88 -0.78
CA PHE B 284 7.33 -38.04 -1.94
C PHE B 284 7.49 -36.57 -1.57
N PHE B 285 6.71 -36.10 -0.59
CA PHE B 285 6.77 -34.68 -0.22
C PHE B 285 8.04 -34.36 0.59
N HIS B 286 8.42 -35.23 1.52
CA HIS B 286 9.56 -34.99 2.39
C HIS B 286 10.77 -35.85 2.04
N GLY B 287 10.58 -37.15 1.86
CA GLY B 287 11.71 -38.03 1.58
C GLY B 287 12.41 -37.78 0.26
N TRP B 288 11.77 -37.01 -0.64
CA TRP B 288 12.39 -36.68 -1.92
C TRP B 288 13.77 -36.06 -1.71
N PHE B 289 13.92 -35.24 -0.67
CA PHE B 289 15.20 -34.65 -0.31
C PHE B 289 15.83 -35.27 0.93
N MET B 290 15.03 -35.69 1.91
CA MET B 290 15.58 -36.28 3.12
C MET B 290 16.31 -37.59 2.82
N GLY B 291 15.82 -38.35 1.85
CA GLY B 291 16.47 -39.57 1.42
C GLY B 291 17.90 -39.33 0.96
N PRO B 292 18.07 -38.44 -0.03
CA PRO B 292 19.44 -38.04 -0.42
C PRO B 292 20.22 -37.40 0.72
N LEU B 293 19.55 -36.65 1.60
CA LEU B 293 20.24 -36.04 2.72
C LEU B 293 20.78 -37.06 3.70
N THR B 294 20.13 -38.23 3.78
CA THR B 294 20.53 -39.29 4.71
C THR B 294 21.34 -40.39 4.06
N GLU B 295 20.84 -40.98 2.97
CA GLU B 295 21.47 -42.11 2.32
C GLU B 295 22.17 -41.75 1.01
N GLY B 296 22.10 -40.50 0.57
CA GLY B 296 22.75 -40.09 -0.65
C GLY B 296 22.02 -40.51 -1.91
N LYS B 297 20.76 -40.93 -1.81
CA LYS B 297 19.98 -41.33 -2.97
C LYS B 297 18.51 -41.12 -2.67
N TYR B 298 17.72 -40.97 -3.73
CA TYR B 298 16.29 -40.78 -3.58
C TYR B 298 15.64 -42.07 -3.08
N PRO B 299 14.44 -41.97 -2.50
CA PRO B 299 13.74 -43.18 -2.04
C PRO B 299 13.53 -44.18 -3.16
N ASP B 300 13.60 -45.46 -2.81
CA ASP B 300 13.48 -46.53 -3.79
C ASP B 300 12.13 -46.49 -4.49
N ILE B 301 11.05 -46.21 -3.75
CA ILE B 301 9.73 -46.12 -4.36
C ILE B 301 9.68 -44.99 -5.38
N MET B 302 10.25 -43.82 -5.03
CA MET B 302 10.32 -42.73 -5.99
C MET B 302 11.24 -43.07 -7.16
N ARG B 303 12.36 -43.75 -6.89
CA ARG B 303 13.26 -44.16 -7.95
C ARG B 303 12.57 -45.12 -8.90
N GLU B 304 11.78 -46.06 -8.37
CA GLU B 304 11.05 -47.00 -9.20
C GLU B 304 9.94 -46.29 -9.97
N TYR B 305 9.19 -45.41 -9.32
CA TYR B 305 8.05 -44.75 -9.95
C TYR B 305 8.53 -43.82 -11.07
N VAL B 306 9.47 -42.93 -10.75
CA VAL B 306 9.93 -41.95 -11.73
C VAL B 306 10.83 -42.60 -12.78
N GLY B 307 11.71 -43.50 -12.35
CA GLY B 307 12.56 -44.20 -13.30
C GLY B 307 13.64 -43.30 -13.85
N ASP B 308 13.81 -43.33 -15.18
CA ASP B 308 14.89 -42.57 -15.82
C ASP B 308 14.69 -41.06 -15.67
N ARG B 309 13.44 -40.61 -15.52
CA ARG B 309 13.18 -39.19 -15.34
C ARG B 309 13.75 -38.64 -14.03
N LEU B 310 14.08 -39.53 -13.08
CA LEU B 310 14.75 -39.12 -11.85
C LEU B 310 16.24 -39.30 -12.00
N PRO B 311 17.04 -38.24 -11.91
CA PRO B 311 18.50 -38.39 -12.00
C PRO B 311 19.07 -39.03 -10.75
N GLU B 312 20.34 -39.42 -10.85
CA GLU B 312 21.05 -40.08 -9.76
C GLU B 312 22.36 -39.36 -9.50
N PHE B 313 22.75 -39.30 -8.22
CA PHE B 313 24.00 -38.66 -7.83
C PHE B 313 25.18 -39.57 -8.14
N SER B 314 26.30 -38.95 -8.51
CA SER B 314 27.53 -39.69 -8.73
C SER B 314 28.12 -40.13 -7.38
N GLU B 315 29.15 -40.99 -7.46
CA GLU B 315 29.80 -41.47 -6.25
C GLU B 315 30.41 -40.32 -5.46
N THR B 316 31.06 -39.38 -6.16
CA THR B 316 31.59 -38.20 -5.48
C THR B 316 30.46 -37.33 -4.93
N GLU B 317 29.40 -37.14 -5.72
CA GLU B 317 28.28 -36.31 -5.28
C GLU B 317 27.53 -36.95 -4.12
N ALA B 318 27.36 -38.28 -4.15
CA ALA B 318 26.58 -38.96 -3.12
C ALA B 318 27.20 -38.78 -1.73
N ALA B 319 28.53 -38.88 -1.63
CA ALA B 319 29.17 -38.67 -0.34
C ALA B 319 28.96 -37.25 0.16
N LEU B 320 29.08 -36.27 -0.74
CA LEU B 320 28.88 -34.87 -0.36
C LEU B 320 27.43 -34.61 0.03
N VAL B 321 26.48 -35.13 -0.74
CA VAL B 321 25.06 -34.88 -0.45
C VAL B 321 24.66 -35.55 0.85
N LYS B 322 25.15 -36.77 1.09
CA LYS B 322 24.79 -37.50 2.30
C LYS B 322 25.33 -36.77 3.53
N GLY B 323 24.47 -36.58 4.53
CA GLY B 323 24.86 -35.90 5.74
C GLY B 323 25.30 -34.46 5.55
N SER B 324 24.74 -33.78 4.55
CA SER B 324 25.08 -32.39 4.27
C SER B 324 24.19 -31.42 5.07
N TYR B 325 24.12 -31.61 6.38
CA TYR B 325 23.31 -30.75 7.23
C TYR B 325 23.78 -30.89 8.67
N ASP B 326 23.73 -29.77 9.40
CA ASP B 326 23.97 -29.76 10.84
C ASP B 326 22.70 -29.56 11.66
N PHE B 327 21.74 -28.81 11.13
CA PHE B 327 20.44 -28.62 11.75
C PHE B 327 19.38 -28.61 10.65
N LEU B 328 18.12 -28.67 11.06
CA LEU B 328 17.00 -28.69 10.12
C LEU B 328 16.00 -27.62 10.50
N GLY B 329 15.80 -26.64 9.62
CA GLY B 329 14.81 -25.61 9.79
C GLY B 329 13.46 -26.03 9.25
N LEU B 330 12.69 -26.80 10.03
CA LEU B 330 11.41 -27.33 9.55
C LEU B 330 10.35 -26.23 9.58
N ASN B 331 9.56 -26.16 8.50
CA ASN B 331 8.45 -25.22 8.38
C ASN B 331 7.16 -26.00 8.20
N TYR B 332 6.21 -25.81 9.11
CA TYR B 332 4.90 -26.46 9.04
C TYR B 332 3.81 -25.40 9.05
N TYR B 333 2.87 -25.51 8.13
CA TYR B 333 1.74 -24.58 8.09
C TYR B 333 0.40 -25.27 8.26
N VAL B 334 0.07 -26.27 7.44
CA VAL B 334 -1.25 -26.88 7.42
C VAL B 334 -1.11 -28.38 7.23
N THR B 335 -2.26 -29.07 7.36
CA THR B 335 -2.35 -30.51 7.16
C THR B 335 -3.35 -30.78 6.06
N GLN B 336 -3.02 -31.75 5.20
CA GLN B 336 -3.85 -32.11 4.06
C GLN B 336 -4.17 -33.59 4.07
N TYR B 337 -5.35 -33.93 3.54
CA TYR B 337 -5.75 -35.33 3.42
C TYR B 337 -5.18 -35.93 2.14
N ALA B 338 -4.83 -37.21 2.20
CA ALA B 338 -4.21 -37.90 1.08
C ALA B 338 -5.11 -39.03 0.59
N GLN B 339 -5.23 -39.16 -0.73
CA GLN B 339 -6.04 -40.20 -1.33
C GLN B 339 -5.29 -40.81 -2.52
N ASN B 340 -5.72 -42.00 -2.91
CA ASN B 340 -5.12 -42.71 -4.03
C ASN B 340 -5.70 -42.22 -5.34
N ASN B 341 -4.84 -42.08 -6.36
CA ASN B 341 -5.28 -41.67 -7.69
C ASN B 341 -4.36 -42.35 -8.70
N GLN B 342 -4.80 -43.49 -9.23
CA GLN B 342 -4.05 -44.25 -10.22
C GLN B 342 -4.53 -43.97 -11.64
N THR B 343 -4.86 -42.71 -11.93
CA THR B 343 -5.36 -42.32 -13.25
C THR B 343 -4.19 -42.02 -14.19
N ILE B 344 -4.14 -42.71 -15.32
CA ILE B 344 -3.11 -42.44 -16.32
C ILE B 344 -3.41 -41.10 -16.98
N VAL B 345 -2.37 -40.26 -17.11
CA VAL B 345 -2.57 -38.91 -17.62
C VAL B 345 -1.86 -38.74 -18.95
N PRO B 346 -2.42 -37.96 -19.88
CA PRO B 346 -1.72 -37.67 -21.13
C PRO B 346 -0.42 -36.92 -20.89
N SER B 347 0.56 -37.19 -21.76
CA SER B 347 1.90 -36.64 -21.58
C SER B 347 1.91 -35.11 -21.65
N ASP B 348 1.05 -34.52 -22.48
CA ASP B 348 1.09 -33.07 -22.68
C ASP B 348 0.74 -32.30 -21.41
N VAL B 349 -0.12 -32.87 -20.56
CA VAL B 349 -0.54 -32.19 -19.33
C VAL B 349 0.00 -32.86 -18.08
N HIS B 350 0.84 -33.90 -18.23
CA HIS B 350 1.36 -34.59 -17.06
C HIS B 350 2.42 -33.74 -16.36
N THR B 351 2.36 -33.73 -15.03
CA THR B 351 3.33 -33.03 -14.19
C THR B 351 4.03 -34.02 -13.27
N ALA B 352 5.22 -33.63 -12.81
CA ALA B 352 6.00 -34.51 -11.95
C ALA B 352 5.29 -34.81 -10.64
N LEU B 353 4.38 -33.91 -10.21
CA LEU B 353 3.64 -34.15 -8.97
C LEU B 353 2.73 -35.36 -9.06
N MET B 354 2.34 -35.77 -10.27
CA MET B 354 1.46 -36.92 -10.45
C MET B 354 2.19 -38.25 -10.30
N ASP B 355 3.52 -38.24 -10.23
CA ASP B 355 4.29 -39.48 -10.15
C ASP B 355 4.04 -40.27 -8.88
N SER B 356 3.60 -39.62 -7.80
CA SER B 356 3.28 -40.33 -6.57
C SER B 356 2.01 -41.16 -6.68
N ARG B 357 1.23 -40.98 -7.75
CA ARG B 357 -0.03 -41.68 -7.96
C ARG B 357 -1.03 -41.39 -6.83
N THR B 358 -0.96 -40.19 -6.27
CA THR B 358 -1.81 -39.79 -5.15
C THR B 358 -2.45 -38.44 -5.46
N THR B 359 -3.47 -38.10 -4.68
CA THR B 359 -4.16 -36.82 -4.77
C THR B 359 -4.30 -36.23 -3.37
N LEU B 360 -3.84 -34.99 -3.20
CA LEU B 360 -3.89 -34.30 -1.92
C LEU B 360 -5.12 -33.39 -1.88
N THR B 361 -5.90 -33.50 -0.81
CA THR B 361 -7.13 -32.75 -0.65
C THR B 361 -7.11 -31.98 0.65
N SER B 362 -7.99 -30.96 0.72
CA SER B 362 -8.13 -30.15 1.93
C SER B 362 -9.09 -30.76 2.94
N LYS B 363 -10.13 -31.46 2.48
CA LYS B 363 -11.15 -32.03 3.35
C LYS B 363 -11.13 -33.56 3.28
N ASN B 364 -11.83 -34.18 4.23
CA ASN B 364 -11.88 -35.63 4.34
C ASN B 364 -12.88 -36.18 3.33
N ALA B 365 -13.18 -37.48 3.42
CA ALA B 365 -14.14 -38.08 2.50
C ALA B 365 -15.55 -37.54 2.72
N THR B 366 -15.90 -37.26 3.97
CA THR B 366 -17.22 -36.75 4.34
C THR B 366 -17.30 -35.22 4.31
N GLY B 367 -16.26 -34.53 3.91
CA GLY B 367 -16.29 -33.08 3.87
C GLY B 367 -15.98 -32.38 5.17
N HIS B 368 -15.41 -33.09 6.15
CA HIS B 368 -15.06 -32.47 7.43
C HIS B 368 -13.66 -31.90 7.36
N ALA B 369 -13.48 -30.71 7.93
CA ALA B 369 -12.17 -30.10 7.97
C ALA B 369 -11.36 -30.63 9.15
N PRO B 370 -10.04 -30.70 9.02
CA PRO B 370 -9.21 -31.15 10.15
C PRO B 370 -9.04 -30.11 11.24
N GLY B 371 -9.38 -28.85 10.97
CA GLY B 371 -9.25 -27.80 11.95
C GLY B 371 -9.91 -26.51 11.51
N PRO B 372 -9.64 -25.42 12.23
CA PRO B 372 -10.22 -24.12 11.89
C PRO B 372 -9.69 -23.60 10.56
N PRO B 373 -10.43 -22.74 9.88
CA PRO B 373 -9.98 -22.25 8.57
C PRO B 373 -8.64 -21.53 8.67
N PHE B 374 -7.78 -21.79 7.69
CA PHE B 374 -6.47 -21.14 7.60
C PHE B 374 -6.48 -20.04 6.54
N ASN B 375 -6.83 -20.38 5.31
CA ASN B 375 -6.95 -19.42 4.23
C ASN B 375 -8.22 -19.76 3.46
N ALA B 376 -8.36 -19.19 2.26
CA ALA B 376 -9.56 -19.39 1.48
C ALA B 376 -9.77 -20.85 1.06
N ALA B 377 -8.70 -21.65 1.00
CA ALA B 377 -8.82 -23.01 0.47
C ALA B 377 -8.04 -24.03 1.29
N SER B 378 -7.93 -23.82 2.60
CA SER B 378 -7.31 -24.81 3.47
C SER B 378 -7.67 -24.50 4.91
N TYR B 379 -7.38 -25.47 5.78
CA TYR B 379 -7.62 -25.36 7.22
C TYR B 379 -6.38 -25.84 7.95
N TYR B 380 -6.08 -25.21 9.09
CA TYR B 380 -4.90 -25.57 9.86
C TYR B 380 -5.25 -26.57 10.95
N TYR B 381 -4.37 -27.54 11.15
CA TYR B 381 -4.55 -28.61 12.12
C TYR B 381 -3.47 -28.47 13.18
N PRO B 382 -3.77 -27.92 14.35
CA PRO B 382 -2.70 -27.64 15.33
C PRO B 382 -1.88 -28.85 15.70
N LYS B 383 -2.51 -30.02 15.81
CA LYS B 383 -1.79 -31.24 16.14
C LYS B 383 -0.86 -31.69 15.02
N GLY B 384 -0.99 -31.11 13.83
CA GLY B 384 -0.14 -31.51 12.72
C GLY B 384 1.33 -31.25 12.98
N ILE B 385 1.63 -30.14 13.66
CA ILE B 385 3.03 -29.84 13.98
C ILE B 385 3.58 -30.88 14.94
N TYR B 386 2.74 -31.40 15.84
CA TYR B 386 3.15 -32.49 16.72
C TYR B 386 3.57 -33.70 15.91
N TYR B 387 2.78 -34.06 14.90
CA TYR B 387 3.12 -35.20 14.05
C TYR B 387 4.38 -34.93 13.24
N VAL B 388 4.52 -33.72 12.70
CA VAL B 388 5.67 -33.42 11.83
C VAL B 388 6.97 -33.54 12.60
N MET B 389 7.03 -32.95 13.80
CA MET B 389 8.23 -33.08 14.61
C MET B 389 8.46 -34.52 15.02
N ASP B 390 7.40 -35.23 15.39
CA ASP B 390 7.52 -36.64 15.72
C ASP B 390 7.94 -37.46 14.51
N TYR B 391 7.35 -37.19 13.35
CA TYR B 391 7.70 -37.93 12.14
C TYR B 391 9.16 -37.73 11.78
N PHE B 392 9.65 -36.49 11.84
CA PHE B 392 11.05 -36.24 11.52
C PHE B 392 11.97 -36.91 12.54
N LYS B 393 11.58 -36.89 13.82
CA LYS B 393 12.41 -37.52 14.86
C LYS B 393 12.46 -39.04 14.70
N THR B 394 11.32 -39.67 14.44
CA THR B 394 11.29 -41.13 14.33
C THR B 394 11.82 -41.62 12.98
N THR B 395 11.50 -40.92 11.89
CA THR B 395 11.91 -41.40 10.58
C THR B 395 13.40 -41.17 10.34
N TYR B 396 13.95 -40.11 10.92
CA TYR B 396 15.34 -39.73 10.70
C TYR B 396 16.01 -39.54 12.04
N GLY B 397 17.30 -39.89 12.11
CA GLY B 397 18.10 -39.70 13.31
C GLY B 397 17.89 -38.34 13.94
N ASP B 398 17.22 -38.31 15.10
CA ASP B 398 16.68 -37.12 15.75
C ASP B 398 17.66 -35.96 15.71
N PRO B 399 17.48 -35.03 14.78
CA PRO B 399 18.42 -33.92 14.61
C PRO B 399 17.98 -32.68 15.38
N LEU B 400 18.89 -31.71 15.41
CA LEU B 400 18.56 -30.39 15.93
C LEU B 400 17.57 -29.71 14.97
N ILE B 401 16.40 -29.37 15.48
CA ILE B 401 15.29 -28.88 14.65
C ILE B 401 14.87 -27.51 15.15
N TYR B 402 14.73 -26.57 14.23
CA TYR B 402 14.20 -25.25 14.49
C TYR B 402 12.95 -25.02 13.65
N VAL B 403 11.93 -24.41 14.25
CA VAL B 403 10.71 -24.07 13.53
C VAL B 403 10.97 -22.71 12.90
N THR B 404 11.57 -22.73 11.71
CA THR B 404 12.00 -21.50 11.08
C THR B 404 10.85 -20.71 10.47
N GLU B 405 9.75 -21.35 10.12
CA GLU B 405 8.62 -20.65 9.52
C GLU B 405 7.32 -21.28 10.00
N ASN B 406 6.41 -20.45 10.52
CA ASN B 406 5.09 -20.87 10.92
C ASN B 406 4.21 -19.64 11.13
N GLY B 407 3.07 -19.58 10.44
CA GLY B 407 2.23 -18.40 10.56
C GLY B 407 0.84 -18.64 10.01
N PHE B 408 0.00 -17.62 10.19
CA PHE B 408 -1.40 -17.65 9.79
C PHE B 408 -1.69 -16.46 8.89
N SER B 409 -2.37 -16.71 7.77
CA SER B 409 -2.67 -15.66 6.81
C SER B 409 -3.95 -14.94 7.18
N THR B 410 -3.94 -13.61 7.02
CA THR B 410 -5.11 -12.78 7.26
C THR B 410 -5.38 -11.94 6.02
N PRO B 411 -6.65 -11.74 5.66
CA PRO B 411 -6.96 -10.95 4.47
C PRO B 411 -6.44 -9.52 4.59
N GLY B 412 -5.92 -9.00 3.47
CA GLY B 412 -5.37 -7.65 3.46
C GLY B 412 -6.41 -6.55 3.47
N ASP B 413 -7.62 -6.82 2.99
CA ASP B 413 -8.66 -5.81 2.94
C ASP B 413 -9.16 -5.40 4.32
N GLU B 414 -8.82 -6.16 5.36
CA GLU B 414 -9.20 -5.78 6.72
C GLU B 414 -8.61 -4.43 7.09
N ASP B 415 -9.40 -3.61 7.78
CA ASP B 415 -8.94 -2.29 8.17
C ASP B 415 -7.90 -2.39 9.28
N PHE B 416 -7.42 -1.24 9.74
CA PHE B 416 -6.36 -1.20 10.76
C PHE B 416 -6.81 -1.86 12.06
N GLU B 417 -8.04 -1.57 12.50
CA GLU B 417 -8.53 -2.13 13.75
C GLU B 417 -8.67 -3.64 13.67
N LYS B 418 -9.24 -4.15 12.58
CA LYS B 418 -9.42 -5.59 12.42
C LYS B 418 -8.08 -6.29 12.25
N ALA B 419 -7.17 -5.71 11.46
CA ALA B 419 -5.88 -6.34 11.22
C ALA B 419 -5.06 -6.41 12.50
N THR B 420 -5.08 -5.36 13.31
CA THR B 420 -4.38 -5.39 14.59
C THR B 420 -5.00 -6.39 15.54
N ALA B 421 -6.33 -6.52 15.51
CA ALA B 421 -7.04 -7.48 16.37
C ALA B 421 -7.10 -8.85 15.71
N ASP B 422 -5.91 -9.41 15.47
CA ASP B 422 -5.79 -10.71 14.79
C ASP B 422 -5.82 -11.84 15.81
N TYR B 423 -6.95 -11.94 16.52
CA TYR B 423 -7.10 -13.00 17.52
C TYR B 423 -7.06 -14.37 16.87
N LYS B 424 -7.49 -14.48 15.61
CA LYS B 424 -7.35 -15.75 14.90
C LYS B 424 -5.89 -16.12 14.71
N ARG B 425 -5.04 -15.13 14.42
CA ARG B 425 -3.60 -15.37 14.35
C ARG B 425 -3.05 -15.82 15.70
N ILE B 426 -3.54 -15.20 16.78
CA ILE B 426 -3.12 -15.62 18.13
C ILE B 426 -3.53 -17.07 18.37
N ASP B 427 -4.75 -17.43 17.97
CA ASP B 427 -5.23 -18.80 18.14
C ASP B 427 -4.35 -19.79 17.38
N TYR B 428 -3.96 -19.44 16.15
CA TYR B 428 -3.11 -20.32 15.37
C TYR B 428 -1.75 -20.53 16.04
N LEU B 429 -1.15 -19.44 16.52
CA LEU B 429 0.21 -19.52 17.04
C LEU B 429 0.26 -20.27 18.36
N CYS B 430 -0.64 -19.95 19.28
CA CYS B 430 -0.62 -20.60 20.59
C CYS B 430 -0.90 -22.09 20.48
N SER B 431 -1.89 -22.47 19.66
CA SER B 431 -2.26 -23.88 19.53
C SER B 431 -1.11 -24.68 18.93
N HIS B 432 -0.49 -24.17 17.87
CA HIS B 432 0.64 -24.87 17.27
C HIS B 432 1.82 -24.93 18.23
N LEU B 433 2.08 -23.85 18.96
CA LEU B 433 3.12 -23.87 19.98
C LEU B 433 2.75 -24.84 21.11
N CYS B 434 1.47 -24.93 21.43
CA CYS B 434 1.04 -25.82 22.51
C CYS B 434 1.35 -27.27 22.18
N PHE B 435 1.01 -27.72 20.97
CA PHE B 435 1.35 -29.08 20.57
C PHE B 435 2.85 -29.23 20.33
N LEU B 436 3.53 -28.15 19.97
CA LEU B 436 4.98 -28.19 19.84
C LEU B 436 5.64 -28.51 21.18
N SER B 437 5.13 -27.90 22.26
CA SER B 437 5.66 -28.19 23.59
C SER B 437 5.39 -29.64 23.98
N LYS B 438 4.21 -30.16 23.62
CA LYS B 438 3.88 -31.54 23.98
C LYS B 438 4.82 -32.53 23.29
N VAL B 439 5.08 -32.33 22.00
CA VAL B 439 5.94 -33.26 21.28
C VAL B 439 7.38 -33.17 21.76
N ILE B 440 7.82 -31.99 22.20
CA ILE B 440 9.15 -31.84 22.77
C ILE B 440 9.25 -32.59 24.09
N LYS B 441 8.20 -32.52 24.92
CA LYS B 441 8.22 -33.18 26.21
C LYS B 441 7.91 -34.66 26.10
N GLU B 442 6.74 -35.00 25.55
CA GLU B 442 6.29 -36.39 25.53
C GLU B 442 7.18 -37.27 24.66
N LYS B 443 7.50 -36.80 23.46
CA LYS B 443 8.28 -37.58 22.50
C LYS B 443 9.76 -37.26 22.51
N ASN B 444 10.20 -36.30 23.34
CA ASN B 444 11.61 -35.93 23.44
C ASN B 444 12.20 -35.56 22.07
N VAL B 445 11.47 -34.71 21.36
CA VAL B 445 11.88 -34.24 20.03
C VAL B 445 12.83 -33.05 20.20
N ASN B 446 13.87 -33.02 19.39
CA ASN B 446 14.93 -32.01 19.53
C ASN B 446 14.56 -30.75 18.76
N VAL B 447 13.61 -30.01 19.32
CA VAL B 447 13.17 -28.72 18.79
C VAL B 447 13.58 -27.65 19.79
N LYS B 448 14.33 -26.65 19.32
CA LYS B 448 14.86 -25.61 20.19
C LYS B 448 14.46 -24.19 19.82
N GLY B 449 13.97 -23.96 18.61
CA GLY B 449 13.64 -22.61 18.18
C GLY B 449 12.37 -22.58 17.36
N TYR B 450 11.63 -21.48 17.52
CA TYR B 450 10.39 -21.24 16.79
C TYR B 450 10.42 -19.82 16.26
N PHE B 451 10.17 -19.66 14.97
CA PHE B 451 10.19 -18.37 14.29
C PHE B 451 8.84 -18.15 13.64
N ALA B 452 8.08 -17.18 14.15
CA ALA B 452 6.80 -16.84 13.56
C ALA B 452 7.01 -16.09 12.25
N TRP B 453 6.16 -16.38 11.27
CA TRP B 453 6.22 -15.75 9.95
C TRP B 453 4.97 -14.91 9.77
N SER B 454 5.17 -13.62 9.51
CA SER B 454 6.48 -12.99 9.46
C SER B 454 6.60 -11.88 10.51
N LEU B 455 7.74 -11.17 10.50
CA LEU B 455 7.92 -10.07 11.45
C LEU B 455 6.88 -8.99 11.24
N GLY B 456 6.61 -8.62 10.00
CA GLY B 456 5.60 -7.64 9.68
C GLY B 456 4.98 -7.95 8.34
N ASP B 457 3.89 -7.26 8.05
CA ASP B 457 3.21 -7.45 6.77
C ASP B 457 4.15 -7.07 5.62
N ASN B 458 4.23 -7.96 4.64
CA ASN B 458 5.14 -7.80 3.51
C ASN B 458 4.53 -8.43 2.28
N TYR B 459 5.29 -8.41 1.18
CA TYR B 459 4.83 -9.05 -0.05
C TYR B 459 4.82 -10.57 0.12
N GLU B 460 3.76 -11.20 -0.37
CA GLU B 460 3.62 -12.65 -0.35
C GLU B 460 3.78 -13.19 -1.75
N PHE B 461 4.68 -14.17 -1.91
CA PHE B 461 4.95 -14.74 -3.23
C PHE B 461 3.68 -15.31 -3.84
N CYS B 462 3.45 -14.99 -5.11
CA CYS B 462 2.34 -15.46 -5.94
C CYS B 462 1.00 -14.89 -5.51
N ASN B 463 0.95 -14.14 -4.41
CA ASN B 463 -0.28 -13.54 -3.92
C ASN B 463 -0.21 -12.04 -3.75
N GLY B 464 0.95 -11.42 -3.97
CA GLY B 464 1.05 -9.98 -3.82
C GLY B 464 0.89 -9.56 -2.38
N PHE B 465 0.07 -8.54 -2.15
CA PHE B 465 -0.21 -8.04 -0.82
C PHE B 465 -1.66 -8.31 -0.40
N THR B 466 -2.30 -9.32 -1.01
CA THR B 466 -3.68 -9.63 -0.68
C THR B 466 -3.83 -10.23 0.72
N VAL B 467 -2.77 -10.81 1.26
CA VAL B 467 -2.79 -11.42 2.59
C VAL B 467 -1.59 -10.93 3.38
N ARG B 468 -1.72 -11.01 4.71
CA ARG B 468 -0.67 -10.58 5.62
C ARG B 468 -0.32 -11.72 6.56
N PHE B 469 0.98 -11.96 6.74
CA PHE B 469 1.46 -12.94 7.72
C PHE B 469 2.16 -12.29 8.90
N GLY B 470 2.37 -10.99 8.89
CA GLY B 470 3.19 -10.36 9.90
C GLY B 470 2.48 -10.15 11.22
N LEU B 471 3.28 -10.13 12.29
CA LEU B 471 2.79 -9.84 13.63
C LEU B 471 2.63 -8.34 13.89
N SER B 472 3.18 -7.50 13.01
CA SER B 472 3.08 -6.05 13.15
C SER B 472 2.51 -5.47 11.87
N TYR B 473 1.53 -4.57 12.02
CA TYR B 473 0.85 -3.96 10.88
C TYR B 473 1.76 -2.93 10.23
N VAL B 474 1.84 -2.97 8.91
CA VAL B 474 2.63 -2.03 8.13
C VAL B 474 1.68 -1.40 7.11
N ASP B 475 1.25 -0.17 7.38
CA ASP B 475 0.40 0.55 6.43
C ASP B 475 1.23 0.92 5.20
N PHE B 476 0.96 0.22 4.09
CA PHE B 476 1.80 0.40 2.91
C PHE B 476 1.62 1.78 2.27
N ALA B 477 0.56 2.50 2.62
CA ALA B 477 0.47 3.90 2.20
C ALA B 477 1.41 4.80 2.97
N ASN B 478 1.82 4.39 4.18
CA ASN B 478 2.68 5.17 5.06
C ASN B 478 3.79 4.26 5.60
N ILE B 479 4.56 3.66 4.69
CA ILE B 479 5.59 2.70 5.10
C ILE B 479 6.61 3.34 6.03
N THR B 480 6.88 4.63 5.87
CA THR B 480 7.79 5.32 6.78
C THR B 480 7.18 5.55 8.15
N GLY B 481 5.87 5.43 8.30
CA GLY B 481 5.25 5.59 9.59
C GLY B 481 5.59 4.45 10.53
N ASP B 482 5.33 4.68 11.82
CA ASP B 482 5.65 3.67 12.83
C ASP B 482 4.84 2.40 12.60
N ARG B 483 5.52 1.26 12.66
CA ARG B 483 4.90 -0.04 12.40
C ARG B 483 4.43 -0.62 13.74
N ASP B 484 3.18 -0.35 14.07
CA ASP B 484 2.60 -0.80 15.32
C ASP B 484 2.44 -2.32 15.33
N LEU B 485 2.56 -2.89 16.53
CA LEU B 485 2.39 -4.33 16.70
C LEU B 485 0.92 -4.67 16.85
N LYS B 486 0.51 -5.74 16.16
CA LYS B 486 -0.84 -6.24 16.28
C LYS B 486 -1.03 -6.93 17.63
N ALA B 487 -2.28 -7.31 17.91
CA ALA B 487 -2.56 -8.01 19.17
C ALA B 487 -1.81 -9.32 19.27
N SER B 488 -1.53 -9.97 18.13
CA SER B 488 -0.70 -11.18 18.15
C SER B 488 0.72 -10.85 18.58
N GLY B 489 1.25 -9.71 18.12
CA GLY B 489 2.57 -9.30 18.55
C GLY B 489 2.66 -9.03 20.05
N LYS B 490 1.65 -8.34 20.59
CA LYS B 490 1.62 -8.08 22.03
C LYS B 490 1.55 -9.38 22.82
N TRP B 491 0.74 -10.34 22.37
CA TRP B 491 0.65 -11.61 23.06
C TRP B 491 1.97 -12.36 23.02
N PHE B 492 2.65 -12.35 21.87
CA PHE B 492 3.92 -13.06 21.75
C PHE B 492 4.97 -12.51 22.70
N GLN B 493 5.03 -11.18 22.85
CA GLN B 493 5.96 -10.58 23.79
C GLN B 493 5.63 -10.98 25.23
N LYS B 494 4.35 -10.91 25.59
CA LYS B 494 3.95 -11.33 26.93
C LYS B 494 4.18 -12.82 27.13
N PHE B 495 4.06 -13.61 26.06
CA PHE B 495 4.39 -15.03 26.15
C PHE B 495 5.87 -15.22 26.48
N ILE B 496 6.73 -14.44 25.85
CA ILE B 496 8.16 -14.52 26.11
C ILE B 496 8.49 -13.94 27.49
N ASN B 497 7.82 -12.84 27.85
CA ASN B 497 8.15 -12.13 29.07
C ASN B 497 7.79 -12.96 30.31
N VAL B 498 8.70 -12.97 31.28
CA VAL B 498 8.50 -13.73 32.50
C VAL B 498 8.26 -12.78 33.68
N GLU C 6 23.10 28.60 16.77
CA GLU C 6 21.93 27.81 17.17
C GLU C 6 22.30 26.35 17.37
N PHE C 7 21.97 25.81 18.54
CA PHE C 7 22.27 24.43 18.88
C PHE C 7 20.98 23.61 18.92
N VAL C 8 21.05 22.41 18.36
CA VAL C 8 19.90 21.51 18.30
C VAL C 8 19.90 20.62 19.54
N CYS C 9 18.95 20.86 20.44
CA CYS C 9 18.84 20.07 21.65
C CYS C 9 18.52 18.62 21.29
N GLU C 10 19.21 17.68 21.95
CA GLU C 10 19.04 16.27 21.65
C GLU C 10 17.91 15.70 22.50
N GLU C 11 17.04 14.92 21.86
CA GLU C 11 15.89 14.33 22.53
C GLU C 11 16.10 12.87 22.90
N ASN C 12 16.95 12.15 22.16
CA ASN C 12 17.25 10.75 22.44
C ASN C 12 18.75 10.53 22.36
N GLU C 13 19.17 9.34 22.80
CA GLU C 13 20.59 8.99 22.74
C GLU C 13 21.03 8.83 21.29
N PRO C 14 22.26 9.22 20.94
CA PRO C 14 23.30 9.84 21.78
C PRO C 14 23.04 11.33 21.97
N PHE C 15 23.75 11.97 22.90
CA PHE C 15 23.58 13.39 23.16
C PHE C 15 24.90 14.10 22.86
N THR C 16 24.81 15.21 22.13
CA THR C 16 25.98 16.01 21.78
C THR C 16 26.08 17.28 22.62
N CYS C 17 25.25 17.41 23.64
CA CYS C 17 25.31 18.57 24.54
C CYS C 17 26.43 18.46 25.55
N ASN C 18 27.15 17.34 25.58
CA ASN C 18 28.29 17.16 26.48
C ASN C 18 29.54 17.88 26.01
N GLN C 19 29.48 18.52 24.84
CA GLN C 19 30.58 19.36 24.36
C GLN C 19 30.33 20.80 24.79
N THR C 20 31.24 21.34 25.60
CA THR C 20 31.09 22.71 26.07
C THR C 20 31.27 23.74 24.96
N LYS C 21 31.75 23.31 23.78
CA LYS C 21 31.91 24.24 22.66
C LYS C 21 30.56 24.79 22.20
N LEU C 22 29.52 23.96 22.25
CA LEU C 22 28.20 24.37 21.76
C LEU C 22 27.21 24.67 22.88
N PHE C 23 27.46 24.23 24.11
CA PHE C 23 26.55 24.47 25.22
C PHE C 23 27.33 25.00 26.42
N ASN C 24 27.11 26.29 26.75
CA ASN C 24 27.78 26.92 27.87
C ASN C 24 26.75 27.74 28.66
N SER C 25 27.21 28.36 29.75
CA SER C 25 26.33 29.18 30.58
C SER C 25 25.85 30.43 29.86
N GLY C 26 26.52 30.84 28.78
CA GLY C 26 26.07 31.98 28.00
C GLY C 26 24.74 31.78 27.33
N ASN C 27 24.28 30.53 27.18
CA ASN C 27 22.96 30.27 26.61
C ASN C 27 21.83 30.78 27.49
N PHE C 28 22.10 31.09 28.75
CA PHE C 28 21.13 31.65 29.67
C PHE C 28 21.43 33.12 29.93
N GLU C 29 20.43 33.83 30.41
CA GLU C 29 20.59 35.25 30.70
C GLU C 29 21.60 35.48 31.80
N LYS C 30 22.30 36.61 31.71
CA LYS C 30 23.34 36.95 32.68
C LYS C 30 22.76 37.07 34.08
N GLY C 31 23.50 36.55 35.07
CA GLY C 31 23.02 36.48 36.43
C GLY C 31 22.29 35.22 36.79
N PHE C 32 22.21 34.25 35.87
CA PHE C 32 21.55 32.99 36.16
C PHE C 32 22.32 32.23 37.23
N ILE C 33 21.61 31.71 38.21
CA ILE C 33 22.21 30.98 39.33
C ILE C 33 22.33 29.51 38.93
N PHE C 34 23.55 29.08 38.63
CA PHE C 34 23.84 27.67 38.31
C PHE C 34 24.47 27.04 39.54
N GLY C 35 23.67 26.29 40.30
CA GLY C 35 24.14 25.68 41.52
C GLY C 35 23.71 24.24 41.71
N VAL C 36 23.87 23.72 42.92
CA VAL C 36 23.47 22.36 43.26
C VAL C 36 22.63 22.43 44.54
N ALA C 37 22.05 21.29 44.91
CA ALA C 37 21.13 21.26 46.03
C ALA C 37 21.26 19.95 46.79
N SER C 38 20.80 19.97 48.04
CA SER C 38 20.72 18.79 48.88
C SER C 38 19.68 19.05 49.96
N SER C 39 19.37 18.00 50.72
CA SER C 39 18.40 18.09 51.81
C SER C 39 19.03 17.64 53.12
N ALA C 40 18.48 18.14 54.22
CA ALA C 40 19.10 17.93 55.52
C ALA C 40 19.16 16.45 55.90
N TYR C 41 18.01 15.76 55.85
CA TYR C 41 18.00 14.37 56.31
C TYR C 41 18.82 13.44 55.42
N GLN C 42 19.03 13.82 54.16
CA GLN C 42 19.74 12.93 53.24
C GLN C 42 21.26 13.04 53.37
N VAL C 43 21.77 14.15 53.92
CA VAL C 43 23.20 14.36 54.05
C VAL C 43 23.63 14.52 55.51
N GLU C 44 22.86 15.26 56.30
CA GLU C 44 23.23 15.50 57.69
C GLU C 44 23.12 14.21 58.50
N GLY C 45 23.85 14.17 59.61
CA GLY C 45 23.83 13.02 60.48
C GLY C 45 22.82 13.17 61.60
N GLY C 46 22.71 12.11 62.41
CA GLY C 46 21.78 12.14 63.53
C GLY C 46 22.31 12.88 64.74
N ARG C 47 23.61 13.12 64.78
CA ARG C 47 24.22 13.81 65.92
C ARG C 47 23.75 15.25 66.00
N GLY C 48 23.50 15.73 67.22
CA GLY C 48 23.16 17.11 67.43
C GLY C 48 21.80 17.54 66.92
N ARG C 49 20.89 16.59 66.72
CA ARG C 49 19.54 16.90 66.26
C ARG C 49 18.57 15.96 66.95
N GLY C 50 17.31 16.40 67.03
CA GLY C 50 16.26 15.57 67.58
C GLY C 50 15.78 14.51 66.60
N LEU C 51 14.90 13.65 67.09
CA LEU C 51 14.37 12.57 66.27
C LEU C 51 13.17 13.08 65.46
N ASN C 52 13.17 12.78 64.17
CA ASN C 52 12.12 13.22 63.26
C ASN C 52 11.29 12.01 62.80
N VAL C 53 10.29 12.30 61.96
CA VAL C 53 9.39 11.24 61.50
C VAL C 53 10.14 10.26 60.60
N TRP C 54 11.11 10.74 59.82
CA TRP C 54 11.86 9.84 58.94
C TRP C 54 12.77 8.91 59.73
N ASP C 55 13.24 9.34 60.90
CA ASP C 55 13.97 8.42 61.77
C ASP C 55 13.08 7.29 62.23
N SER C 56 11.86 7.61 62.68
CA SER C 56 10.93 6.58 63.11
C SER C 56 10.52 5.68 61.94
N PHE C 57 10.23 6.28 60.78
CA PHE C 57 9.77 5.51 59.63
C PHE C 57 10.83 4.50 59.17
N THR C 58 12.08 4.95 59.06
CA THR C 58 13.15 4.05 58.62
C THR C 58 13.48 3.02 59.69
N HIS C 59 13.55 3.45 60.96
CA HIS C 59 13.90 2.51 62.02
C HIS C 59 12.81 1.46 62.23
N ARG C 60 11.54 1.87 62.21
CA ARG C 60 10.45 0.92 62.44
C ARG C 60 10.29 -0.01 61.24
N PHE C 61 10.50 0.50 60.02
CA PHE C 61 10.35 -0.28 58.79
C PHE C 61 11.64 -0.12 57.98
N PRO C 62 12.68 -0.87 58.33
CA PRO C 62 13.95 -0.76 57.58
C PRO C 62 13.81 -1.06 56.11
N GLU C 63 12.93 -2.00 55.74
CA GLU C 63 12.71 -2.31 54.33
C GLU C 63 12.11 -1.13 53.59
N LYS C 64 11.18 -0.41 54.23
CA LYS C 64 10.52 0.71 53.57
C LYS C 64 11.51 1.82 53.21
N GLY C 65 12.58 1.97 53.99
CA GLY C 65 13.61 2.93 53.69
C GLY C 65 14.66 2.48 52.71
N GLY C 66 14.61 1.24 52.28
CA GLY C 66 15.55 0.68 51.32
C GLY C 66 15.75 -0.79 51.56
N ALA C 67 16.12 -1.51 50.50
CA ALA C 67 16.42 -2.92 50.62
C ALA C 67 17.64 -3.16 51.49
N ASP C 68 18.63 -2.26 51.40
CA ASP C 68 19.82 -2.32 52.24
C ASP C 68 19.55 -1.91 53.69
N LEU C 69 18.33 -1.47 54.00
CA LEU C 69 17.94 -1.03 55.34
C LEU C 69 18.70 0.20 55.79
N GLY C 70 19.27 0.96 54.85
CA GLY C 70 19.97 2.17 55.21
C GLY C 70 19.04 3.27 55.65
N ASN C 71 19.60 4.27 56.32
CA ASN C 71 18.83 5.39 56.82
C ASN C 71 19.70 6.64 56.81
N GLY C 72 19.12 7.75 57.25
CA GLY C 72 19.83 9.02 57.30
C GLY C 72 20.45 9.28 58.66
N ASP C 73 20.99 8.23 59.27
CA ASP C 73 21.60 8.37 60.59
C ASP C 73 23.00 8.99 60.51
N THR C 74 23.86 8.42 59.66
CA THR C 74 25.23 8.91 59.51
C THR C 74 25.50 9.49 58.13
N THR C 75 24.97 8.87 57.07
CA THR C 75 25.21 9.26 55.68
C THR C 75 26.64 9.73 55.43
N CYS C 76 26.79 10.96 54.94
CA CYS C 76 28.09 11.57 54.72
C CYS C 76 28.54 12.42 55.90
N ASP C 77 27.74 12.52 56.96
CA ASP C 77 28.08 13.25 58.17
C ASP C 77 28.40 14.72 57.84
N SER C 78 27.43 15.37 57.21
CA SER C 78 27.60 16.79 56.88
C SER C 78 27.56 17.69 58.11
N TYR C 79 27.07 17.19 59.25
CA TYR C 79 27.12 17.97 60.47
C TYR C 79 28.56 18.22 60.90
N THR C 80 29.44 17.24 60.68
CA THR C 80 30.86 17.38 60.99
C THR C 80 31.70 17.79 59.79
N LEU C 81 31.33 17.38 58.59
CA LEU C 81 32.11 17.63 57.38
C LEU C 81 31.40 18.61 56.43
N TRP C 82 30.77 19.64 56.99
CA TRP C 82 30.05 20.60 56.16
C TRP C 82 31.01 21.40 55.27
N GLN C 83 32.23 21.64 55.74
CA GLN C 83 33.21 22.35 54.93
C GLN C 83 33.59 21.54 53.69
N LYS C 84 33.56 20.22 53.78
CA LYS C 84 33.89 19.38 52.63
C LYS C 84 32.87 19.57 51.51
N ASP C 85 31.59 19.69 51.86
CA ASP C 85 30.56 19.92 50.85
C ASP C 85 30.77 21.26 50.14
N ILE C 86 31.13 22.29 50.90
CA ILE C 86 31.41 23.60 50.30
C ILE C 86 32.64 23.52 49.41
N ASP C 87 33.64 22.74 49.81
CA ASP C 87 34.84 22.58 49.00
C ASP C 87 34.52 21.95 47.65
N VAL C 88 33.62 20.97 47.63
CA VAL C 88 33.21 20.36 46.37
C VAL C 88 32.50 21.40 45.50
N MET C 89 31.63 22.20 46.11
CA MET C 89 30.97 23.28 45.37
C MET C 89 31.98 24.30 44.86
N ASP C 90 32.98 24.62 45.69
CA ASP C 90 34.02 25.56 45.27
C ASP C 90 34.79 25.02 44.07
N GLU C 91 35.10 23.72 44.07
CA GLU C 91 35.72 23.12 42.90
C GLU C 91 34.78 23.12 41.70
N LEU C 92 33.47 23.02 41.94
CA LEU C 92 32.50 23.09 40.86
C LEU C 92 32.15 24.52 40.48
N ASN C 93 32.57 25.50 41.29
CA ASN C 93 32.24 26.92 41.07
C ASN C 93 30.74 27.13 40.96
N SER C 94 29.98 26.41 41.79
CA SER C 94 28.53 26.55 41.82
C SER C 94 28.16 27.88 42.46
N THR C 95 27.38 28.69 41.75
CA THR C 95 27.01 30.01 42.23
C THR C 95 25.90 30.00 43.27
N GLY C 96 25.24 28.86 43.49
CA GLY C 96 24.20 28.78 44.48
C GLY C 96 24.12 27.40 45.09
N TYR C 97 23.38 27.32 46.20
CA TYR C 97 23.20 26.05 46.89
C TYR C 97 21.89 26.10 47.65
N ARG C 98 21.15 24.99 47.60
CA ARG C 98 19.86 24.87 48.27
C ARG C 98 19.93 23.76 49.30
N PHE C 99 19.63 24.09 50.56
CA PHE C 99 19.65 23.13 51.64
C PHE C 99 18.44 23.35 52.53
N SER C 100 18.22 22.41 53.44
CA SER C 100 17.07 22.42 54.34
C SER C 100 17.54 22.60 55.77
N ILE C 101 16.76 23.33 56.56
CA ILE C 101 17.01 23.49 57.98
C ILE C 101 16.23 22.41 58.71
N ALA C 102 16.94 21.55 59.46
CA ALA C 102 16.30 20.46 60.16
C ALA C 102 15.51 21.01 61.35
N TRP C 103 14.20 20.76 61.34
CA TRP C 103 13.37 21.21 62.46
C TRP C 103 13.79 20.56 63.76
N SER C 104 14.10 19.26 63.71
CA SER C 104 14.54 18.54 64.90
C SER C 104 15.94 18.95 65.36
N ARG C 105 16.67 19.73 64.56
CA ARG C 105 17.96 20.23 65.00
C ARG C 105 17.83 21.54 65.76
N LEU C 106 17.17 22.53 65.16
CA LEU C 106 16.94 23.80 65.83
C LEU C 106 16.00 23.64 67.03
N LEU C 107 14.99 22.79 66.90
CA LEU C 107 14.01 22.53 67.96
C LEU C 107 13.90 21.03 68.18
N PRO C 108 14.80 20.44 68.96
CA PRO C 108 14.73 18.99 69.21
C PRO C 108 13.42 18.56 69.85
N LYS C 109 12.81 19.40 70.68
CA LYS C 109 11.53 19.10 71.31
C LYS C 109 10.34 19.50 70.44
N GLY C 110 10.59 20.04 69.26
CA GLY C 110 9.52 20.43 68.33
C GLY C 110 8.98 21.84 68.49
N LYS C 111 8.54 22.19 69.69
CA LYS C 111 7.97 23.50 69.95
C LYS C 111 9.06 24.45 70.43
N ARG C 112 8.97 25.72 70.02
CA ARG C 112 9.96 26.71 70.42
C ARG C 112 9.93 26.95 71.93
N SER C 113 8.73 26.93 72.52
CA SER C 113 8.61 27.15 73.96
C SER C 113 9.29 26.06 74.77
N ARG C 114 9.47 24.87 74.19
CA ARG C 114 10.10 23.75 74.89
C ARG C 114 11.61 23.82 74.90
N GLY C 115 12.21 24.79 74.20
CA GLY C 115 13.65 24.97 74.20
C GLY C 115 14.22 25.03 72.80
N VAL C 116 15.36 25.73 72.67
CA VAL C 116 16.06 25.89 71.40
C VAL C 116 17.48 25.40 71.58
N ASN C 117 17.97 24.61 70.62
CA ASN C 117 19.31 24.05 70.69
C ASN C 117 20.32 25.09 70.18
N PRO C 118 21.18 25.60 71.06
CA PRO C 118 22.19 26.58 70.60
C PRO C 118 23.17 26.01 69.60
N GLY C 119 23.52 24.73 69.73
CA GLY C 119 24.46 24.12 68.79
C GLY C 119 23.96 24.12 67.36
N ALA C 120 22.65 24.00 67.17
CA ALA C 120 22.08 24.11 65.83
C ALA C 120 22.32 25.48 65.22
N ILE C 121 22.14 26.53 66.02
CA ILE C 121 22.33 27.90 65.51
C ILE C 121 23.78 28.10 65.08
N LYS C 122 24.73 27.64 65.89
CA LYS C 122 26.14 27.78 65.53
C LYS C 122 26.46 26.99 64.26
N TYR C 123 25.91 25.79 64.13
CA TYR C 123 26.14 24.98 62.94
C TYR C 123 25.56 25.65 61.70
N TYR C 124 24.30 26.10 61.79
CA TYR C 124 23.66 26.75 60.65
C TYR C 124 24.36 28.05 60.28
N ASN C 125 24.74 28.85 61.28
CA ASN C 125 25.45 30.09 61.01
C ASN C 125 26.79 29.82 60.34
N GLY C 126 27.48 28.75 60.74
CA GLY C 126 28.76 28.42 60.11
C GLY C 126 28.62 28.16 58.62
N LEU C 127 27.61 27.39 58.22
CA LEU C 127 27.39 27.13 56.81
C LEU C 127 27.00 28.41 56.07
N ILE C 128 26.14 29.23 56.67
CA ILE C 128 25.71 30.48 56.04
C ILE C 128 26.87 31.44 55.89
N ASP C 129 27.70 31.58 56.94
CA ASP C 129 28.84 32.47 56.86
C ASP C 129 29.83 32.01 55.80
N GLY C 130 30.06 30.69 55.71
CA GLY C 130 30.90 30.17 54.65
C GLY C 130 30.33 30.43 53.27
N LEU C 131 29.01 30.27 53.11
CA LEU C 131 28.36 30.56 51.83
C LEU C 131 28.45 32.03 51.49
N VAL C 132 28.23 32.91 52.49
CA VAL C 132 28.29 34.34 52.25
C VAL C 132 29.69 34.77 51.81
N ALA C 133 30.71 34.23 52.47
CA ALA C 133 32.09 34.55 52.08
C ALA C 133 32.40 34.07 50.67
N LYS C 134 31.75 33.01 50.21
CA LYS C 134 31.95 32.50 48.86
C LYS C 134 30.98 33.09 47.85
N ASN C 135 30.15 34.05 48.25
CA ASN C 135 29.16 34.67 47.35
C ASN C 135 28.19 33.62 46.83
N MET C 136 27.62 32.84 47.73
CA MET C 136 26.67 31.79 47.41
C MET C 136 25.25 32.22 47.75
N THR C 137 24.29 31.80 46.92
CA THR C 137 22.91 32.22 47.08
C THR C 137 22.23 31.35 48.14
N PRO C 138 21.77 31.93 49.26
CA PRO C 138 21.19 31.11 50.33
C PRO C 138 19.77 30.68 50.06
N PHE C 139 19.60 29.50 49.45
CA PHE C 139 18.28 28.89 49.30
C PHE C 139 18.04 27.96 50.47
N VAL C 140 17.07 28.29 51.31
CA VAL C 140 16.81 27.57 52.55
C VAL C 140 15.43 26.94 52.45
N THR C 141 15.35 25.63 52.68
CA THR C 141 14.08 24.92 52.74
C THR C 141 13.70 24.74 54.20
N LEU C 142 12.54 25.29 54.58
CA LEU C 142 12.10 25.20 55.96
C LEU C 142 11.75 23.77 56.33
N PHE C 143 10.99 23.08 55.49
CA PHE C 143 10.50 21.74 55.77
C PHE C 143 10.83 20.83 54.60
N HIS C 144 11.58 19.77 54.86
CA HIS C 144 11.92 18.75 53.88
C HIS C 144 11.54 17.37 54.42
N TRP C 145 10.32 17.27 54.94
CA TRP C 145 9.71 16.04 55.43
C TRP C 145 10.35 15.54 56.72
N ASP C 146 11.23 16.31 57.34
CA ASP C 146 11.85 15.92 58.61
C ASP C 146 11.10 16.57 59.77
N LEU C 147 9.82 16.22 59.88
CA LEU C 147 9.00 16.75 60.96
C LEU C 147 9.42 16.11 62.29
N PRO C 148 9.49 16.90 63.37
CA PRO C 148 9.82 16.32 64.68
C PRO C 148 8.82 15.24 65.07
N GLN C 149 9.34 14.17 65.69
CA GLN C 149 8.51 13.01 65.97
C GLN C 149 7.40 13.32 66.96
N THR C 150 7.69 14.10 68.00
CA THR C 150 6.70 14.37 69.03
C THR C 150 5.48 15.07 68.47
N LEU C 151 5.65 15.88 67.42
CA LEU C 151 4.51 16.52 66.78
C LEU C 151 3.57 15.48 66.15
N GLN C 152 4.15 14.48 65.48
CA GLN C 152 3.34 13.40 64.93
C GLN C 152 2.71 12.56 66.04
N ASP C 153 3.46 12.30 67.10
CA ASP C 153 2.93 11.52 68.21
C ASP C 153 1.87 12.28 69.00
N GLU C 154 1.78 13.59 68.83
CA GLU C 154 0.81 14.41 69.57
C GLU C 154 -0.45 14.66 68.76
N TYR C 155 -0.31 15.24 67.56
CA TYR C 155 -1.47 15.60 66.74
C TYR C 155 -1.33 15.09 65.32
N ASN C 156 -0.64 13.96 65.14
CA ASN C 156 -0.54 13.28 63.83
C ASN C 156 0.07 14.16 62.75
N GLY C 157 0.91 15.10 63.14
CA GLY C 157 1.57 15.94 62.15
C GLY C 157 0.59 16.84 61.43
N PHE C 158 0.70 16.87 60.10
CA PHE C 158 -0.12 17.76 59.29
C PHE C 158 -1.59 17.36 59.27
N LEU C 159 -1.95 16.19 59.78
CA LEU C 159 -3.36 15.80 59.82
C LEU C 159 -4.17 16.76 60.68
N ASN C 160 -3.55 17.38 61.67
CA ASN C 160 -4.20 18.37 62.53
C ASN C 160 -3.72 19.77 62.17
N LYS C 161 -4.60 20.75 62.39
CA LYS C 161 -4.27 22.14 62.11
C LYS C 161 -3.25 22.72 63.07
N THR C 162 -2.91 22.00 64.14
CA THR C 162 -1.91 22.48 65.10
C THR C 162 -0.56 22.69 64.43
N ILE C 163 -0.29 21.96 63.35
CA ILE C 163 1.00 22.06 62.68
C ILE C 163 1.23 23.46 62.14
N VAL C 164 0.15 24.18 61.82
CA VAL C 164 0.28 25.52 61.25
C VAL C 164 0.96 26.45 62.26
N ASP C 165 0.52 26.41 63.52
CA ASP C 165 1.13 27.25 64.54
C ASP C 165 2.56 26.82 64.83
N ASP C 166 2.80 25.51 64.92
CA ASP C 166 4.15 25.03 65.17
C ASP C 166 5.09 25.38 64.04
N PHE C 167 4.63 25.23 62.80
CA PHE C 167 5.43 25.64 61.64
C PHE C 167 5.64 27.15 61.62
N LYS C 168 4.63 27.91 62.06
CA LYS C 168 4.76 29.37 62.09
C LYS C 168 5.87 29.81 63.03
N ASP C 169 5.89 29.26 64.25
CA ASP C 169 6.92 29.62 65.21
C ASP C 169 8.30 29.14 64.76
N TYR C 170 8.38 27.93 64.22
CA TYR C 170 9.66 27.43 63.73
C TYR C 170 10.17 28.28 62.57
N ALA C 171 9.28 28.63 61.63
CA ALA C 171 9.67 29.52 60.55
C ALA C 171 10.02 30.91 61.07
N ASP C 172 9.27 31.39 62.07
CA ASP C 172 9.53 32.70 62.64
C ASP C 172 10.93 32.77 63.26
N LEU C 173 11.33 31.70 63.95
CA LEU C 173 12.68 31.67 64.52
C LEU C 173 13.73 31.66 63.42
N CYS C 174 13.48 30.94 62.32
CA CYS C 174 14.46 30.86 61.24
C CYS C 174 14.71 32.23 60.62
N PHE C 175 13.66 33.01 60.38
CA PHE C 175 13.85 34.36 59.86
C PHE C 175 14.58 35.23 60.87
N GLU C 176 14.26 35.08 62.16
CA GLU C 176 14.89 35.90 63.18
C GLU C 176 16.38 35.58 63.32
N LEU C 177 16.76 34.31 63.13
CA LEU C 177 18.14 33.90 63.31
C LEU C 177 18.98 34.09 62.05
N PHE C 178 18.48 33.62 60.90
CA PHE C 178 19.26 33.59 59.68
C PHE C 178 18.72 34.51 58.59
N GLY C 179 17.60 35.19 58.82
CA GLY C 179 17.03 36.06 57.80
C GLY C 179 17.88 37.26 57.46
N ASP C 180 18.81 37.63 58.34
CA ASP C 180 19.70 38.76 58.05
C ASP C 180 20.56 38.50 56.83
N ARG C 181 20.90 37.23 56.57
CA ARG C 181 21.71 36.86 55.42
C ARG C 181 20.98 36.00 54.40
N VAL C 182 20.02 35.19 54.83
CA VAL C 182 19.26 34.34 53.92
C VAL C 182 18.16 35.16 53.27
N LYS C 183 18.09 35.11 51.94
CA LYS C 183 17.10 35.85 51.18
C LYS C 183 16.18 35.00 50.33
N ASN C 184 16.42 33.69 50.24
CA ASN C 184 15.59 32.78 49.45
C ASN C 184 15.06 31.70 50.37
N TRP C 185 13.80 31.86 50.80
CA TRP C 185 13.17 30.95 51.74
C TRP C 185 12.22 30.02 51.01
N ILE C 186 12.34 28.72 51.27
CA ILE C 186 11.49 27.70 50.68
C ILE C 186 10.75 26.99 51.80
N THR C 187 9.42 26.90 51.68
CA THR C 187 8.63 26.33 52.77
C THR C 187 8.71 24.81 52.78
N ILE C 188 8.18 24.17 51.74
CA ILE C 188 8.13 22.70 51.65
C ILE C 188 8.52 22.29 50.23
N ASN C 189 9.23 21.17 50.13
CA ASN C 189 9.66 20.61 48.86
C ASN C 189 8.69 19.52 48.45
N GLN C 190 8.12 19.63 47.24
CA GLN C 190 7.22 18.63 46.67
C GLN C 190 6.02 18.41 47.59
N LEU C 191 5.18 19.46 47.65
CA LEU C 191 4.01 19.45 48.52
C LEU C 191 3.14 18.23 48.30
N TYR C 192 3.03 17.75 47.06
CA TYR C 192 2.17 16.61 46.76
C TYR C 192 2.70 15.31 47.32
N THR C 193 4.02 15.21 47.54
CA THR C 193 4.62 13.93 47.90
C THR C 193 4.16 13.46 49.28
N VAL C 194 4.13 14.38 50.26
CA VAL C 194 3.83 13.97 51.64
C VAL C 194 2.44 13.38 51.78
N PRO C 195 1.35 14.03 51.33
CA PRO C 195 0.03 13.40 51.48
C PRO C 195 -0.15 12.15 50.65
N THR C 196 0.48 12.05 49.47
CA THR C 196 0.26 10.90 48.60
C THR C 196 1.12 9.72 49.02
N ARG C 197 2.43 9.91 49.15
CA ARG C 197 3.32 8.81 49.48
C ARG C 197 3.47 8.62 50.98
N GLY C 198 2.95 9.52 51.80
CA GLY C 198 3.07 9.41 53.24
C GLY C 198 1.74 9.17 53.92
N TYR C 199 0.64 9.53 53.25
CA TYR C 199 -0.69 9.35 53.82
C TYR C 199 -1.66 8.57 52.94
N ALA C 200 -1.30 8.27 51.69
CA ALA C 200 -2.15 7.46 50.81
C ALA C 200 -1.49 6.12 50.47
N LEU C 201 -0.28 6.17 49.89
CA LEU C 201 0.43 4.94 49.56
C LEU C 201 1.19 4.37 50.75
N GLY C 202 1.53 5.19 51.74
CA GLY C 202 2.27 4.72 52.89
C GLY C 202 3.71 4.36 52.60
N THR C 203 4.29 4.86 51.51
CA THR C 203 5.67 4.55 51.16
C THR C 203 6.66 5.51 51.80
N ASP C 204 6.24 6.72 52.16
CA ASP C 204 7.09 7.68 52.84
C ASP C 204 6.59 7.90 54.26
N ALA C 205 7.37 8.66 55.02
CA ALA C 205 6.99 9.00 56.39
C ALA C 205 5.71 9.85 56.39
N PRO C 206 4.85 9.68 57.39
CA PRO C 206 4.99 8.80 58.56
C PRO C 206 4.57 7.36 58.28
N GLY C 207 4.13 7.06 57.06
CA GLY C 207 3.75 5.71 56.72
C GLY C 207 2.29 5.36 56.97
N ARG C 208 1.40 6.33 56.92
CA ARG C 208 -0.02 6.10 57.16
C ARG C 208 -0.71 5.70 55.87
N CYS C 209 -1.44 4.58 55.90
CA CYS C 209 -2.17 4.11 54.74
C CYS C 209 -3.32 3.23 55.22
N SER C 210 -4.24 2.95 54.30
CA SER C 210 -5.37 2.09 54.64
C SER C 210 -4.89 0.67 54.94
N PRO C 211 -5.58 -0.04 55.84
CA PRO C 211 -5.15 -1.41 56.19
C PRO C 211 -5.08 -2.34 55.00
N LYS C 212 -6.01 -2.22 54.04
CA LYS C 212 -5.98 -3.10 52.88
C LYS C 212 -4.84 -2.75 51.93
N ILE C 213 -4.46 -1.47 51.87
CA ILE C 213 -3.35 -1.07 51.02
C ILE C 213 -2.06 -1.72 51.50
N ASP C 214 -1.81 -1.68 52.81
CA ASP C 214 -0.63 -2.30 53.40
C ASP C 214 -0.89 -2.50 54.88
N VAL C 215 -0.78 -3.74 55.36
CA VAL C 215 -0.97 -4.02 56.77
C VAL C 215 0.12 -3.41 57.63
N ARG C 216 1.29 -3.11 57.04
CA ARG C 216 2.39 -2.55 57.81
C ARG C 216 2.08 -1.14 58.31
N CYS C 217 1.22 -0.40 57.61
CA CYS C 217 0.88 0.95 58.03
C CYS C 217 0.18 0.91 59.38
N PRO C 218 0.59 1.76 60.33
CA PRO C 218 -0.11 1.78 61.63
C PRO C 218 -1.58 2.16 61.53
N GLY C 219 -1.95 2.92 60.51
CA GLY C 219 -3.35 3.28 60.30
C GLY C 219 -3.46 4.50 59.43
N GLY C 220 -4.65 4.66 58.85
CA GLY C 220 -4.92 5.81 58.02
C GLY C 220 -6.05 5.55 57.03
N ASN C 221 -6.55 6.63 56.45
CA ASN C 221 -7.61 6.60 55.44
C ASN C 221 -7.01 7.14 54.15
N SER C 222 -6.60 6.23 53.25
CA SER C 222 -5.93 6.60 52.01
C SER C 222 -6.85 7.36 51.05
N SER C 223 -8.11 7.58 51.46
CA SER C 223 -9.06 8.29 50.62
C SER C 223 -9.44 9.66 51.15
N THR C 224 -9.20 9.95 52.42
CA THR C 224 -9.53 11.23 53.03
C THR C 224 -8.33 11.94 53.62
N GLU C 225 -7.41 11.19 54.23
CA GLU C 225 -6.24 11.80 54.88
C GLU C 225 -5.38 12.64 53.95
N PRO C 226 -5.03 12.21 52.73
CA PRO C 226 -4.15 13.05 51.89
C PRO C 226 -4.69 14.45 51.65
N TYR C 227 -6.00 14.60 51.44
CA TYR C 227 -6.55 15.93 51.19
C TYR C 227 -6.51 16.80 52.44
N ILE C 228 -6.71 16.19 53.61
CA ILE C 228 -6.61 16.94 54.85
C ILE C 228 -5.18 17.39 55.09
N VAL C 229 -4.21 16.50 54.87
CA VAL C 229 -2.81 16.84 55.12
C VAL C 229 -2.34 17.94 54.19
N ALA C 230 -2.69 17.83 52.90
CA ALA C 230 -2.32 18.86 51.95
C ALA C 230 -3.00 20.19 52.25
N HIS C 231 -4.24 20.14 52.76
CA HIS C 231 -4.95 21.37 53.12
C HIS C 231 -4.23 22.11 54.23
N ASN C 232 -3.77 21.39 55.26
CA ASN C 232 -3.07 22.03 56.37
C ASN C 232 -1.68 22.53 55.96
N GLN C 233 -1.06 21.88 54.98
CA GLN C 233 0.23 22.38 54.48
C GLN C 233 0.07 23.76 53.89
N LEU C 234 -1.01 23.99 53.13
CA LEU C 234 -1.24 25.32 52.56
C LEU C 234 -1.45 26.36 53.65
N LEU C 235 -2.21 26.01 54.69
CA LEU C 235 -2.40 26.94 55.81
C LEU C 235 -1.08 27.23 56.51
N ALA C 236 -0.27 26.20 56.74
CA ALA C 236 1.03 26.41 57.37
C ALA C 236 1.95 27.21 56.46
N HIS C 237 1.96 26.90 55.16
CA HIS C 237 2.78 27.64 54.22
C HIS C 237 2.34 29.10 54.13
N ALA C 238 1.03 29.34 54.12
CA ALA C 238 0.53 30.71 54.08
C ALA C 238 0.94 31.49 55.32
N ALA C 239 0.89 30.84 56.50
CA ALA C 239 1.27 31.53 57.73
C ALA C 239 2.75 31.91 57.73
N ALA C 240 3.61 31.01 57.26
CA ALA C 240 5.04 31.31 57.21
C ALA C 240 5.34 32.45 56.25
N VAL C 241 4.69 32.46 55.08
CA VAL C 241 4.86 33.57 54.15
C VAL C 241 4.29 34.85 54.76
N ASP C 242 3.18 34.75 55.48
CA ASP C 242 2.60 35.92 56.13
C ASP C 242 3.55 36.49 57.18
N VAL C 243 4.17 35.62 57.97
CA VAL C 243 5.11 36.09 58.98
C VAL C 243 6.33 36.74 58.34
N TYR C 244 6.87 36.11 57.30
CA TYR C 244 8.08 36.63 56.67
C TYR C 244 7.82 37.97 56.00
N ARG C 245 6.69 38.09 55.29
CA ARG C 245 6.42 39.31 54.53
C ARG C 245 6.09 40.48 55.45
N THR C 246 5.32 40.23 56.51
CA THR C 246 4.86 41.32 57.36
C THR C 246 5.88 41.72 58.42
N LYS C 247 6.89 40.91 58.68
CA LYS C 247 7.81 41.23 59.75
C LYS C 247 9.28 41.27 59.31
N TYR C 248 9.71 40.38 58.44
CA TYR C 248 11.11 40.25 58.08
C TYR C 248 11.44 40.69 56.66
N LYS C 249 10.54 40.46 55.71
CA LYS C 249 10.79 40.86 54.32
C LYS C 249 10.90 42.36 54.17
N ASP C 250 10.33 43.13 55.10
CA ASP C 250 10.39 44.59 55.00
C ASP C 250 11.82 45.10 55.08
N ASP C 251 12.64 44.51 55.94
CA ASP C 251 14.01 44.94 56.17
C ASP C 251 15.06 43.99 55.61
N GLN C 252 14.84 42.67 55.71
CA GLN C 252 15.84 41.72 55.23
C GLN C 252 15.93 41.71 53.71
N LYS C 253 14.85 42.10 53.02
CA LYS C 253 14.81 42.20 51.57
C LYS C 253 15.13 40.86 50.89
N GLY C 254 14.24 39.89 51.14
CA GLY C 254 14.37 38.58 50.55
C GLY C 254 13.04 38.10 49.98
N MET C 255 13.09 36.95 49.32
CA MET C 255 11.92 36.35 48.70
C MET C 255 11.63 35.00 49.33
N ILE C 256 10.35 34.64 49.39
CA ILE C 256 9.91 33.36 49.92
C ILE C 256 8.93 32.73 48.94
N GLY C 257 9.10 31.43 48.68
CA GLY C 257 8.24 30.70 47.78
C GLY C 257 8.27 29.21 48.02
N PRO C 258 7.17 28.52 47.73
CA PRO C 258 7.14 27.07 47.90
C PRO C 258 7.78 26.35 46.72
N VAL C 259 7.99 25.05 46.91
CA VAL C 259 8.57 24.19 45.89
C VAL C 259 7.65 23.00 45.65
N MET C 260 7.32 22.74 44.39
CA MET C 260 6.46 21.63 44.02
C MET C 260 7.16 20.75 42.99
N ILE C 261 6.82 19.46 43.02
CA ILE C 261 7.29 18.53 41.99
C ILE C 261 6.39 18.67 40.76
N THR C 262 7.02 18.76 39.59
CA THR C 262 6.30 18.94 38.33
C THR C 262 6.62 17.78 37.40
N ARG C 263 5.58 17.28 36.73
CA ARG C 263 5.73 16.23 35.72
C ARG C 263 4.93 16.60 34.48
N TRP C 264 5.46 16.26 33.32
CA TRP C 264 4.74 16.46 32.06
C TRP C 264 3.94 15.21 31.72
N PHE C 265 2.82 15.42 31.04
CA PHE C 265 1.90 14.34 30.70
C PHE C 265 1.58 14.36 29.21
N LEU C 266 1.49 13.18 28.62
CA LEU C 266 1.16 12.99 27.21
C LEU C 266 0.01 12.00 27.08
N PRO C 267 -0.78 12.11 26.02
CA PRO C 267 -1.87 11.15 25.82
C PRO C 267 -1.35 9.74 25.63
N PHE C 268 -2.06 8.76 26.20
CA PHE C 268 -1.68 7.37 26.05
C PHE C 268 -1.81 6.91 24.60
N ASP C 269 -2.88 7.31 23.93
CA ASP C 269 -3.09 7.02 22.52
C ASP C 269 -3.72 8.24 21.86
N HIS C 270 -4.22 8.06 20.64
CA HIS C 270 -4.79 9.15 19.86
C HIS C 270 -6.28 9.32 20.08
N SER C 271 -6.79 8.90 21.24
CA SER C 271 -8.21 9.00 21.54
C SER C 271 -8.51 10.29 22.29
N GLN C 272 -9.78 10.70 22.24
CA GLN C 272 -10.22 11.89 22.97
C GLN C 272 -10.12 11.67 24.47
N GLU C 273 -10.43 10.45 24.94
CA GLU C 273 -10.37 10.16 26.36
C GLU C 273 -8.95 10.32 26.91
N SER C 274 -7.95 9.88 26.15
CA SER C 274 -6.57 10.06 26.59
C SER C 274 -6.19 11.53 26.66
N LYS C 275 -6.64 12.33 25.68
CA LYS C 275 -6.34 13.75 25.70
C LYS C 275 -6.99 14.43 26.90
N ASP C 276 -8.24 14.09 27.19
CA ASP C 276 -8.90 14.62 28.38
C ASP C 276 -8.23 14.11 29.65
N ALA C 277 -7.86 12.83 29.68
CA ALA C 277 -7.19 12.27 30.86
C ALA C 277 -5.85 12.95 31.10
N THR C 278 -5.14 13.29 30.02
CA THR C 278 -3.88 14.01 30.17
C THR C 278 -4.11 15.38 30.80
N GLU C 279 -5.17 16.07 30.39
CA GLU C 279 -5.51 17.35 31.02
C GLU C 279 -5.94 17.15 32.47
N ARG C 280 -6.70 16.08 32.73
CA ARG C 280 -7.09 15.78 34.11
C ARG C 280 -5.87 15.49 34.97
N ALA C 281 -4.89 14.78 34.42
CA ALA C 281 -3.67 14.49 35.18
C ALA C 281 -2.95 15.77 35.55
N LYS C 282 -2.88 16.73 34.63
CA LYS C 282 -2.24 18.01 34.93
C LYS C 282 -3.00 18.75 36.03
N ILE C 283 -4.33 18.73 35.99
CA ILE C 283 -5.11 19.47 36.97
C ILE C 283 -4.90 18.91 38.37
N PHE C 284 -4.93 17.58 38.50
CA PHE C 284 -4.79 16.97 39.82
C PHE C 284 -3.35 16.99 40.32
N PHE C 285 -2.37 16.85 39.43
CA PHE C 285 -0.98 16.79 39.86
C PHE C 285 -0.46 18.17 40.26
N HIS C 286 -0.79 19.21 39.49
CA HIS C 286 -0.28 20.56 39.73
C HIS C 286 -1.31 21.50 40.33
N GLY C 287 -2.50 21.56 39.74
CA GLY C 287 -3.54 22.48 40.20
C GLY C 287 -4.07 22.19 41.59
N TRP C 288 -3.80 21.00 42.14
CA TRP C 288 -4.23 20.67 43.49
C TRP C 288 -3.74 21.70 44.49
N PHE C 289 -2.52 22.21 44.29
CA PHE C 289 -1.97 23.28 45.12
C PHE C 289 -1.89 24.61 44.40
N MET C 290 -1.61 24.59 43.09
CA MET C 290 -1.49 25.84 42.33
C MET C 290 -2.81 26.58 42.26
N GLY C 291 -3.93 25.86 42.20
CA GLY C 291 -5.23 26.49 42.18
C GLY C 291 -5.48 27.39 43.38
N PRO C 292 -5.37 26.82 44.59
CA PRO C 292 -5.44 27.67 45.78
C PRO C 292 -4.35 28.72 45.85
N LEU C 293 -3.14 28.41 45.34
CA LEU C 293 -2.06 29.38 45.38
C LEU C 293 -2.33 30.58 44.47
N THR C 294 -3.09 30.39 43.39
CA THR C 294 -3.38 31.45 42.44
C THR C 294 -4.76 32.05 42.61
N GLU C 295 -5.81 31.22 42.61
CA GLU C 295 -7.18 31.70 42.67
C GLU C 295 -7.82 31.48 44.04
N GLY C 296 -7.12 30.88 44.98
CA GLY C 296 -7.67 30.66 46.31
C GLY C 296 -8.68 29.54 46.42
N LYS C 297 -8.75 28.65 45.44
CA LYS C 297 -9.68 27.54 45.49
C LYS C 297 -9.13 26.38 44.68
N TYR C 298 -9.59 25.19 45.03
CA TYR C 298 -9.18 23.98 44.33
C TYR C 298 -9.76 23.95 42.92
N PRO C 299 -9.17 23.17 42.02
CA PRO C 299 -9.73 23.02 40.68
C PRO C 299 -11.15 22.48 40.70
N ASP C 300 -11.98 22.96 39.76
CA ASP C 300 -13.37 22.55 39.70
C ASP C 300 -13.51 21.04 39.50
N ILE C 301 -12.65 20.47 38.66
CA ILE C 301 -12.70 19.02 38.41
C ILE C 301 -12.43 18.26 39.69
N MET C 302 -11.45 18.70 40.47
CA MET C 302 -11.19 18.07 41.77
C MET C 302 -12.37 18.26 42.72
N ARG C 303 -12.98 19.45 42.70
CA ARG C 303 -14.12 19.69 43.58
C ARG C 303 -15.29 18.75 43.28
N GLU C 304 -15.57 18.52 41.99
CA GLU C 304 -16.64 17.60 41.64
C GLU C 304 -16.27 16.16 41.94
N TYR C 305 -15.06 15.76 41.55
CA TYR C 305 -14.65 14.37 41.71
C TYR C 305 -14.46 14.00 43.18
N VAL C 306 -13.68 14.79 43.92
CA VAL C 306 -13.43 14.46 45.32
C VAL C 306 -14.64 14.80 46.19
N GLY C 307 -15.27 15.93 45.94
CA GLY C 307 -16.49 16.28 46.67
C GLY C 307 -16.20 16.65 48.11
N ASP C 308 -17.01 16.11 49.03
CA ASP C 308 -16.88 16.44 50.44
C ASP C 308 -15.55 15.97 51.03
N ARG C 309 -14.96 14.93 50.45
CA ARG C 309 -13.67 14.44 50.92
C ARG C 309 -12.55 15.46 50.74
N LEU C 310 -12.77 16.45 49.88
CA LEU C 310 -11.82 17.55 49.71
C LEU C 310 -12.24 18.72 50.59
N PRO C 311 -11.41 19.14 51.54
CA PRO C 311 -11.78 20.30 52.36
C PRO C 311 -11.71 21.58 51.54
N GLU C 312 -12.25 22.65 52.13
CA GLU C 312 -12.31 23.94 51.47
C GLU C 312 -11.72 25.02 52.37
N PHE C 313 -11.04 25.99 51.76
CA PHE C 313 -10.46 27.09 52.50
C PHE C 313 -11.53 28.12 52.84
N SER C 314 -11.38 28.75 54.01
CA SER C 314 -12.27 29.83 54.38
C SER C 314 -11.92 31.08 53.59
N GLU C 315 -12.79 32.09 53.68
CA GLU C 315 -12.54 33.34 52.96
C GLU C 315 -11.24 33.99 53.43
N THR C 316 -11.01 34.01 54.76
CA THR C 316 -9.74 34.50 55.27
C THR C 316 -8.59 33.60 54.85
N GLU C 317 -8.77 32.28 54.95
CA GLU C 317 -7.70 31.36 54.58
C GLU C 317 -7.39 31.42 53.10
N ALA C 318 -8.42 31.54 52.26
CA ALA C 318 -8.20 31.58 50.82
C ALA C 318 -7.36 32.79 50.43
N ALA C 319 -7.62 33.93 51.04
CA ALA C 319 -6.84 35.13 50.74
C ALA C 319 -5.38 34.94 51.13
N LEU C 320 -5.13 34.29 52.28
CA LEU C 320 -3.75 34.04 52.69
C LEU C 320 -3.05 33.11 51.71
N VAL C 321 -3.73 32.03 51.30
CA VAL C 321 -3.11 31.08 50.38
C VAL C 321 -2.95 31.70 48.99
N LYS C 322 -3.93 32.48 48.55
CA LYS C 322 -3.85 33.10 47.22
C LYS C 322 -2.70 34.10 47.17
N GLY C 323 -1.86 33.96 46.14
CA GLY C 323 -0.72 34.83 45.98
C GLY C 323 0.28 34.75 47.10
N SER C 324 0.37 33.59 47.76
CA SER C 324 1.32 33.39 48.86
C SER C 324 2.65 32.84 48.34
N TYR C 325 3.23 33.52 47.35
CA TYR C 325 4.49 33.07 46.79
C TYR C 325 5.14 34.22 46.03
N ASP C 326 6.47 34.27 46.10
CA ASP C 326 7.27 35.17 45.29
C ASP C 326 7.99 34.46 44.16
N PHE C 327 8.34 33.19 44.36
CA PHE C 327 8.94 32.37 43.32
C PHE C 327 8.37 30.96 43.45
N LEU C 328 8.62 30.14 42.43
CA LEU C 328 8.15 28.76 42.40
C LEU C 328 9.32 27.85 42.07
N GLY C 329 9.65 26.94 42.98
CA GLY C 329 10.70 25.97 42.74
C GLY C 329 10.23 24.75 41.98
N LEU C 330 10.12 24.86 40.66
CA LEU C 330 9.61 23.76 39.85
C LEU C 330 10.69 22.70 39.66
N ASN C 331 10.32 21.43 39.85
CA ASN C 331 11.20 20.30 39.66
C ASN C 331 10.58 19.34 38.64
N TYR C 332 11.29 19.09 37.55
CA TYR C 332 10.84 18.18 36.51
C TYR C 332 11.88 17.10 36.29
N TYR C 333 11.44 15.84 36.27
CA TYR C 333 12.34 14.72 36.01
C TYR C 333 11.96 13.94 34.76
N VAL C 334 10.72 13.44 34.65
CA VAL C 334 10.31 12.56 33.57
C VAL C 334 8.91 12.92 33.12
N THR C 335 8.50 12.32 32.01
CA THR C 335 7.16 12.50 31.44
C THR C 335 6.47 11.15 31.36
N GLN C 336 5.18 11.13 31.69
CA GLN C 336 4.38 9.91 31.71
C GLN C 336 3.16 10.08 30.83
N TYR C 337 2.71 8.97 30.24
CA TYR C 337 1.50 8.96 29.44
C TYR C 337 0.29 8.73 30.34
N ALA C 338 -0.81 9.40 30.02
CA ALA C 338 -2.03 9.36 30.82
C ALA C 338 -3.18 8.77 30.00
N GLN C 339 -3.98 7.93 30.66
CA GLN C 339 -5.15 7.34 30.03
C GLN C 339 -6.31 7.39 31.01
N ASN C 340 -7.52 7.26 30.47
CA ASN C 340 -8.72 7.29 31.30
C ASN C 340 -8.98 5.93 31.92
N ASN C 341 -9.31 5.91 33.22
CA ASN C 341 -9.65 4.68 33.92
C ASN C 341 -10.64 5.05 35.02
N GLN C 342 -11.93 4.97 34.70
CA GLN C 342 -13.01 5.24 35.65
C GLN C 342 -13.57 3.97 36.27
N THR C 343 -12.68 3.08 36.74
CA THR C 343 -13.09 1.82 37.33
C THR C 343 -13.41 2.02 38.81
N ILE C 344 -14.61 1.61 39.21
CA ILE C 344 -15.02 1.73 40.61
C ILE C 344 -14.23 0.74 41.46
N VAL C 345 -13.70 1.21 42.57
CA VAL C 345 -12.83 0.41 43.43
C VAL C 345 -13.49 0.21 44.79
N PRO C 346 -13.25 -0.91 45.46
CA PRO C 346 -13.75 -1.07 46.83
C PRO C 346 -13.13 -0.02 47.76
N SER C 347 -13.91 0.40 48.75
CA SER C 347 -13.49 1.49 49.62
C SER C 347 -12.23 1.14 50.41
N ASP C 348 -12.08 -0.13 50.79
CA ASP C 348 -10.95 -0.53 51.62
C ASP C 348 -9.61 -0.38 50.88
N VAL C 349 -9.63 -0.47 49.55
CA VAL C 349 -8.40 -0.39 48.75
C VAL C 349 -8.31 0.89 47.95
N HIS C 350 -9.26 1.82 48.12
CA HIS C 350 -9.21 3.07 47.35
C HIS C 350 -8.14 3.99 47.91
N THR C 351 -7.43 4.66 47.00
CA THR C 351 -6.44 5.67 47.34
C THR C 351 -6.86 7.01 46.75
N ALA C 352 -6.38 8.09 47.38
CA ALA C 352 -6.74 9.43 46.94
C ALA C 352 -6.26 9.71 45.52
N LEU C 353 -5.19 9.02 45.08
CA LEU C 353 -4.69 9.20 43.73
C LEU C 353 -5.70 8.76 42.67
N MET C 354 -6.63 7.89 43.03
CA MET C 354 -7.62 7.39 42.08
C MET C 354 -8.71 8.41 41.79
N ASP C 355 -8.77 9.52 42.52
CA ASP C 355 -9.82 10.50 42.33
C ASP C 355 -9.73 11.19 40.97
N SER C 356 -8.55 11.20 40.34
CA SER C 356 -8.41 11.80 39.02
C SER C 356 -9.07 10.97 37.94
N ARG C 357 -9.47 9.73 38.23
CA ARG C 357 -10.08 8.83 37.25
C ARG C 357 -9.16 8.58 36.06
N THR C 358 -7.85 8.58 36.30
CA THR C 358 -6.86 8.39 35.25
C THR C 358 -5.86 7.32 35.67
N THR C 359 -5.11 6.83 34.69
CA THR C 359 -4.05 5.86 34.91
C THR C 359 -2.79 6.33 34.20
N LEU C 360 -1.69 6.40 34.95
CA LEU C 360 -0.41 6.86 34.43
C LEU C 360 0.45 5.66 34.04
N THR C 361 1.03 5.71 32.85
CA THR C 361 1.84 4.63 32.33
C THR C 361 3.23 5.15 31.97
N SER C 362 4.19 4.22 31.92
CA SER C 362 5.55 4.59 31.54
C SER C 362 5.73 4.64 30.04
N LYS C 363 5.03 3.78 29.30
CA LYS C 363 5.12 3.73 27.85
C LYS C 363 3.77 4.12 27.25
N ASN C 364 3.79 4.44 25.97
CA ASN C 364 2.58 4.87 25.27
C ASN C 364 1.80 3.64 24.80
N ALA C 365 0.81 3.85 23.93
CA ALA C 365 -0.05 2.74 23.51
C ALA C 365 0.75 1.66 22.79
N THR C 366 1.77 2.03 22.04
CA THR C 366 2.60 1.05 21.33
C THR C 366 3.76 0.55 22.19
N GLY C 367 3.85 0.98 23.44
CA GLY C 367 4.94 0.57 24.31
C GLY C 367 6.22 1.33 24.14
N HIS C 368 6.19 2.46 23.44
CA HIS C 368 7.39 3.27 23.21
C HIS C 368 7.54 4.31 24.31
N ALA C 369 8.77 4.51 24.76
CA ALA C 369 9.10 5.51 25.75
C ALA C 369 9.26 6.89 25.11
N PRO C 370 8.98 7.96 25.86
CA PRO C 370 9.15 9.30 25.30
C PRO C 370 10.62 9.70 25.15
N GLY C 371 11.54 8.95 25.73
CA GLY C 371 12.95 9.27 25.66
C GLY C 371 13.81 8.12 26.16
N PRO C 372 15.09 8.38 26.36
CA PRO C 372 16.01 7.33 26.83
C PRO C 372 15.67 6.92 28.25
N PRO C 373 16.02 5.70 28.65
CA PRO C 373 15.70 5.23 30.00
C PRO C 373 16.33 6.12 31.06
N PHE C 374 15.56 6.40 32.11
CA PHE C 374 16.02 7.23 33.22
C PHE C 374 16.43 6.41 34.43
N ASN C 375 15.51 5.58 34.94
CA ASN C 375 15.80 4.71 36.07
C ASN C 375 15.21 3.33 35.77
N ALA C 376 15.12 2.49 36.80
CA ALA C 376 14.64 1.12 36.61
C ALA C 376 13.19 1.07 36.14
N ALA C 377 12.40 2.12 36.38
CA ALA C 377 10.98 2.07 36.06
C ALA C 377 10.47 3.38 35.46
N SER C 378 11.32 4.11 34.74
CA SER C 378 10.88 5.32 34.05
C SER C 378 11.93 5.73 33.03
N TYR C 379 11.54 6.66 32.16
CA TYR C 379 12.40 7.22 31.14
C TYR C 379 12.26 8.74 31.14
N TYR C 380 13.36 9.43 30.87
CA TYR C 380 13.36 10.89 30.91
C TYR C 380 13.07 11.48 29.54
N TYR C 381 12.26 12.54 29.53
CA TYR C 381 11.84 13.22 28.30
C TYR C 381 12.39 14.64 28.30
N PRO C 382 13.46 14.92 27.56
CA PRO C 382 14.09 16.25 27.64
C PRO C 382 13.17 17.40 27.29
N LYS C 383 12.28 17.22 26.31
CA LYS C 383 11.36 18.28 25.92
C LYS C 383 10.27 18.54 26.97
N GLY C 384 10.14 17.67 27.97
CA GLY C 384 9.10 17.86 28.97
C GLY C 384 9.27 19.12 29.79
N ILE C 385 10.51 19.46 30.12
CA ILE C 385 10.75 20.66 30.93
C ILE C 385 10.33 21.92 30.18
N TYR C 386 10.51 21.94 28.86
CA TYR C 386 10.03 23.06 28.07
C TYR C 386 8.51 23.18 28.18
N TYR C 387 7.81 22.06 28.07
CA TYR C 387 6.36 22.09 28.19
C TYR C 387 5.93 22.48 29.60
N VAL C 388 6.63 21.96 30.62
CA VAL C 388 6.25 22.23 32.00
C VAL C 388 6.39 23.72 32.31
N MET C 389 7.52 24.31 31.90
CA MET C 389 7.72 25.74 32.12
C MET C 389 6.71 26.56 31.31
N ASP C 390 6.45 26.16 30.07
CA ASP C 390 5.46 26.85 29.26
C ASP C 390 4.07 26.72 29.85
N TYR C 391 3.71 25.51 30.30
CA TYR C 391 2.40 25.32 30.90
C TYR C 391 2.25 26.14 32.18
N PHE C 392 3.28 26.13 33.03
CA PHE C 392 3.23 26.92 34.25
C PHE C 392 3.19 28.41 33.95
N LYS C 393 3.93 28.85 32.93
CA LYS C 393 3.96 30.27 32.58
C LYS C 393 2.61 30.75 32.08
N THR C 394 1.95 29.98 31.21
CA THR C 394 0.69 30.41 30.64
C THR C 394 -0.45 30.26 31.64
N THR C 395 -0.45 29.17 32.42
CA THR C 395 -1.55 28.91 33.35
C THR C 395 -1.49 29.78 34.60
N TYR C 396 -0.30 30.19 35.03
CA TYR C 396 -0.16 30.88 36.31
C TYR C 396 0.56 32.22 36.15
N GLY C 397 0.30 32.93 35.07
CA GLY C 397 0.79 34.27 34.90
C GLY C 397 2.29 34.43 34.70
N ASP C 398 2.99 33.37 34.27
CA ASP C 398 4.44 33.34 34.19
C ASP C 398 5.11 33.91 35.44
N PRO C 399 5.20 33.13 36.52
CA PRO C 399 5.80 33.67 37.75
C PRO C 399 7.30 33.41 37.82
N LEU C 400 7.93 33.84 38.90
CA LEU C 400 9.35 33.54 39.13
C LEU C 400 9.53 32.04 39.36
N ILE C 401 10.37 31.41 38.53
CA ILE C 401 10.53 29.97 38.53
C ILE C 401 12.00 29.66 38.76
N TYR C 402 12.27 28.75 39.71
CA TYR C 402 13.60 28.23 39.97
C TYR C 402 13.59 26.71 39.86
N VAL C 403 14.63 26.16 39.24
CA VAL C 403 14.76 24.71 39.08
C VAL C 403 15.50 24.20 40.32
N THR C 404 14.73 23.89 41.36
CA THR C 404 15.31 23.50 42.64
C THR C 404 15.83 22.07 42.67
N GLU C 405 15.33 21.18 41.80
CA GLU C 405 15.74 19.79 41.80
C GLU C 405 15.80 19.25 40.39
N ASN C 406 16.91 18.60 40.04
CA ASN C 406 17.06 17.94 38.74
C ASN C 406 18.25 17.00 38.81
N GLY C 407 18.05 15.73 38.49
CA GLY C 407 19.14 14.77 38.56
C GLY C 407 18.82 13.48 37.84
N PHE C 408 19.84 12.64 37.74
CA PHE C 408 19.77 11.35 37.05
C PHE C 408 20.25 10.25 37.98
N SER C 409 19.54 9.13 37.98
CA SER C 409 19.86 8.03 38.89
C SER C 409 20.95 7.14 38.30
N THR C 410 21.89 6.72 39.16
CA THR C 410 22.93 5.80 38.76
C THR C 410 22.95 4.61 39.72
N PRO C 411 23.12 3.39 39.20
CA PRO C 411 23.16 2.22 40.08
C PRO C 411 24.32 2.29 41.06
N GLY C 412 24.06 1.85 42.30
CA GLY C 412 25.10 1.84 43.31
C GLY C 412 26.11 0.74 43.17
N ASP C 413 25.74 -0.38 42.51
CA ASP C 413 26.66 -1.49 42.35
C ASP C 413 27.82 -1.14 41.41
N GLU C 414 27.69 -0.06 40.64
CA GLU C 414 28.80 0.39 39.81
C GLU C 414 29.99 0.78 40.69
N ASP C 415 31.19 0.44 40.23
CA ASP C 415 32.39 0.76 40.99
C ASP C 415 32.66 2.27 40.95
N PHE C 416 33.77 2.67 41.56
CA PHE C 416 34.11 4.09 41.65
C PHE C 416 34.31 4.71 40.27
N GLU C 417 34.98 3.97 39.37
CA GLU C 417 35.25 4.51 38.04
C GLU C 417 33.94 4.72 37.26
N LYS C 418 33.02 3.76 37.33
CA LYS C 418 31.76 3.89 36.61
C LYS C 418 30.92 5.03 37.19
N ALA C 419 30.88 5.14 38.52
CA ALA C 419 30.08 6.18 39.15
C ALA C 419 30.60 7.57 38.78
N THR C 420 31.93 7.74 38.78
CA THR C 420 32.49 9.02 38.36
C THR C 420 32.25 9.28 36.88
N ALA C 421 32.28 8.23 36.06
CA ALA C 421 32.01 8.35 34.62
C ALA C 421 30.51 8.26 34.35
N ASP C 422 29.78 9.21 34.92
CA ASP C 422 28.32 9.25 34.79
C ASP C 422 27.91 10.04 33.55
N TYR C 423 28.36 9.56 32.39
CA TYR C 423 28.02 10.21 31.13
C TYR C 423 26.51 10.19 30.89
N LYS C 424 25.82 9.18 31.42
CA LYS C 424 24.37 9.17 31.35
C LYS C 424 23.75 10.34 32.10
N ARG C 425 24.32 10.69 33.26
CA ARG C 425 23.87 11.88 33.98
C ARG C 425 24.14 13.14 33.17
N ILE C 426 25.29 13.21 32.51
CA ILE C 426 25.60 14.38 31.68
C ILE C 426 24.58 14.53 30.57
N ASP C 427 24.21 13.42 29.91
CA ASP C 427 23.23 13.48 28.84
C ASP C 427 21.88 13.98 29.33
N TYR C 428 21.45 13.52 30.51
CA TYR C 428 20.18 13.96 31.05
C TYR C 428 20.20 15.46 31.36
N LEU C 429 21.28 15.94 31.96
CA LEU C 429 21.32 17.33 32.41
C LEU C 429 21.42 18.31 31.23
N CYS C 430 22.30 18.01 30.27
CA CYS C 430 22.49 18.92 29.15
C CYS C 430 21.23 19.07 28.31
N SER C 431 20.54 17.96 28.05
CA SER C 431 19.34 18.02 27.20
C SER C 431 18.25 18.85 27.87
N HIS C 432 18.01 18.61 29.16
CA HIS C 432 17.00 19.39 29.89
C HIS C 432 17.41 20.85 30.00
N LEU C 433 18.70 21.12 30.24
CA LEU C 433 19.16 22.50 30.26
C LEU C 433 19.00 23.16 28.90
N CYS C 434 19.22 22.39 27.82
CA CYS C 434 19.07 22.94 26.48
C CYS C 434 17.62 23.36 26.22
N PHE C 435 16.68 22.48 26.55
CA PHE C 435 15.27 22.82 26.38
C PHE C 435 14.82 23.88 27.38
N LEU C 436 15.47 23.95 28.54
CA LEU C 436 15.16 25.01 29.50
C LEU C 436 15.49 26.37 28.92
N SER C 437 16.66 26.49 28.26
CA SER C 437 17.00 27.75 27.61
C SER C 437 16.07 28.04 26.43
N LYS C 438 15.67 26.99 25.70
CA LYS C 438 14.78 27.19 24.55
C LYS C 438 13.44 27.76 24.97
N VAL C 439 12.84 27.19 26.02
CA VAL C 439 11.53 27.67 26.46
C VAL C 439 11.64 29.06 27.08
N ILE C 440 12.78 29.39 27.68
CA ILE C 440 12.98 30.73 28.24
C ILE C 440 12.96 31.77 27.14
N LYS C 441 13.60 31.48 26.01
CA LYS C 441 13.67 32.45 24.91
C LYS C 441 12.38 32.46 24.11
N GLU C 442 11.99 31.30 23.56
CA GLU C 442 10.84 31.24 22.67
C GLU C 442 9.54 31.58 23.40
N LYS C 443 9.33 31.01 24.58
CA LYS C 443 8.10 31.19 25.32
C LYS C 443 8.18 32.31 26.36
N ASN C 444 9.34 32.95 26.50
CA ASN C 444 9.54 34.06 27.45
C ASN C 444 9.15 33.64 28.87
N VAL C 445 9.66 32.49 29.30
CA VAL C 445 9.38 31.98 30.63
C VAL C 445 10.37 32.56 31.63
N ASN C 446 9.87 32.92 32.81
CA ASN C 446 10.66 33.62 33.83
C ASN C 446 11.37 32.61 34.73
N VAL C 447 12.43 32.01 34.18
CA VAL C 447 13.29 31.09 34.90
C VAL C 447 14.66 31.75 35.08
N LYS C 448 15.12 31.84 36.33
CA LYS C 448 16.37 32.52 36.63
C LYS C 448 17.41 31.66 37.34
N GLY C 449 17.03 30.52 37.90
CA GLY C 449 17.97 29.70 38.64
C GLY C 449 17.70 28.22 38.41
N TYR C 450 18.79 27.45 38.41
CA TYR C 450 18.74 26.00 38.25
C TYR C 450 19.67 25.37 39.28
N PHE C 451 19.16 24.37 40.00
CA PHE C 451 19.92 23.68 41.04
C PHE C 451 19.95 22.20 40.71
N ALA C 452 21.13 21.68 40.39
CA ALA C 452 21.28 20.26 40.11
C ALA C 452 21.19 19.44 41.38
N TRP C 453 20.56 18.27 41.28
CA TRP C 453 20.39 17.36 42.41
C TRP C 453 21.15 16.08 42.13
N SER C 454 22.05 15.71 43.03
CA SER C 454 22.42 16.50 44.20
C SER C 454 23.91 16.82 44.17
N LEU C 455 24.39 17.48 45.22
CA LEU C 455 25.81 17.81 45.29
C LEU C 455 26.68 16.56 45.33
N GLY C 456 26.29 15.58 46.15
CA GLY C 456 27.04 14.34 46.26
C GLY C 456 26.13 13.18 46.58
N ASP C 457 26.71 11.98 46.50
CA ASP C 457 25.95 10.77 46.82
C ASP C 457 25.44 10.84 48.25
N ASN C 458 24.16 10.54 48.44
CA ASN C 458 23.53 10.68 49.73
C ASN C 458 22.44 9.62 49.86
N TYR C 459 21.74 9.65 51.00
CA TYR C 459 20.63 8.75 51.24
C TYR C 459 19.45 9.13 50.34
N GLU C 460 18.82 8.13 49.76
CA GLU C 460 17.64 8.33 48.92
C GLU C 460 16.41 7.80 49.66
N PHE C 461 15.37 8.64 49.75
CA PHE C 461 14.16 8.25 50.45
C PHE C 461 13.55 7.00 49.83
N CYS C 462 13.18 6.05 50.69
CA CYS C 462 12.52 4.79 50.32
C CYS C 462 13.46 3.85 49.60
N ASN C 463 14.68 4.30 49.31
CA ASN C 463 15.67 3.48 48.61
C ASN C 463 16.99 3.34 49.36
N GLY C 464 17.18 4.06 50.45
CA GLY C 464 18.46 3.96 51.16
C GLY C 464 19.58 4.55 50.32
N PHE C 465 20.70 3.83 50.27
CA PHE C 465 21.86 4.27 49.50
C PHE C 465 22.14 3.35 48.30
N THR C 466 21.13 2.64 47.81
CA THR C 466 21.36 1.75 46.68
C THR C 466 21.59 2.50 45.38
N VAL C 467 21.13 3.74 45.27
CA VAL C 467 21.32 4.56 44.08
C VAL C 467 21.83 5.93 44.51
N ARG C 468 22.49 6.61 43.57
CA ARG C 468 23.08 7.92 43.82
C ARG C 468 22.57 8.92 42.79
N PHE C 469 22.18 10.10 43.27
CA PHE C 469 21.81 11.22 42.41
C PHE C 469 22.84 12.34 42.46
N GLY C 470 23.89 12.20 43.28
CA GLY C 470 24.79 13.30 43.51
C GLY C 470 25.75 13.54 42.36
N LEU C 471 26.21 14.78 42.27
CA LEU C 471 27.17 15.19 41.25
C LEU C 471 28.60 14.77 41.59
N SER C 472 28.86 14.37 42.83
CA SER C 472 30.18 13.93 43.24
C SER C 472 30.06 12.56 43.92
N TYR C 473 30.94 11.64 43.56
CA TYR C 473 30.89 10.31 44.16
C TYR C 473 31.42 10.36 45.58
N VAL C 474 30.68 9.78 46.51
CA VAL C 474 31.05 9.74 47.92
C VAL C 474 31.00 8.28 48.38
N ASP C 475 32.17 7.68 48.56
CA ASP C 475 32.26 6.32 49.09
C ASP C 475 31.81 6.33 50.54
N PHE C 476 30.64 5.74 50.80
CA PHE C 476 30.03 5.82 52.13
C PHE C 476 30.83 5.06 53.19
N ALA C 477 31.77 4.21 52.79
CA ALA C 477 32.67 3.59 53.75
C ALA C 477 33.70 4.58 54.30
N ASN C 478 33.93 5.70 53.59
CA ASN C 478 34.94 6.69 53.99
C ASN C 478 34.30 8.08 53.93
N ILE C 479 33.49 8.41 54.95
CA ILE C 479 32.84 9.71 54.97
C ILE C 479 33.88 10.83 55.05
N THR C 480 34.95 10.60 55.82
CA THR C 480 36.06 11.54 55.90
C THR C 480 36.99 11.48 54.69
N GLY C 481 36.87 10.44 53.87
CA GLY C 481 37.71 10.33 52.70
C GLY C 481 37.39 11.37 51.64
N ASP C 482 38.31 11.49 50.69
CA ASP C 482 38.17 12.49 49.64
C ASP C 482 36.93 12.22 48.79
N ARG C 483 36.13 13.26 48.57
CA ARG C 483 34.91 13.17 47.78
C ARG C 483 35.24 13.56 46.35
N ASP C 484 35.57 12.56 45.52
CA ASP C 484 35.95 12.82 44.15
C ASP C 484 34.76 13.32 43.34
N LEU C 485 35.04 14.20 42.37
CA LEU C 485 34.01 14.73 41.51
C LEU C 485 33.77 13.79 40.34
N LYS C 486 32.50 13.55 40.03
CA LYS C 486 32.14 12.74 38.88
C LYS C 486 32.37 13.52 37.58
N ALA C 487 32.26 12.80 36.45
CA ALA C 487 32.41 13.45 35.15
C ALA C 487 31.32 14.50 34.92
N SER C 488 30.13 14.28 35.49
CA SER C 488 29.07 15.27 35.40
C SER C 488 29.45 16.56 36.13
N GLY C 489 30.12 16.43 37.28
CA GLY C 489 30.58 17.61 37.98
C GLY C 489 31.58 18.42 37.18
N LYS C 490 32.50 17.74 36.50
CA LYS C 490 33.46 18.43 35.66
C LYS C 490 32.75 19.16 34.50
N TRP C 491 31.78 18.49 33.88
CA TRP C 491 31.04 19.13 32.79
C TRP C 491 30.23 20.33 33.30
N PHE C 492 29.57 20.18 34.44
CA PHE C 492 28.78 21.29 34.98
C PHE C 492 29.66 22.46 35.37
N GLN C 493 30.82 22.18 35.97
CA GLN C 493 31.75 23.23 36.32
C GLN C 493 32.29 23.91 35.07
N LYS C 494 32.67 23.12 34.07
CA LYS C 494 33.13 23.69 32.80
C LYS C 494 32.00 24.43 32.08
N PHE C 495 30.76 23.99 32.26
CA PHE C 495 29.62 24.69 31.69
C PHE C 495 29.44 26.07 32.31
N ILE C 496 29.64 26.19 33.62
CA ILE C 496 29.38 27.47 34.29
C ILE C 496 30.44 28.51 33.92
N ASN C 497 31.72 28.14 34.00
CA ASN C 497 32.78 29.12 33.77
C ASN C 497 32.91 29.41 32.28
N VAL C 498 32.75 30.68 31.90
CA VAL C 498 32.90 31.09 30.51
C VAL C 498 33.74 32.37 30.43
N GLU D 6 -27.87 -30.48 -3.21
CA GLU D 6 -26.71 -29.98 -2.48
C GLU D 6 -25.49 -29.87 -3.40
N PHE D 7 -25.74 -29.61 -4.68
CA PHE D 7 -24.66 -29.46 -5.63
C PHE D 7 -23.86 -28.20 -5.34
N VAL D 8 -22.55 -28.29 -5.50
CA VAL D 8 -21.64 -27.17 -5.21
C VAL D 8 -21.67 -26.24 -6.41
N CYS D 9 -22.50 -25.19 -6.33
CA CYS D 9 -22.53 -24.19 -7.39
C CYS D 9 -21.20 -23.48 -7.49
N GLU D 10 -20.69 -23.34 -8.71
CA GLU D 10 -19.38 -22.74 -8.95
C GLU D 10 -19.56 -21.24 -9.14
N GLU D 11 -19.15 -20.46 -8.13
CA GLU D 11 -19.19 -19.01 -8.26
C GLU D 11 -18.22 -18.51 -9.33
N ASN D 12 -17.10 -19.22 -9.52
CA ASN D 12 -16.12 -18.88 -10.53
C ASN D 12 -15.84 -20.10 -11.40
N GLU D 13 -15.36 -19.84 -12.62
CA GLU D 13 -15.01 -20.92 -13.52
C GLU D 13 -13.84 -21.73 -12.96
N PRO D 14 -13.78 -23.04 -13.26
CA PRO D 14 -14.68 -23.83 -14.12
C PRO D 14 -16.00 -24.18 -13.44
N PHE D 15 -17.00 -24.57 -14.21
CA PHE D 15 -18.33 -24.89 -13.70
C PHE D 15 -18.70 -26.30 -14.15
N THR D 16 -19.12 -27.13 -13.20
CA THR D 16 -19.58 -28.49 -13.49
C THR D 16 -21.09 -28.62 -13.44
N CYS D 17 -21.82 -27.50 -13.42
CA CYS D 17 -23.28 -27.54 -13.39
C CYS D 17 -23.89 -27.99 -14.71
N ASN D 18 -23.08 -28.11 -15.77
CA ASN D 18 -23.59 -28.62 -17.04
C ASN D 18 -23.80 -30.13 -17.05
N GLN D 19 -23.56 -30.80 -15.92
CA GLN D 19 -23.88 -32.21 -15.76
C GLN D 19 -25.30 -32.34 -15.25
N THR D 20 -26.17 -32.95 -16.07
CA THR D 20 -27.59 -33.02 -15.73
C THR D 20 -27.83 -33.86 -14.48
N LYS D 21 -27.09 -34.96 -14.32
CA LYS D 21 -27.26 -35.80 -13.15
C LYS D 21 -27.00 -35.02 -11.87
N LEU D 22 -26.03 -34.10 -11.89
CA LEU D 22 -25.76 -33.26 -10.74
C LEU D 22 -26.79 -32.14 -10.60
N PHE D 23 -27.29 -31.60 -11.72
CA PHE D 23 -28.26 -30.52 -11.67
C PHE D 23 -29.08 -30.54 -12.96
N ASN D 24 -30.38 -30.84 -12.83
CA ASN D 24 -31.30 -30.82 -13.96
C ASN D 24 -32.65 -30.32 -13.46
N SER D 25 -33.69 -30.52 -14.27
CA SER D 25 -35.03 -30.13 -13.84
C SER D 25 -35.53 -30.95 -12.66
N GLY D 26 -34.89 -32.09 -12.38
CA GLY D 26 -35.26 -32.90 -11.24
C GLY D 26 -34.92 -32.25 -9.90
N ASN D 27 -33.93 -31.36 -9.89
CA ASN D 27 -33.62 -30.62 -8.66
C ASN D 27 -34.80 -29.75 -8.23
N PHE D 28 -35.42 -29.06 -9.19
CA PHE D 28 -36.63 -28.32 -8.92
C PHE D 28 -37.82 -29.26 -8.82
N GLU D 29 -38.82 -28.87 -8.03
CA GLU D 29 -40.02 -29.68 -7.87
C GLU D 29 -40.78 -29.78 -9.19
N LYS D 30 -41.40 -30.94 -9.40
CA LYS D 30 -42.17 -31.16 -10.62
C LYS D 30 -43.37 -30.22 -10.67
N GLY D 31 -43.58 -29.62 -11.83
CA GLY D 31 -44.64 -28.64 -12.01
C GLY D 31 -44.18 -27.21 -12.20
N PHE D 32 -42.89 -26.97 -12.38
CA PHE D 32 -42.36 -25.63 -12.61
C PHE D 32 -42.08 -25.43 -14.10
N ILE D 33 -42.65 -24.38 -14.68
CA ILE D 33 -42.51 -24.14 -16.11
C ILE D 33 -41.10 -23.68 -16.43
N PHE D 34 -40.64 -24.02 -17.63
CA PHE D 34 -39.32 -23.61 -18.11
C PHE D 34 -39.38 -23.49 -19.63
N GLY D 35 -38.71 -22.47 -20.16
CA GLY D 35 -38.72 -22.25 -21.59
C GLY D 35 -37.87 -21.09 -22.06
N VAL D 36 -38.32 -20.43 -23.14
CA VAL D 36 -37.59 -19.33 -23.76
C VAL D 36 -38.56 -18.18 -24.01
N ALA D 37 -37.99 -17.00 -24.27
CA ALA D 37 -38.78 -15.79 -24.47
C ALA D 37 -38.25 -15.02 -25.67
N SER D 38 -39.07 -14.09 -26.15
CA SER D 38 -38.70 -13.24 -27.28
C SER D 38 -39.59 -12.01 -27.27
N SER D 39 -39.26 -11.05 -28.13
CA SER D 39 -39.99 -9.80 -28.26
C SER D 39 -40.50 -9.64 -29.69
N ALA D 40 -41.57 -8.85 -29.84
CA ALA D 40 -42.20 -8.67 -31.14
C ALA D 40 -41.23 -8.05 -32.15
N TYR D 41 -40.76 -6.84 -31.87
CA TYR D 41 -39.88 -6.15 -32.81
C TYR D 41 -38.59 -6.93 -33.05
N GLN D 42 -38.17 -7.74 -32.08
CA GLN D 42 -36.88 -8.42 -32.21
C GLN D 42 -36.95 -9.59 -33.18
N VAL D 43 -38.04 -10.37 -33.16
CA VAL D 43 -38.14 -11.59 -33.95
C VAL D 43 -39.26 -11.52 -34.99
N GLU D 44 -40.40 -10.91 -34.65
CA GLU D 44 -41.54 -10.95 -35.56
C GLU D 44 -41.23 -10.23 -36.87
N GLY D 45 -40.62 -9.06 -36.80
CA GLY D 45 -40.33 -8.28 -37.98
C GLY D 45 -41.38 -7.23 -38.25
N GLY D 46 -41.15 -6.47 -39.31
CA GLY D 46 -42.03 -5.39 -39.72
C GLY D 46 -42.96 -5.71 -40.86
N ARG D 47 -42.90 -6.92 -41.41
CA ARG D 47 -43.76 -7.30 -42.53
C ARG D 47 -45.20 -7.45 -42.06
N GLY D 48 -46.12 -6.81 -42.76
CA GLY D 48 -47.53 -6.92 -42.45
C GLY D 48 -47.92 -6.39 -41.08
N ARG D 49 -47.41 -5.22 -40.72
CA ARG D 49 -47.72 -4.65 -39.41
C ARG D 49 -47.52 -3.15 -39.46
N GLY D 50 -48.09 -2.46 -38.48
CA GLY D 50 -47.90 -1.03 -38.32
C GLY D 50 -46.53 -0.71 -37.76
N LEU D 51 -46.26 0.59 -37.65
CA LEU D 51 -44.97 1.09 -37.19
C LEU D 51 -45.07 1.53 -35.74
N ASN D 52 -44.17 1.03 -34.90
CA ASN D 52 -44.12 1.38 -33.49
C ASN D 52 -42.98 2.37 -33.26
N VAL D 53 -42.78 2.73 -31.99
CA VAL D 53 -41.79 3.74 -31.64
C VAL D 53 -40.37 3.26 -31.98
N TRP D 54 -40.13 1.95 -31.93
CA TRP D 54 -38.79 1.44 -32.18
C TRP D 54 -38.41 1.54 -33.65
N ASP D 55 -39.40 1.51 -34.55
CA ASP D 55 -39.10 1.70 -35.97
C ASP D 55 -38.55 3.10 -36.24
N SER D 56 -39.22 4.12 -35.69
CA SER D 56 -38.73 5.48 -35.85
C SER D 56 -37.40 5.69 -35.14
N PHE D 57 -37.25 5.10 -33.95
CA PHE D 57 -36.03 5.29 -33.17
C PHE D 57 -34.81 4.74 -33.90
N THR D 58 -34.93 3.55 -34.48
CA THR D 58 -33.79 2.95 -35.18
C THR D 58 -33.55 3.58 -36.54
N HIS D 59 -34.62 3.99 -37.24
CA HIS D 59 -34.45 4.56 -38.57
C HIS D 59 -33.90 5.98 -38.50
N ARG D 60 -34.37 6.78 -37.54
CA ARG D 60 -33.89 8.15 -37.42
C ARG D 60 -32.49 8.20 -36.83
N PHE D 61 -32.18 7.31 -35.89
CA PHE D 61 -30.87 7.23 -35.25
C PHE D 61 -30.35 5.80 -35.36
N PRO D 62 -29.79 5.42 -36.52
CA PRO D 62 -29.25 4.06 -36.66
C PRO D 62 -28.17 3.72 -35.66
N GLU D 63 -27.35 4.70 -35.26
CA GLU D 63 -26.30 4.42 -34.29
C GLU D 63 -26.88 4.11 -32.92
N LYS D 64 -27.99 4.77 -32.55
CA LYS D 64 -28.60 4.52 -31.25
C LYS D 64 -29.07 3.08 -31.12
N GLY D 65 -29.52 2.48 -32.21
CA GLY D 65 -29.92 1.09 -32.21
C GLY D 65 -28.79 0.08 -32.28
N GLY D 66 -27.56 0.54 -32.38
CA GLY D 66 -26.40 -0.32 -32.45
C GLY D 66 -25.44 0.14 -33.53
N ALA D 67 -24.15 -0.08 -33.30
CA ALA D 67 -23.13 0.30 -34.28
C ALA D 67 -23.22 -0.53 -35.55
N ASP D 68 -23.85 -1.70 -35.50
CA ASP D 68 -24.01 -2.52 -36.70
C ASP D 68 -25.05 -1.97 -37.68
N LEU D 69 -25.81 -0.95 -37.27
CA LEU D 69 -26.84 -0.32 -38.11
C LEU D 69 -27.85 -1.36 -38.59
N GLY D 70 -28.55 -1.96 -37.63
CA GLY D 70 -29.55 -2.96 -37.94
C GLY D 70 -30.92 -2.61 -37.38
N ASN D 71 -31.97 -3.21 -37.93
CA ASN D 71 -33.33 -2.96 -37.47
C ASN D 71 -34.14 -4.23 -37.62
N GLY D 72 -35.27 -4.26 -36.91
CA GLY D 72 -36.13 -5.43 -36.91
C GLY D 72 -37.13 -5.45 -38.06
N ASP D 73 -36.76 -4.84 -39.19
CA ASP D 73 -37.64 -4.88 -40.36
C ASP D 73 -37.73 -6.30 -40.93
N THR D 74 -36.62 -7.02 -40.94
CA THR D 74 -36.58 -8.39 -41.45
C THR D 74 -36.19 -9.42 -40.40
N THR D 75 -35.17 -9.12 -39.59
CA THR D 75 -34.61 -10.00 -38.56
C THR D 75 -34.66 -11.47 -38.97
N CYS D 76 -35.20 -12.33 -38.09
CA CYS D 76 -35.38 -13.74 -38.40
C CYS D 76 -36.75 -14.03 -39.00
N ASP D 77 -37.61 -13.03 -39.14
CA ASP D 77 -38.93 -13.17 -39.76
C ASP D 77 -39.75 -14.25 -39.05
N SER D 78 -39.87 -14.13 -37.73
CA SER D 78 -40.68 -15.07 -36.96
C SER D 78 -42.16 -14.92 -37.25
N TYR D 79 -42.59 -13.79 -37.82
CA TYR D 79 -43.99 -13.65 -38.22
C TYR D 79 -44.35 -14.65 -39.30
N THR D 80 -43.46 -14.84 -40.29
CA THR D 80 -43.66 -15.82 -41.34
C THR D 80 -43.12 -17.19 -40.96
N LEU D 81 -42.19 -17.26 -40.01
CA LEU D 81 -41.58 -18.52 -39.57
C LEU D 81 -41.97 -18.84 -38.13
N TRP D 82 -43.23 -18.60 -37.78
CA TRP D 82 -43.70 -18.91 -36.43
C TRP D 82 -43.62 -20.40 -36.15
N GLN D 83 -43.92 -21.24 -37.17
CA GLN D 83 -43.80 -22.67 -36.99
C GLN D 83 -42.37 -23.09 -36.71
N LYS D 84 -41.40 -22.44 -37.37
CA LYS D 84 -40.00 -22.75 -37.14
C LYS D 84 -39.60 -22.46 -35.70
N ASP D 85 -40.12 -21.36 -35.14
CA ASP D 85 -39.85 -21.05 -33.74
C ASP D 85 -40.42 -22.13 -32.82
N ILE D 86 -41.63 -22.63 -33.13
CA ILE D 86 -42.20 -23.72 -32.36
C ILE D 86 -41.37 -24.99 -32.51
N ASP D 87 -40.81 -25.20 -33.71
CA ASP D 87 -39.95 -26.36 -33.93
C ASP D 87 -38.71 -26.31 -33.04
N VAL D 88 -38.11 -25.12 -32.90
CA VAL D 88 -36.96 -24.97 -32.03
C VAL D 88 -37.36 -25.23 -30.57
N MET D 89 -38.54 -24.74 -30.17
CA MET D 89 -39.03 -25.01 -28.82
C MET D 89 -39.30 -26.50 -28.62
N ASP D 90 -39.87 -27.15 -29.63
CA ASP D 90 -40.13 -28.59 -29.53
C ASP D 90 -38.83 -29.37 -29.44
N GLU D 91 -37.81 -28.97 -30.20
CA GLU D 91 -36.53 -29.66 -30.14
C GLU D 91 -35.89 -29.55 -28.76
N LEU D 92 -36.08 -28.42 -28.09
CA LEU D 92 -35.58 -28.21 -26.74
C LEU D 92 -36.53 -28.73 -25.67
N ASN D 93 -37.68 -29.28 -26.07
CA ASN D 93 -38.70 -29.77 -25.12
C ASN D 93 -39.11 -28.67 -24.15
N SER D 94 -39.33 -27.47 -24.69
CA SER D 94 -39.71 -26.33 -23.86
C SER D 94 -41.12 -26.53 -23.31
N THR D 95 -41.26 -26.37 -21.99
CA THR D 95 -42.58 -26.46 -21.37
C THR D 95 -43.44 -25.24 -21.66
N GLY D 96 -42.84 -24.14 -22.08
CA GLY D 96 -43.58 -22.94 -22.41
C GLY D 96 -42.69 -21.97 -23.15
N TYR D 97 -43.31 -20.90 -23.64
CA TYR D 97 -42.59 -19.88 -24.38
C TYR D 97 -43.27 -18.54 -24.17
N ARG D 98 -42.50 -17.53 -23.78
CA ARG D 98 -43.03 -16.20 -23.49
C ARG D 98 -42.90 -15.32 -24.74
N PHE D 99 -44.01 -14.70 -25.13
CA PHE D 99 -44.06 -13.86 -26.31
C PHE D 99 -44.74 -12.55 -25.98
N SER D 100 -44.67 -11.62 -26.94
CA SER D 100 -45.34 -10.33 -26.83
C SER D 100 -46.19 -10.10 -28.07
N ILE D 101 -47.40 -9.59 -27.87
CA ILE D 101 -48.27 -9.22 -28.98
C ILE D 101 -47.94 -7.79 -29.38
N ALA D 102 -47.57 -7.61 -30.65
CA ALA D 102 -47.23 -6.28 -31.13
C ALA D 102 -48.48 -5.42 -31.24
N TRP D 103 -48.49 -4.29 -30.52
CA TRP D 103 -49.60 -3.36 -30.63
C TRP D 103 -49.75 -2.85 -32.05
N SER D 104 -48.62 -2.53 -32.71
CA SER D 104 -48.67 -2.06 -34.08
C SER D 104 -49.24 -3.10 -35.02
N ARG D 105 -48.86 -4.38 -34.83
CA ARG D 105 -49.37 -5.43 -35.70
C ARG D 105 -50.86 -5.65 -35.48
N LEU D 106 -51.28 -5.74 -34.22
CA LEU D 106 -52.70 -5.96 -33.92
C LEU D 106 -53.53 -4.73 -34.25
N LEU D 107 -53.07 -3.55 -33.85
CA LEU D 107 -53.76 -2.29 -34.10
C LEU D 107 -52.80 -1.33 -34.79
N PRO D 108 -52.81 -1.31 -36.13
CA PRO D 108 -51.86 -0.45 -36.85
C PRO D 108 -51.98 1.02 -36.51
N LYS D 109 -53.19 1.50 -36.23
CA LYS D 109 -53.41 2.91 -35.90
C LYS D 109 -53.43 3.17 -34.40
N GLY D 110 -53.16 2.16 -33.59
CA GLY D 110 -53.14 2.33 -32.14
C GLY D 110 -54.50 2.17 -31.50
N LYS D 111 -55.42 3.09 -31.81
CA LYS D 111 -56.77 3.01 -31.26
C LYS D 111 -57.53 1.85 -31.90
N ARG D 112 -58.31 1.14 -31.07
CA ARG D 112 -59.10 0.02 -31.58
C ARG D 112 -60.18 0.51 -32.55
N SER D 113 -60.80 1.66 -32.26
CA SER D 113 -61.86 2.17 -33.12
C SER D 113 -61.33 2.51 -34.51
N ARG D 114 -60.06 2.89 -34.62
CA ARG D 114 -59.47 3.22 -35.91
C ARG D 114 -59.30 2.03 -36.82
N GLY D 115 -59.42 0.82 -36.31
CA GLY D 115 -59.34 -0.39 -37.12
C GLY D 115 -58.58 -1.50 -36.40
N VAL D 116 -58.94 -2.73 -36.72
CA VAL D 116 -58.30 -3.93 -36.17
C VAL D 116 -57.78 -4.76 -37.32
N ASN D 117 -56.51 -5.14 -37.26
CA ASN D 117 -55.89 -5.92 -38.32
C ASN D 117 -56.35 -7.37 -38.21
N PRO D 118 -57.06 -7.91 -39.21
CA PRO D 118 -57.52 -9.30 -39.09
C PRO D 118 -56.40 -10.32 -39.24
N GLY D 119 -55.44 -10.07 -40.12
CA GLY D 119 -54.34 -10.99 -40.29
C GLY D 119 -53.51 -11.17 -39.03
N ALA D 120 -53.37 -10.11 -38.23
CA ALA D 120 -52.67 -10.22 -36.96
C ALA D 120 -53.41 -11.16 -36.01
N ILE D 121 -54.75 -11.07 -35.99
CA ILE D 121 -55.53 -11.94 -35.11
C ILE D 121 -55.30 -13.40 -35.45
N LYS D 122 -55.32 -13.73 -36.75
CA LYS D 122 -55.07 -15.11 -37.16
C LYS D 122 -53.63 -15.52 -36.88
N TYR D 123 -52.68 -14.58 -37.06
CA TYR D 123 -51.28 -14.90 -36.83
C TYR D 123 -51.03 -15.28 -35.37
N TYR D 124 -51.47 -14.43 -34.43
CA TYR D 124 -51.28 -14.72 -33.02
C TYR D 124 -52.10 -15.93 -32.58
N ASN D 125 -53.31 -16.06 -33.12
CA ASN D 125 -54.12 -17.24 -32.81
C ASN D 125 -53.43 -18.52 -33.31
N GLY D 126 -52.84 -18.46 -34.50
CA GLY D 126 -52.14 -19.63 -35.03
C GLY D 126 -50.98 -20.05 -34.15
N LEU D 127 -50.20 -19.09 -33.66
CA LEU D 127 -49.09 -19.41 -32.78
C LEU D 127 -49.58 -19.99 -31.46
N ILE D 128 -50.66 -19.44 -30.90
CA ILE D 128 -51.20 -19.95 -29.64
C ILE D 128 -51.77 -21.36 -29.83
N ASP D 129 -52.46 -21.59 -30.94
CA ASP D 129 -52.99 -22.93 -31.20
C ASP D 129 -51.87 -23.95 -31.33
N GLY D 130 -50.79 -23.59 -32.02
CA GLY D 130 -49.65 -24.49 -32.11
C GLY D 130 -48.99 -24.73 -30.76
N LEU D 131 -48.86 -23.68 -29.95
CA LEU D 131 -48.30 -23.84 -28.62
C LEU D 131 -49.19 -24.70 -27.75
N VAL D 132 -50.52 -24.50 -27.85
CA VAL D 132 -51.45 -25.33 -27.09
C VAL D 132 -51.41 -26.77 -27.59
N ALA D 133 -51.24 -26.96 -28.90
CA ALA D 133 -51.16 -28.30 -29.46
C ALA D 133 -49.93 -29.04 -28.94
N LYS D 134 -48.81 -28.33 -28.76
CA LYS D 134 -47.59 -28.92 -28.25
C LYS D 134 -47.56 -29.00 -26.73
N ASN D 135 -48.69 -28.75 -26.07
CA ASN D 135 -48.78 -28.79 -24.60
C ASN D 135 -47.80 -27.81 -23.96
N MET D 136 -47.59 -26.66 -24.61
CA MET D 136 -46.71 -25.61 -24.11
C MET D 136 -47.55 -24.49 -23.52
N THR D 137 -47.16 -24.04 -22.33
CA THR D 137 -47.89 -22.95 -21.67
C THR D 137 -47.44 -21.62 -22.26
N PRO D 138 -48.33 -20.87 -22.92
CA PRO D 138 -47.93 -19.60 -23.52
C PRO D 138 -48.01 -18.44 -22.55
N PHE D 139 -47.03 -17.55 -22.65
CA PHE D 139 -47.00 -16.31 -21.89
C PHE D 139 -47.12 -15.15 -22.86
N VAL D 140 -48.10 -14.29 -22.63
CA VAL D 140 -48.42 -13.18 -23.53
C VAL D 140 -48.04 -11.89 -22.84
N THR D 141 -47.18 -11.09 -23.49
CA THR D 141 -46.78 -9.79 -23.00
C THR D 141 -47.57 -8.72 -23.74
N LEU D 142 -48.39 -7.96 -23.02
CA LEU D 142 -49.20 -6.92 -23.66
C LEU D 142 -48.33 -5.82 -24.24
N PHE D 143 -47.31 -5.39 -23.50
CA PHE D 143 -46.44 -4.30 -23.92
C PHE D 143 -44.99 -4.73 -23.78
N HIS D 144 -44.21 -4.54 -24.84
CA HIS D 144 -42.78 -4.82 -24.86
C HIS D 144 -42.03 -3.65 -25.48
N TRP D 145 -42.38 -2.45 -25.01
CA TRP D 145 -41.83 -1.17 -25.49
C TRP D 145 -42.20 -0.88 -26.94
N ASP D 146 -43.06 -1.69 -27.54
CA ASP D 146 -43.44 -1.51 -28.94
C ASP D 146 -44.71 -0.67 -29.07
N LEU D 147 -44.70 0.52 -28.48
CA LEU D 147 -45.85 1.41 -28.57
C LEU D 147 -45.99 1.93 -30.00
N PRO D 148 -47.22 1.97 -30.53
CA PRO D 148 -47.41 2.49 -31.89
C PRO D 148 -46.92 3.92 -32.03
N GLN D 149 -46.36 4.23 -33.21
CA GLN D 149 -45.73 5.52 -33.43
C GLN D 149 -46.73 6.66 -33.32
N THR D 150 -47.94 6.46 -33.82
CA THR D 150 -48.93 7.54 -33.80
C THR D 150 -49.27 7.97 -32.38
N LEU D 151 -49.22 7.04 -31.42
CA LEU D 151 -49.49 7.40 -30.03
C LEU D 151 -48.44 8.36 -29.50
N GLN D 152 -47.16 8.10 -29.79
CA GLN D 152 -46.10 9.01 -29.36
C GLN D 152 -46.19 10.34 -30.08
N ASP D 153 -46.54 10.33 -31.37
CA ASP D 153 -46.64 11.55 -32.14
C ASP D 153 -47.86 12.38 -31.79
N GLU D 154 -48.82 11.83 -31.04
CA GLU D 154 -50.02 12.56 -30.65
C GLU D 154 -49.98 13.05 -29.21
N TYR D 155 -49.76 12.15 -28.25
CA TYR D 155 -49.74 12.53 -26.84
C TYR D 155 -48.46 12.06 -26.14
N ASN D 156 -47.37 11.87 -26.88
CA ASN D 156 -46.07 11.53 -26.31
C ASN D 156 -46.10 10.23 -25.51
N GLY D 157 -46.94 9.30 -25.92
CA GLY D 157 -46.94 7.98 -25.29
C GLY D 157 -47.34 8.04 -23.83
N PHE D 158 -46.48 7.45 -22.97
CA PHE D 158 -46.79 7.30 -21.56
C PHE D 158 -46.79 8.62 -20.80
N LEU D 159 -46.30 9.72 -21.40
CA LEU D 159 -46.32 11.01 -20.72
C LEU D 159 -47.74 11.47 -20.45
N ASN D 160 -48.68 11.13 -21.31
CA ASN D 160 -50.08 11.49 -21.14
C ASN D 160 -50.82 10.41 -20.38
N LYS D 161 -51.98 10.81 -19.82
CA LYS D 161 -52.88 9.84 -19.20
C LYS D 161 -53.76 9.13 -20.21
N THR D 162 -53.76 9.58 -21.47
CA THR D 162 -54.53 8.90 -22.51
C THR D 162 -54.03 7.49 -22.75
N ILE D 163 -52.74 7.24 -22.50
CA ILE D 163 -52.17 5.91 -22.75
C ILE D 163 -52.86 4.86 -21.89
N VAL D 164 -53.39 5.24 -20.72
CA VAL D 164 -54.06 4.28 -19.86
C VAL D 164 -55.32 3.75 -20.54
N ASP D 165 -56.13 4.65 -21.10
CA ASP D 165 -57.35 4.22 -21.79
C ASP D 165 -57.02 3.40 -23.03
N ASP D 166 -56.02 3.81 -23.80
CA ASP D 166 -55.62 3.03 -24.97
C ASP D 166 -55.07 1.67 -24.58
N PHE D 167 -54.27 1.62 -23.51
CA PHE D 167 -53.78 0.33 -23.03
C PHE D 167 -54.92 -0.54 -22.52
N LYS D 168 -55.93 0.08 -21.89
CA LYS D 168 -57.07 -0.68 -21.40
C LYS D 168 -57.82 -1.34 -22.55
N ASP D 169 -58.17 -0.57 -23.59
CA ASP D 169 -58.91 -1.13 -24.71
C ASP D 169 -58.05 -2.10 -25.52
N TYR D 170 -56.75 -1.82 -25.63
CA TYR D 170 -55.86 -2.75 -26.32
C TYR D 170 -55.79 -4.09 -25.60
N ALA D 171 -55.72 -4.06 -24.27
CA ALA D 171 -55.72 -5.30 -23.49
C ALA D 171 -57.07 -5.99 -23.55
N ASP D 172 -58.16 -5.20 -23.56
CA ASP D 172 -59.50 -5.78 -23.52
C ASP D 172 -59.77 -6.65 -24.74
N LEU D 173 -59.38 -6.18 -25.93
CA LEU D 173 -59.57 -7.00 -27.13
C LEU D 173 -58.67 -8.23 -27.11
N CYS D 174 -57.49 -8.12 -26.49
CA CYS D 174 -56.62 -9.29 -26.36
C CYS D 174 -57.28 -10.38 -25.51
N PHE D 175 -57.94 -9.98 -24.42
CA PHE D 175 -58.62 -10.96 -23.57
C PHE D 175 -59.77 -11.63 -24.31
N GLU D 176 -60.54 -10.87 -25.10
CA GLU D 176 -61.66 -11.47 -25.82
C GLU D 176 -61.18 -12.32 -26.99
N LEU D 177 -60.01 -12.01 -27.55
CA LEU D 177 -59.50 -12.75 -28.70
C LEU D 177 -58.59 -13.90 -28.30
N PHE D 178 -57.93 -13.82 -27.15
CA PHE D 178 -56.98 -14.84 -26.73
C PHE D 178 -57.16 -15.34 -25.31
N GLY D 179 -57.88 -14.62 -24.45
CA GLY D 179 -58.00 -15.01 -23.06
C GLY D 179 -58.71 -16.34 -22.83
N ASP D 180 -59.44 -16.83 -23.84
CA ASP D 180 -60.09 -18.12 -23.71
C ASP D 180 -59.07 -19.25 -23.55
N ARG D 181 -57.91 -19.13 -24.20
CA ARG D 181 -56.86 -20.13 -24.12
C ARG D 181 -55.58 -19.61 -23.47
N VAL D 182 -55.51 -18.33 -23.12
CA VAL D 182 -54.33 -17.73 -22.53
C VAL D 182 -54.60 -17.46 -21.06
N LYS D 183 -53.81 -18.08 -20.19
CA LYS D 183 -53.94 -17.90 -18.75
C LYS D 183 -52.71 -17.22 -18.14
N ASN D 184 -51.85 -16.63 -18.97
CA ASN D 184 -50.65 -15.94 -18.49
C ASN D 184 -50.51 -14.63 -19.25
N TRP D 185 -50.75 -13.52 -18.57
CA TRP D 185 -50.71 -12.20 -19.18
C TRP D 185 -49.63 -11.36 -18.54
N ILE D 186 -48.87 -10.64 -19.37
CA ILE D 186 -47.83 -9.73 -18.92
C ILE D 186 -48.18 -8.34 -19.45
N THR D 187 -48.44 -7.40 -18.53
CA THR D 187 -48.81 -6.05 -18.92
C THR D 187 -47.67 -5.35 -19.67
N ILE D 188 -46.56 -5.11 -18.97
CA ILE D 188 -45.41 -4.41 -19.55
C ILE D 188 -44.14 -5.12 -19.10
N ASN D 189 -43.19 -5.24 -20.03
CA ASN D 189 -41.89 -5.85 -19.72
C ASN D 189 -40.91 -4.78 -19.27
N GLN D 190 -40.25 -5.03 -18.13
CA GLN D 190 -39.20 -4.16 -17.60
C GLN D 190 -39.72 -2.72 -17.41
N LEU D 191 -40.65 -2.60 -16.45
CA LEU D 191 -41.28 -1.31 -16.16
C LEU D 191 -40.26 -0.22 -15.90
N TYR D 192 -39.16 -0.57 -15.22
CA TYR D 192 -38.15 0.43 -14.87
C TYR D 192 -37.33 0.86 -16.09
N THR D 193 -37.14 -0.03 -17.06
CA THR D 193 -36.26 0.25 -18.19
C THR D 193 -36.87 1.21 -19.20
N VAL D 194 -38.17 1.46 -19.14
CA VAL D 194 -38.82 2.36 -20.08
C VAL D 194 -38.52 3.81 -19.77
N PRO D 195 -38.74 4.32 -18.54
CA PRO D 195 -38.52 5.75 -18.29
C PRO D 195 -37.06 6.14 -18.12
N THR D 196 -36.15 5.20 -17.95
CA THR D 196 -34.74 5.54 -17.73
C THR D 196 -33.97 5.60 -19.04
N ARG D 197 -33.93 4.47 -19.77
CA ARG D 197 -33.22 4.44 -21.04
C ARG D 197 -34.00 5.09 -22.18
N GLY D 198 -35.28 5.38 -21.98
CA GLY D 198 -36.08 5.99 -23.02
C GLY D 198 -36.45 7.43 -22.73
N TYR D 199 -36.49 7.80 -21.45
CA TYR D 199 -36.88 9.15 -21.06
C TYR D 199 -35.86 9.86 -20.18
N ALA D 200 -34.73 9.22 -19.86
CA ALA D 200 -33.70 9.89 -19.08
C ALA D 200 -32.33 9.85 -19.74
N LEU D 201 -31.97 8.74 -20.39
CA LEU D 201 -30.66 8.61 -21.02
C LEU D 201 -30.70 8.82 -22.53
N GLY D 202 -31.86 8.68 -23.16
CA GLY D 202 -31.95 8.85 -24.60
C GLY D 202 -31.37 7.71 -25.40
N THR D 203 -31.21 6.54 -24.80
CA THR D 203 -30.64 5.38 -25.48
C THR D 203 -31.67 4.44 -26.07
N ASP D 204 -32.88 4.41 -25.53
CA ASP D 204 -33.98 3.59 -26.03
C ASP D 204 -35.08 4.48 -26.59
N ALA D 205 -36.07 3.83 -27.21
CA ALA D 205 -37.24 4.55 -27.69
C ALA D 205 -38.04 5.10 -26.52
N PRO D 206 -38.68 6.28 -26.69
CA PRO D 206 -38.78 7.08 -27.92
C PRO D 206 -37.56 7.97 -28.14
N GLY D 207 -36.58 7.93 -27.26
CA GLY D 207 -35.38 8.74 -27.41
C GLY D 207 -35.49 10.13 -26.82
N ARG D 208 -36.11 10.23 -25.65
CA ARG D 208 -36.28 11.50 -24.97
C ARG D 208 -35.23 11.63 -23.87
N CYS D 209 -34.58 12.80 -23.81
CA CYS D 209 -33.55 13.06 -22.82
C CYS D 209 -33.33 14.56 -22.74
N SER D 210 -32.66 14.97 -21.68
CA SER D 210 -32.32 16.39 -21.53
C SER D 210 -31.37 16.81 -22.64
N PRO D 211 -31.51 18.02 -23.19
CA PRO D 211 -30.66 18.43 -24.32
C PRO D 211 -29.18 18.39 -24.00
N LYS D 212 -28.78 18.72 -22.76
CA LYS D 212 -27.37 18.69 -22.40
C LYS D 212 -26.85 17.26 -22.38
N ILE D 213 -27.68 16.30 -21.95
CA ILE D 213 -27.26 14.90 -21.92
C ILE D 213 -26.98 14.39 -23.32
N ASP D 214 -27.84 14.73 -24.27
CA ASP D 214 -27.63 14.34 -25.67
C ASP D 214 -28.43 15.28 -26.55
N VAL D 215 -27.76 15.94 -27.49
CA VAL D 215 -28.44 16.87 -28.40
C VAL D 215 -29.29 16.13 -29.42
N ARG D 216 -29.08 14.83 -29.61
CA ARG D 216 -29.86 14.07 -30.58
C ARG D 216 -31.31 13.91 -30.15
N CYS D 217 -31.60 13.99 -28.86
CA CYS D 217 -32.97 13.84 -28.38
C CYS D 217 -33.81 15.03 -28.81
N PRO D 218 -34.93 14.83 -29.51
CA PRO D 218 -35.80 15.98 -29.86
C PRO D 218 -36.44 16.65 -28.65
N GLY D 219 -36.46 15.99 -27.50
CA GLY D 219 -37.01 16.57 -26.30
C GLY D 219 -36.63 15.73 -25.10
N GLY D 220 -37.01 16.20 -23.93
CA GLY D 220 -36.81 15.46 -22.70
C GLY D 220 -36.40 16.30 -21.50
N ASN D 221 -36.82 15.85 -20.31
CA ASN D 221 -36.48 16.48 -19.03
C ASN D 221 -36.16 15.34 -18.06
N SER D 222 -34.89 14.97 -17.99
CA SER D 222 -34.49 13.81 -17.19
C SER D 222 -34.78 14.01 -15.71
N SER D 223 -34.97 15.24 -15.25
CA SER D 223 -35.24 15.49 -13.84
C SER D 223 -36.67 15.14 -13.44
N THR D 224 -37.63 15.28 -14.36
CA THR D 224 -39.04 15.11 -14.02
C THR D 224 -39.75 14.11 -14.92
N GLU D 225 -39.37 14.05 -16.20
CA GLU D 225 -40.09 13.23 -17.16
C GLU D 225 -40.12 11.74 -16.81
N PRO D 226 -39.03 11.10 -16.39
CA PRO D 226 -39.13 9.66 -16.06
C PRO D 226 -40.17 9.35 -14.99
N TYR D 227 -40.33 10.24 -14.00
CA TYR D 227 -41.31 9.99 -12.95
C TYR D 227 -42.73 10.04 -13.48
N ILE D 228 -43.01 10.98 -14.39
CA ILE D 228 -44.35 11.06 -14.98
C ILE D 228 -44.63 9.84 -15.85
N VAL D 229 -43.61 9.36 -16.57
CA VAL D 229 -43.79 8.21 -17.44
C VAL D 229 -44.12 6.96 -16.63
N ALA D 230 -43.34 6.70 -15.58
CA ALA D 230 -43.55 5.49 -14.78
C ALA D 230 -44.88 5.52 -14.05
N HIS D 231 -45.29 6.69 -13.56
CA HIS D 231 -46.55 6.79 -12.84
C HIS D 231 -47.73 6.43 -13.73
N ASN D 232 -47.73 6.89 -14.98
CA ASN D 232 -48.81 6.53 -15.90
C ASN D 232 -48.76 5.05 -16.27
N GLN D 233 -47.56 4.46 -16.31
CA GLN D 233 -47.46 3.02 -16.53
C GLN D 233 -48.11 2.25 -15.39
N LEU D 234 -47.91 2.70 -14.15
CA LEU D 234 -48.54 2.05 -13.01
C LEU D 234 -50.06 2.18 -13.09
N LEU D 235 -50.57 3.35 -13.47
CA LEU D 235 -52.01 3.52 -13.65
C LEU D 235 -52.52 2.63 -14.78
N ALA D 236 -51.78 2.55 -15.88
CA ALA D 236 -52.19 1.69 -16.98
C ALA D 236 -52.15 0.22 -16.58
N HIS D 237 -51.12 -0.19 -15.84
CA HIS D 237 -51.03 -1.58 -15.39
C HIS D 237 -52.19 -1.93 -14.46
N ALA D 238 -52.51 -1.05 -13.52
CA ALA D 238 -53.61 -1.31 -12.61
C ALA D 238 -54.95 -1.35 -13.36
N ALA D 239 -55.10 -0.51 -14.38
CA ALA D 239 -56.33 -0.51 -15.15
C ALA D 239 -56.54 -1.83 -15.89
N ALA D 240 -55.45 -2.38 -16.45
CA ALA D 240 -55.55 -3.65 -17.17
C ALA D 240 -55.93 -4.79 -16.24
N VAL D 241 -55.36 -4.81 -15.03
CA VAL D 241 -55.71 -5.85 -14.05
C VAL D 241 -57.17 -5.71 -13.64
N ASP D 242 -57.64 -4.47 -13.46
CA ASP D 242 -59.03 -4.26 -13.10
C ASP D 242 -59.98 -4.76 -14.20
N VAL D 243 -59.58 -4.58 -15.46
CA VAL D 243 -60.39 -5.09 -16.57
C VAL D 243 -60.48 -6.60 -16.51
N TYR D 244 -59.34 -7.27 -16.30
CA TYR D 244 -59.34 -8.72 -16.22
C TYR D 244 -60.08 -9.21 -14.99
N ARG D 245 -59.90 -8.53 -13.85
CA ARG D 245 -60.50 -8.98 -12.60
C ARG D 245 -62.00 -8.70 -12.53
N THR D 246 -62.54 -7.88 -13.42
CA THR D 246 -63.96 -7.56 -13.41
C THR D 246 -64.69 -7.93 -14.69
N LYS D 247 -63.99 -8.42 -15.71
CA LYS D 247 -64.62 -8.83 -16.95
C LYS D 247 -64.19 -10.20 -17.45
N TYR D 248 -63.05 -10.73 -17.00
CA TYR D 248 -62.59 -12.04 -17.46
C TYR D 248 -62.03 -12.89 -16.33
N LYS D 249 -62.20 -12.49 -15.07
CA LYS D 249 -61.61 -13.23 -13.96
C LYS D 249 -62.19 -14.64 -13.86
N ASP D 250 -63.49 -14.74 -13.60
CA ASP D 250 -64.10 -16.05 -13.44
C ASP D 250 -64.32 -16.75 -14.79
N ASP D 251 -64.64 -15.97 -15.83
CA ASP D 251 -64.95 -16.57 -17.12
C ASP D 251 -63.74 -17.26 -17.73
N GLN D 252 -62.56 -16.65 -17.62
CA GLN D 252 -61.35 -17.19 -18.23
C GLN D 252 -60.44 -17.92 -17.26
N LYS D 253 -60.42 -17.52 -16.00
CA LYS D 253 -59.60 -18.15 -14.96
C LYS D 253 -58.12 -18.17 -15.37
N GLY D 254 -57.56 -16.97 -15.57
CA GLY D 254 -56.18 -16.84 -15.93
C GLY D 254 -55.38 -16.01 -14.94
N MET D 255 -54.15 -15.64 -15.30
CA MET D 255 -53.28 -14.86 -14.44
C MET D 255 -52.69 -13.70 -15.22
N ILE D 256 -52.56 -12.55 -14.56
CA ILE D 256 -51.98 -11.35 -15.15
C ILE D 256 -51.04 -10.72 -14.14
N GLY D 257 -49.88 -10.28 -14.62
CA GLY D 257 -48.89 -9.67 -13.76
C GLY D 257 -47.86 -8.86 -14.52
N PRO D 258 -47.19 -7.94 -13.83
CA PRO D 258 -46.16 -7.11 -14.47
C PRO D 258 -44.79 -7.78 -14.42
N VAL D 259 -43.92 -7.33 -15.33
CA VAL D 259 -42.54 -7.81 -15.41
C VAL D 259 -41.63 -6.60 -15.30
N MET D 260 -40.72 -6.65 -14.32
CA MET D 260 -39.76 -5.58 -14.11
C MET D 260 -38.39 -6.19 -13.85
N ILE D 261 -37.35 -5.55 -14.39
CA ILE D 261 -35.99 -6.02 -14.18
C ILE D 261 -35.54 -5.68 -12.77
N THR D 262 -34.92 -6.65 -12.09
CA THR D 262 -34.48 -6.49 -10.71
C THR D 262 -32.99 -6.85 -10.62
N ARG D 263 -32.34 -6.31 -9.60
CA ARG D 263 -30.91 -6.56 -9.41
C ARG D 263 -30.54 -6.29 -7.96
N TRP D 264 -29.78 -7.21 -7.37
CA TRP D 264 -29.28 -7.02 -6.02
C TRP D 264 -28.17 -5.97 -6.01
N PHE D 265 -27.95 -5.36 -4.84
CA PHE D 265 -26.95 -4.34 -4.66
C PHE D 265 -25.99 -4.72 -3.55
N LEU D 266 -24.71 -4.39 -3.73
CA LEU D 266 -23.67 -4.61 -2.74
C LEU D 266 -22.80 -3.37 -2.72
N PRO D 267 -22.53 -2.79 -1.54
CA PRO D 267 -21.74 -1.56 -1.49
C PRO D 267 -20.32 -1.78 -1.96
N PHE D 268 -19.76 -0.75 -2.58
CA PHE D 268 -18.36 -0.80 -3.02
C PHE D 268 -17.43 -0.87 -1.83
N ASP D 269 -17.62 0.00 -0.85
CA ASP D 269 -16.83 0.05 0.37
C ASP D 269 -17.69 -0.41 1.55
N HIS D 270 -17.07 -0.42 2.73
CA HIS D 270 -17.72 -0.91 3.94
C HIS D 270 -18.24 0.21 4.83
N SER D 271 -18.26 1.44 4.33
CA SER D 271 -18.75 2.56 5.12
C SER D 271 -20.25 2.46 5.36
N GLN D 272 -20.69 3.01 6.49
CA GLN D 272 -22.12 2.98 6.83
C GLN D 272 -22.95 3.79 5.84
N GLU D 273 -22.38 4.85 5.27
CA GLU D 273 -23.08 5.61 4.24
C GLU D 273 -23.35 4.76 3.01
N SER D 274 -22.36 3.95 2.60
CA SER D 274 -22.57 3.04 1.47
C SER D 274 -23.58 1.96 1.81
N LYS D 275 -23.57 1.48 3.06
CA LYS D 275 -24.56 0.50 3.48
C LYS D 275 -25.98 1.06 3.39
N ASP D 276 -26.16 2.31 3.84
CA ASP D 276 -27.45 2.97 3.64
C ASP D 276 -27.69 3.26 2.17
N ALA D 277 -26.62 3.59 1.43
CA ALA D 277 -26.75 3.78 -0.01
C ALA D 277 -27.21 2.51 -0.70
N THR D 278 -26.68 1.36 -0.26
CA THR D 278 -27.17 0.08 -0.78
C THR D 278 -28.63 -0.15 -0.40
N GLU D 279 -28.99 0.21 0.83
CA GLU D 279 -30.39 0.10 1.25
C GLU D 279 -31.29 1.04 0.45
N ARG D 280 -30.83 2.28 0.24
CA ARG D 280 -31.63 3.23 -0.53
C ARG D 280 -31.80 2.77 -1.97
N ALA D 281 -30.76 2.16 -2.55
CA ALA D 281 -30.87 1.65 -3.92
C ALA D 281 -31.94 0.57 -4.02
N LYS D 282 -31.98 -0.34 -3.04
CA LYS D 282 -33.01 -1.36 -3.05
C LYS D 282 -34.40 -0.74 -2.92
N ILE D 283 -34.54 0.28 -2.06
CA ILE D 283 -35.81 0.97 -1.92
C ILE D 283 -36.13 1.77 -3.18
N PHE D 284 -35.10 2.31 -3.85
CA PHE D 284 -35.36 3.15 -5.02
C PHE D 284 -35.50 2.33 -6.30
N PHE D 285 -34.71 1.27 -6.45
CA PHE D 285 -34.75 0.50 -7.69
C PHE D 285 -35.98 -0.41 -7.76
N HIS D 286 -36.40 -0.96 -6.62
CA HIS D 286 -37.55 -1.87 -6.57
C HIS D 286 -38.75 -1.27 -5.85
N GLY D 287 -38.53 -0.63 -4.70
CA GLY D 287 -39.65 -0.11 -3.92
C GLY D 287 -40.33 1.09 -4.54
N TRP D 288 -39.69 1.75 -5.51
CA TRP D 288 -40.34 2.86 -6.20
C TRP D 288 -41.56 2.37 -6.96
N PHE D 289 -41.46 1.22 -7.63
CA PHE D 289 -42.61 0.59 -8.27
C PHE D 289 -43.40 -0.28 -7.30
N MET D 290 -42.71 -1.09 -6.49
CA MET D 290 -43.39 -2.01 -5.60
C MET D 290 -44.11 -1.29 -4.46
N GLY D 291 -43.72 -0.06 -4.14
CA GLY D 291 -44.38 0.71 -3.11
C GLY D 291 -45.87 0.87 -3.36
N PRO D 292 -46.22 1.54 -4.46
CA PRO D 292 -47.64 1.61 -4.84
C PRO D 292 -48.28 0.26 -5.09
N LEU D 293 -47.49 -0.72 -5.55
CA LEU D 293 -48.05 -2.06 -5.80
C LEU D 293 -48.51 -2.72 -4.53
N THR D 294 -47.89 -2.40 -3.39
CA THR D 294 -48.24 -3.00 -2.11
C THR D 294 -49.04 -2.06 -1.23
N GLU D 295 -48.51 -0.87 -0.95
CA GLU D 295 -49.14 0.08 -0.03
C GLU D 295 -49.91 1.18 -0.74
N GLY D 296 -49.96 1.17 -2.07
CA GLY D 296 -50.65 2.21 -2.80
C GLY D 296 -50.02 3.57 -2.72
N LYS D 297 -48.77 3.66 -2.27
CA LYS D 297 -48.09 4.94 -2.15
C LYS D 297 -46.60 4.72 -2.35
N TYR D 298 -45.93 5.77 -2.81
CA TYR D 298 -44.49 5.73 -2.95
C TYR D 298 -43.82 5.72 -1.58
N PRO D 299 -42.60 5.19 -1.50
CA PRO D 299 -41.87 5.23 -0.22
C PRO D 299 -41.68 6.67 0.27
N ASP D 300 -41.66 6.82 1.61
CA ASP D 300 -41.47 8.14 2.19
C ASP D 300 -40.14 8.75 1.80
N ILE D 301 -39.08 7.94 1.76
CA ILE D 301 -37.79 8.44 1.29
C ILE D 301 -37.88 8.90 -0.14
N MET D 302 -38.71 8.25 -0.96
CA MET D 302 -38.91 8.70 -2.33
C MET D 302 -39.54 10.09 -2.36
N ARG D 303 -40.52 10.34 -1.51
CA ARG D 303 -41.15 11.66 -1.47
C ARG D 303 -40.48 12.58 -0.44
N GLU D 304 -39.16 12.58 -0.46
CA GLU D 304 -38.33 13.63 0.13
C GLU D 304 -37.26 14.10 -0.84
N TYR D 305 -36.69 13.19 -1.63
CA TYR D 305 -35.62 13.50 -2.58
C TYR D 305 -36.19 13.93 -3.92
N VAL D 306 -37.30 13.34 -4.35
CA VAL D 306 -37.98 13.78 -5.56
C VAL D 306 -38.90 14.95 -5.26
N GLY D 307 -39.49 15.00 -4.06
CA GLY D 307 -40.31 16.12 -3.67
C GLY D 307 -41.56 16.25 -4.54
N ASP D 308 -41.89 17.49 -4.89
CA ASP D 308 -43.07 17.76 -5.70
C ASP D 308 -42.97 17.16 -7.10
N ARG D 309 -41.75 16.84 -7.55
CA ARG D 309 -41.60 16.18 -8.85
C ARG D 309 -42.28 14.82 -8.85
N LEU D 310 -42.26 14.11 -7.73
CA LEU D 310 -42.88 12.80 -7.64
C LEU D 310 -44.40 12.91 -7.75
N PRO D 311 -45.03 12.25 -8.71
CA PRO D 311 -46.49 12.32 -8.82
C PRO D 311 -47.17 11.63 -7.65
N GLU D 312 -48.42 12.01 -7.41
CA GLU D 312 -49.20 11.51 -6.30
C GLU D 312 -50.36 10.66 -6.79
N PHE D 313 -50.84 9.77 -5.93
CA PHE D 313 -51.98 8.92 -6.20
C PHE D 313 -53.21 9.48 -5.50
N SER D 314 -54.32 9.56 -6.23
CA SER D 314 -55.59 9.93 -5.60
C SER D 314 -56.07 8.77 -4.71
N GLU D 315 -57.07 9.08 -3.88
CA GLU D 315 -57.59 8.06 -2.97
C GLU D 315 -58.15 6.87 -3.75
N THR D 316 -58.90 7.14 -4.82
CA THR D 316 -59.39 6.06 -5.67
C THR D 316 -58.23 5.36 -6.40
N GLU D 317 -57.27 6.16 -6.91
CA GLU D 317 -56.15 5.57 -7.65
C GLU D 317 -55.27 4.71 -6.75
N ALA D 318 -55.03 5.16 -5.52
CA ALA D 318 -54.15 4.42 -4.62
C ALA D 318 -54.69 3.03 -4.31
N ALA D 319 -56.01 2.93 -4.06
CA ALA D 319 -56.60 1.63 -3.78
C ALA D 319 -56.51 0.71 -4.98
N LEU D 320 -56.77 1.23 -6.18
CA LEU D 320 -56.72 0.41 -7.39
C LEU D 320 -55.31 -0.09 -7.65
N VAL D 321 -54.30 0.78 -7.49
CA VAL D 321 -52.93 0.37 -7.76
C VAL D 321 -52.45 -0.66 -6.75
N LYS D 322 -52.87 -0.52 -5.49
CA LYS D 322 -52.47 -1.46 -4.46
C LYS D 322 -53.01 -2.85 -4.76
N GLY D 323 -52.13 -3.86 -4.71
CA GLY D 323 -52.52 -5.22 -4.97
C GLY D 323 -52.99 -5.49 -6.38
N SER D 324 -52.61 -4.66 -7.34
CA SER D 324 -53.06 -4.80 -8.73
C SER D 324 -52.12 -5.71 -9.51
N TYR D 325 -51.98 -6.94 -9.01
CA TYR D 325 -51.13 -7.93 -9.65
C TYR D 325 -51.51 -9.32 -9.14
N ASP D 326 -51.55 -10.28 -10.06
CA ASP D 326 -51.72 -11.68 -9.70
C ASP D 326 -50.41 -12.46 -9.73
N PHE D 327 -49.34 -11.85 -10.23
CA PHE D 327 -48.02 -12.48 -10.27
C PHE D 327 -46.99 -11.36 -10.38
N LEU D 328 -45.72 -11.73 -10.16
CA LEU D 328 -44.61 -10.78 -10.24
C LEU D 328 -43.46 -11.45 -11.01
N GLY D 329 -43.46 -11.29 -12.32
CA GLY D 329 -42.34 -11.77 -13.12
C GLY D 329 -41.09 -10.96 -12.82
N LEU D 330 -39.99 -11.64 -12.53
CA LEU D 330 -38.76 -10.99 -12.11
C LEU D 330 -37.61 -11.41 -13.00
N ASN D 331 -36.64 -10.49 -13.15
CA ASN D 331 -35.44 -10.71 -13.95
C ASN D 331 -34.23 -10.28 -13.15
N TYR D 332 -33.07 -10.84 -13.50
CA TYR D 332 -31.83 -10.51 -12.80
C TYR D 332 -30.66 -10.80 -13.71
N TYR D 333 -29.73 -9.85 -13.81
CA TYR D 333 -28.50 -10.03 -14.60
C TYR D 333 -27.25 -9.95 -13.74
N VAL D 334 -27.05 -8.86 -13.00
CA VAL D 334 -25.81 -8.67 -12.25
C VAL D 334 -26.06 -7.87 -10.98
N THR D 335 -25.01 -7.67 -10.19
CA THR D 335 -25.06 -6.88 -8.97
C THR D 335 -24.03 -5.75 -9.06
N GLN D 336 -24.45 -4.54 -8.73
CA GLN D 336 -23.59 -3.36 -8.86
C GLN D 336 -22.89 -3.05 -7.53
N TYR D 337 -21.85 -2.24 -7.62
CA TYR D 337 -21.05 -1.83 -6.46
C TYR D 337 -21.51 -0.45 -6.01
N ALA D 338 -22.48 -0.43 -5.10
CA ALA D 338 -23.11 0.80 -4.67
C ALA D 338 -22.14 1.69 -3.88
N GLN D 339 -22.43 2.98 -3.90
CA GLN D 339 -21.64 3.97 -3.17
C GLN D 339 -22.52 5.19 -2.92
N ASN D 340 -22.04 6.06 -2.03
CA ASN D 340 -22.76 7.27 -1.67
C ASN D 340 -22.22 8.45 -2.47
N ASN D 341 -23.11 9.16 -3.17
CA ASN D 341 -22.74 10.25 -4.06
C ASN D 341 -23.66 11.46 -3.86
N GLN D 342 -23.81 11.90 -2.60
CA GLN D 342 -24.63 13.07 -2.32
C GLN D 342 -23.92 14.34 -2.78
N THR D 343 -23.77 14.49 -4.09
CA THR D 343 -23.08 15.64 -4.68
C THR D 343 -24.09 16.47 -5.46
N ILE D 344 -24.12 17.77 -5.18
CA ILE D 344 -25.02 18.67 -5.88
C ILE D 344 -24.52 18.86 -7.30
N VAL D 345 -25.43 18.77 -8.26
CA VAL D 345 -25.09 18.90 -9.68
C VAL D 345 -26.02 19.93 -10.33
N PRO D 346 -25.59 20.61 -11.38
CA PRO D 346 -26.49 21.53 -12.07
C PRO D 346 -27.70 20.79 -12.65
N SER D 347 -28.85 21.46 -12.64
CA SER D 347 -30.09 20.83 -13.07
C SER D 347 -30.12 20.58 -14.57
N ASP D 348 -29.28 21.27 -15.36
CA ASP D 348 -29.29 21.09 -16.80
C ASP D 348 -28.82 19.70 -17.22
N VAL D 349 -28.06 19.01 -16.36
CA VAL D 349 -27.60 17.65 -16.64
C VAL D 349 -28.10 16.64 -15.62
N HIS D 350 -28.96 17.06 -14.69
CA HIS D 350 -29.45 16.14 -13.67
C HIS D 350 -30.38 15.10 -14.28
N THR D 351 -30.30 13.87 -13.78
CA THR D 351 -31.14 12.77 -14.22
C THR D 351 -31.95 12.24 -13.05
N ALA D 352 -33.06 11.56 -13.37
CA ALA D 352 -33.92 11.01 -12.33
C ALA D 352 -33.21 9.97 -11.49
N LEU D 353 -32.20 9.29 -12.05
CA LEU D 353 -31.46 8.29 -11.29
C LEU D 353 -30.71 8.91 -10.13
N MET D 354 -30.32 10.19 -10.25
CA MET D 354 -29.58 10.87 -9.20
C MET D 354 -30.41 11.18 -7.97
N ASP D 355 -31.73 10.99 -8.03
CA ASP D 355 -32.58 11.30 -6.88
C ASP D 355 -32.23 10.42 -5.68
N SER D 356 -31.70 9.23 -5.93
CA SER D 356 -31.20 8.41 -4.83
C SER D 356 -29.92 8.98 -4.23
N ARG D 357 -29.23 9.86 -4.98
CA ARG D 357 -27.97 10.46 -4.54
C ARG D 357 -26.94 9.40 -4.19
N THR D 358 -26.93 8.32 -4.97
CA THR D 358 -26.01 7.20 -4.80
C THR D 358 -25.43 6.83 -6.15
N THR D 359 -24.26 6.20 -6.13
CA THR D 359 -23.58 5.76 -7.34
C THR D 359 -23.24 4.28 -7.23
N LEU D 360 -23.13 3.64 -8.39
CA LEU D 360 -22.83 2.21 -8.43
C LEU D 360 -21.95 1.91 -9.63
N THR D 361 -21.03 0.95 -9.45
CA THR D 361 -20.12 0.51 -10.50
C THR D 361 -20.13 -1.02 -10.55
N SER D 362 -19.33 -1.58 -11.45
CA SER D 362 -19.19 -3.03 -11.53
C SER D 362 -18.19 -3.54 -10.50
N LYS D 363 -16.94 -3.13 -10.61
CA LYS D 363 -15.94 -3.47 -9.61
C LYS D 363 -16.10 -2.56 -8.39
N ASN D 364 -15.77 -3.09 -7.22
CA ASN D 364 -15.99 -2.37 -5.98
C ASN D 364 -14.68 -1.73 -5.50
N ALA D 365 -14.70 -1.19 -4.28
CA ALA D 365 -13.62 -0.31 -3.82
C ALA D 365 -12.26 -0.99 -3.87
N THR D 366 -12.19 -2.28 -3.53
CA THR D 366 -10.93 -3.00 -3.56
C THR D 366 -10.51 -3.41 -4.97
N GLY D 367 -11.27 -3.03 -5.99
CA GLY D 367 -10.96 -3.42 -7.35
C GLY D 367 -11.35 -4.84 -7.69
N HIS D 368 -12.25 -5.45 -6.93
CA HIS D 368 -12.65 -6.84 -7.14
C HIS D 368 -14.04 -6.87 -7.76
N ALA D 369 -14.19 -7.65 -8.83
CA ALA D 369 -15.47 -7.82 -9.49
C ALA D 369 -16.38 -8.73 -8.67
N PRO D 370 -17.70 -8.55 -8.77
CA PRO D 370 -18.62 -9.43 -8.03
C PRO D 370 -18.52 -10.89 -8.43
N GLY D 371 -18.21 -11.17 -9.69
CA GLY D 371 -18.10 -12.53 -10.17
C GLY D 371 -17.63 -12.60 -11.61
N PRO D 372 -18.00 -13.67 -12.31
CA PRO D 372 -17.61 -13.79 -13.72
C PRO D 372 -18.30 -12.72 -14.55
N PRO D 373 -17.68 -12.31 -15.66
CA PRO D 373 -18.24 -11.20 -16.45
C PRO D 373 -19.57 -11.56 -17.09
N PHE D 374 -20.59 -10.74 -16.84
CA PHE D 374 -21.86 -10.89 -17.54
C PHE D 374 -21.74 -10.44 -19.00
N ASN D 375 -21.09 -9.31 -19.23
CA ASN D 375 -20.86 -8.78 -20.57
C ASN D 375 -19.56 -7.99 -20.54
N ALA D 376 -19.34 -7.17 -21.56
CA ALA D 376 -18.14 -6.33 -21.59
C ALA D 376 -18.20 -5.19 -20.59
N ALA D 377 -19.35 -4.95 -19.95
CA ALA D 377 -19.51 -3.80 -19.06
C ALA D 377 -19.78 -4.16 -17.61
N SER D 378 -20.12 -5.41 -17.30
CA SER D 378 -20.47 -5.79 -15.94
C SER D 378 -20.15 -7.26 -15.72
N TYR D 379 -20.19 -7.67 -14.45
CA TYR D 379 -19.91 -9.04 -14.04
C TYR D 379 -21.13 -9.62 -13.34
N TYR D 380 -21.59 -10.77 -13.80
CA TYR D 380 -22.78 -11.39 -13.22
C TYR D 380 -22.46 -12.08 -11.91
N TYR D 381 -23.38 -11.97 -10.96
CA TYR D 381 -23.26 -12.61 -9.65
C TYR D 381 -24.38 -13.63 -9.52
N PRO D 382 -24.10 -14.91 -9.75
CA PRO D 382 -25.19 -15.90 -9.79
C PRO D 382 -26.01 -15.98 -8.52
N LYS D 383 -25.38 -15.83 -7.36
CA LYS D 383 -26.11 -15.91 -6.10
C LYS D 383 -27.11 -14.78 -5.94
N GLY D 384 -26.97 -13.69 -6.71
CA GLY D 384 -27.87 -12.56 -6.60
C GLY D 384 -29.31 -12.90 -6.89
N ILE D 385 -29.57 -13.96 -7.65
CA ILE D 385 -30.94 -14.42 -7.85
C ILE D 385 -31.56 -14.84 -6.53
N TYR D 386 -30.77 -15.46 -5.66
CA TYR D 386 -31.24 -15.77 -4.32
C TYR D 386 -31.53 -14.52 -3.52
N TYR D 387 -30.64 -13.52 -3.59
CA TYR D 387 -30.83 -12.29 -2.83
C TYR D 387 -32.09 -11.54 -3.28
N VAL D 388 -32.31 -11.44 -4.59
CA VAL D 388 -33.46 -10.72 -5.10
C VAL D 388 -34.76 -11.41 -4.68
N MET D 389 -34.81 -12.73 -4.85
CA MET D 389 -36.00 -13.47 -4.44
C MET D 389 -36.21 -13.38 -2.93
N ASP D 390 -35.13 -13.47 -2.16
CA ASP D 390 -35.23 -13.33 -0.71
C ASP D 390 -35.67 -11.92 -0.33
N TYR D 391 -35.10 -10.91 -0.99
CA TYR D 391 -35.44 -9.53 -0.64
C TYR D 391 -36.91 -9.23 -0.92
N PHE D 392 -37.42 -9.68 -2.07
CA PHE D 392 -38.82 -9.45 -2.39
C PHE D 392 -39.74 -10.15 -1.39
N LYS D 393 -39.40 -11.38 -1.01
CA LYS D 393 -40.22 -12.12 -0.05
C LYS D 393 -40.16 -11.47 1.33
N THR D 394 -38.97 -11.02 1.76
CA THR D 394 -38.82 -10.44 3.08
C THR D 394 -39.37 -9.03 3.18
N THR D 395 -39.53 -8.32 2.05
CA THR D 395 -40.05 -6.96 2.06
C THR D 395 -41.53 -6.88 1.72
N TYR D 396 -42.00 -7.73 0.83
CA TYR D 396 -43.40 -7.75 0.43
C TYR D 396 -43.95 -9.17 0.57
N GLY D 397 -45.27 -9.27 0.71
CA GLY D 397 -45.93 -10.55 0.85
C GLY D 397 -45.62 -11.48 -0.30
N ASP D 398 -45.23 -12.73 0.01
CA ASP D 398 -44.68 -13.67 -0.96
C ASP D 398 -45.61 -13.88 -2.14
N PRO D 399 -45.27 -13.36 -3.32
CA PRO D 399 -46.13 -13.53 -4.49
C PRO D 399 -45.69 -14.69 -5.36
N LEU D 400 -46.46 -14.99 -6.41
CA LEU D 400 -46.00 -15.93 -7.41
C LEU D 400 -44.89 -15.27 -8.24
N ILE D 401 -43.77 -15.96 -8.37
CA ILE D 401 -42.57 -15.41 -8.98
C ILE D 401 -42.19 -16.26 -10.19
N TYR D 402 -41.93 -15.61 -11.32
CA TYR D 402 -41.50 -16.28 -12.53
C TYR D 402 -40.30 -15.56 -13.12
N VAL D 403 -39.31 -16.32 -13.58
CA VAL D 403 -38.10 -15.76 -14.18
C VAL D 403 -38.40 -15.62 -15.67
N THR D 404 -38.90 -14.43 -16.06
CA THR D 404 -39.30 -14.21 -17.44
C THR D 404 -38.12 -14.00 -18.38
N GLU D 405 -37.01 -13.45 -17.88
CA GLU D 405 -35.83 -13.20 -18.71
C GLU D 405 -34.58 -13.70 -17.99
N ASN D 406 -33.70 -14.36 -18.74
CA ASN D 406 -32.42 -14.83 -18.22
C ASN D 406 -31.52 -15.26 -19.38
N GLY D 407 -30.29 -14.76 -19.40
CA GLY D 407 -29.37 -15.12 -20.45
C GLY D 407 -28.10 -14.30 -20.39
N PHE D 408 -27.20 -14.60 -21.32
CA PHE D 408 -25.91 -13.95 -21.40
C PHE D 408 -25.61 -13.58 -22.85
N SER D 409 -24.74 -12.59 -23.03
CA SER D 409 -24.39 -12.08 -24.35
C SER D 409 -23.05 -12.66 -24.81
N THR D 410 -22.97 -12.94 -26.10
CA THR D 410 -21.76 -13.45 -26.74
C THR D 410 -21.44 -12.60 -27.96
N PRO D 411 -20.15 -12.46 -28.30
CA PRO D 411 -19.78 -11.66 -29.47
C PRO D 411 -20.37 -12.23 -30.75
N GLY D 412 -20.79 -11.33 -31.65
CA GLY D 412 -21.33 -11.73 -32.93
C GLY D 412 -20.29 -11.98 -34.01
N ASP D 413 -19.04 -11.61 -33.77
CA ASP D 413 -17.97 -11.85 -34.74
C ASP D 413 -17.53 -13.31 -34.77
N GLU D 414 -18.00 -14.14 -33.83
CA GLU D 414 -17.65 -15.54 -33.82
C GLU D 414 -18.20 -16.25 -35.06
N ASP D 415 -17.41 -17.18 -35.58
CA ASP D 415 -17.81 -17.93 -36.78
C ASP D 415 -18.87 -18.97 -36.39
N PHE D 416 -19.25 -19.80 -37.37
CA PHE D 416 -20.30 -20.79 -37.13
C PHE D 416 -19.90 -21.77 -36.04
N GLU D 417 -18.66 -22.25 -36.06
CA GLU D 417 -18.21 -23.18 -35.03
C GLU D 417 -18.17 -22.52 -33.66
N LYS D 418 -17.68 -21.28 -33.58
CA LYS D 418 -17.59 -20.59 -32.29
C LYS D 418 -18.96 -20.14 -31.80
N ALA D 419 -19.87 -19.78 -32.72
CA ALA D 419 -21.22 -19.41 -32.32
C ALA D 419 -21.93 -20.58 -31.67
N THR D 420 -21.78 -21.79 -32.24
CA THR D 420 -22.33 -22.98 -31.63
C THR D 420 -21.64 -23.34 -30.32
N ALA D 421 -20.44 -22.81 -30.08
CA ALA D 421 -19.71 -23.04 -28.83
C ALA D 421 -20.06 -21.92 -27.86
N ASP D 422 -21.14 -22.14 -27.10
CA ASP D 422 -21.62 -21.20 -26.11
C ASP D 422 -21.51 -21.79 -24.71
N TYR D 423 -20.38 -22.43 -24.41
CA TYR D 423 -20.15 -22.99 -23.09
C TYR D 423 -20.11 -21.91 -22.02
N LYS D 424 -19.65 -20.71 -22.38
CA LYS D 424 -19.66 -19.61 -21.43
C LYS D 424 -21.08 -19.24 -21.02
N ARG D 425 -22.01 -19.27 -21.99
CA ARG D 425 -23.41 -19.03 -21.67
C ARG D 425 -23.96 -20.09 -20.73
N ILE D 426 -23.55 -21.35 -20.93
CA ILE D 426 -23.99 -22.42 -20.04
C ILE D 426 -23.47 -22.19 -18.64
N ASP D 427 -22.24 -21.70 -18.50
CA ASP D 427 -21.67 -21.46 -17.19
C ASP D 427 -22.50 -20.44 -16.40
N TYR D 428 -22.92 -19.36 -17.06
CA TYR D 428 -23.79 -18.40 -16.40
C TYR D 428 -25.16 -19.01 -16.07
N LEU D 429 -25.72 -19.76 -17.01
CA LEU D 429 -27.06 -20.31 -16.82
C LEU D 429 -27.07 -21.36 -15.71
N CYS D 430 -26.13 -22.30 -15.74
CA CYS D 430 -26.11 -23.35 -14.72
C CYS D 430 -25.81 -22.77 -13.34
N SER D 431 -24.87 -21.83 -13.24
CA SER D 431 -24.56 -21.23 -11.95
C SER D 431 -25.76 -20.45 -11.42
N HIS D 432 -26.44 -19.68 -12.29
CA HIS D 432 -27.65 -18.99 -11.87
C HIS D 432 -28.75 -19.98 -11.51
N LEU D 433 -28.88 -21.06 -12.29
CA LEU D 433 -29.88 -22.08 -11.97
C LEU D 433 -29.57 -22.75 -10.64
N CYS D 434 -28.30 -23.04 -10.38
CA CYS D 434 -27.93 -23.63 -9.10
C CYS D 434 -28.23 -22.68 -7.95
N PHE D 435 -27.93 -21.40 -8.12
CA PHE D 435 -28.27 -20.41 -7.10
C PHE D 435 -29.77 -20.24 -6.98
N LEU D 436 -30.49 -20.29 -8.10
CA LEU D 436 -31.95 -20.20 -8.06
C LEU D 436 -32.56 -21.44 -7.41
N SER D 437 -32.06 -22.63 -7.77
CA SER D 437 -32.57 -23.85 -7.16
C SER D 437 -32.28 -23.89 -5.67
N LYS D 438 -31.08 -23.46 -5.27
CA LYS D 438 -30.75 -23.37 -3.85
C LYS D 438 -31.62 -22.32 -3.16
N VAL D 439 -31.97 -21.25 -3.87
CA VAL D 439 -32.84 -20.22 -3.30
C VAL D 439 -34.23 -20.77 -3.03
N ILE D 440 -34.78 -21.53 -3.98
CA ILE D 440 -36.17 -21.98 -3.87
C ILE D 440 -36.35 -22.84 -2.62
N LYS D 441 -35.42 -23.76 -2.37
CA LYS D 441 -35.53 -24.62 -1.20
C LYS D 441 -35.27 -23.84 0.08
N GLU D 442 -34.21 -23.04 0.11
CA GLU D 442 -33.82 -22.34 1.33
C GLU D 442 -34.81 -21.23 1.69
N LYS D 443 -35.15 -20.38 0.72
CA LYS D 443 -36.03 -19.24 1.00
C LYS D 443 -37.48 -19.67 1.16
N ASN D 444 -37.91 -20.70 0.44
CA ASN D 444 -39.29 -21.18 0.46
C ASN D 444 -40.27 -20.07 0.09
N VAL D 445 -40.15 -19.61 -1.15
CA VAL D 445 -41.01 -18.57 -1.69
C VAL D 445 -41.69 -19.12 -2.95
N ASN D 446 -42.87 -18.60 -3.23
CA ASN D 446 -43.70 -19.10 -4.33
C ASN D 446 -43.05 -18.73 -5.66
N VAL D 447 -42.42 -19.72 -6.30
CA VAL D 447 -41.79 -19.52 -7.60
C VAL D 447 -41.84 -20.83 -8.38
N LYS D 448 -42.47 -20.81 -9.56
CA LYS D 448 -42.59 -22.01 -10.38
C LYS D 448 -42.40 -21.71 -11.86
N GLY D 449 -41.58 -20.73 -12.20
CA GLY D 449 -41.39 -20.35 -13.59
C GLY D 449 -39.94 -19.96 -13.86
N TYR D 450 -39.54 -20.14 -15.11
CA TYR D 450 -38.20 -19.78 -15.58
C TYR D 450 -38.22 -19.69 -17.08
N PHE D 451 -37.45 -18.75 -17.62
CA PHE D 451 -37.39 -18.56 -19.07
C PHE D 451 -35.99 -18.07 -19.44
N ALA D 452 -35.50 -18.55 -20.59
CA ALA D 452 -34.16 -18.24 -21.07
C ALA D 452 -34.25 -17.34 -22.28
N TRP D 453 -33.63 -16.16 -22.19
CA TRP D 453 -33.57 -15.22 -23.30
C TRP D 453 -32.33 -15.52 -24.13
N SER D 454 -32.53 -15.91 -25.38
CA SER D 454 -33.82 -16.08 -26.03
C SER D 454 -33.93 -17.45 -26.70
N LEU D 455 -34.97 -17.63 -27.52
CA LEU D 455 -35.09 -18.86 -28.27
C LEU D 455 -33.95 -19.03 -29.26
N GLY D 456 -33.58 -17.96 -29.95
CA GLY D 456 -32.51 -18.00 -30.93
C GLY D 456 -31.90 -16.61 -31.08
N ASP D 457 -30.92 -16.52 -31.98
CA ASP D 457 -30.27 -15.24 -32.25
C ASP D 457 -31.29 -14.22 -32.73
N ASN D 458 -31.44 -13.14 -31.97
CA ASN D 458 -32.47 -12.14 -32.24
C ASN D 458 -31.88 -10.75 -32.13
N TYR D 459 -32.56 -9.79 -32.76
CA TYR D 459 -32.19 -8.40 -32.62
C TYR D 459 -32.28 -7.96 -31.17
N GLU D 460 -31.28 -7.21 -30.71
CA GLU D 460 -31.27 -6.65 -29.37
C GLU D 460 -31.35 -5.13 -29.46
N PHE D 461 -32.19 -4.52 -28.63
CA PHE D 461 -32.32 -3.08 -28.62
C PHE D 461 -31.00 -2.44 -28.23
N CYS D 462 -30.62 -1.39 -28.98
CA CYS D 462 -29.39 -0.63 -28.83
C CYS D 462 -28.14 -1.42 -29.18
N ASN D 463 -28.26 -2.70 -29.54
CA ASN D 463 -27.13 -3.51 -29.93
C ASN D 463 -27.27 -4.11 -31.31
N GLY D 464 -28.44 -4.01 -31.95
CA GLY D 464 -28.63 -4.60 -33.26
C GLY D 464 -28.44 -6.11 -33.21
N PHE D 465 -27.63 -6.62 -34.15
CA PHE D 465 -27.28 -8.04 -34.19
C PHE D 465 -25.83 -8.26 -33.79
N THR D 466 -25.22 -7.30 -33.11
CA THR D 466 -23.81 -7.42 -32.73
C THR D 466 -23.59 -8.51 -31.69
N VAL D 467 -24.60 -8.80 -30.88
CA VAL D 467 -24.50 -9.83 -29.86
C VAL D 467 -25.69 -10.77 -29.98
N ARG D 468 -25.51 -12.00 -29.51
CA ARG D 468 -26.53 -13.04 -29.59
C ARG D 468 -26.86 -13.53 -28.19
N PHE D 469 -28.15 -13.67 -27.89
CA PHE D 469 -28.61 -14.15 -26.60
C PHE D 469 -29.33 -15.49 -26.68
N GLY D 470 -29.80 -15.89 -27.84
CA GLY D 470 -30.63 -17.06 -27.96
C GLY D 470 -29.89 -18.37 -27.74
N LEU D 471 -30.68 -19.42 -27.53
CA LEU D 471 -30.17 -20.78 -27.34
C LEU D 471 -29.93 -21.50 -28.65
N SER D 472 -29.96 -20.78 -29.78
CA SER D 472 -29.70 -21.37 -31.08
C SER D 472 -29.19 -20.28 -32.02
N TYR D 473 -28.41 -20.70 -33.01
CA TYR D 473 -27.80 -19.77 -33.96
C TYR D 473 -28.72 -19.56 -35.15
N VAL D 474 -28.86 -18.30 -35.57
CA VAL D 474 -29.69 -17.92 -36.69
C VAL D 474 -28.79 -17.30 -37.76
N ASP D 475 -28.90 -17.81 -38.99
CA ASP D 475 -28.12 -17.31 -40.11
C ASP D 475 -28.89 -16.18 -40.78
N PHE D 476 -28.30 -14.98 -40.79
CA PHE D 476 -28.96 -13.84 -41.42
C PHE D 476 -29.10 -14.05 -42.93
N ALA D 477 -28.09 -14.62 -43.56
CA ALA D 477 -28.14 -14.83 -45.01
C ALA D 477 -29.17 -15.87 -45.40
N ASN D 478 -29.39 -16.88 -44.57
CA ASN D 478 -30.28 -17.99 -44.85
C ASN D 478 -31.27 -18.20 -43.72
N ILE D 479 -31.93 -17.12 -43.31
CA ILE D 479 -32.92 -17.19 -42.23
C ILE D 479 -34.04 -18.17 -42.58
N THR D 480 -34.32 -18.35 -43.87
CA THR D 480 -35.31 -19.33 -44.28
C THR D 480 -34.87 -20.75 -43.95
N GLY D 481 -33.56 -20.99 -43.89
CA GLY D 481 -33.08 -22.30 -43.55
C GLY D 481 -33.28 -22.65 -42.08
N ASP D 482 -33.18 -23.94 -41.79
CA ASP D 482 -33.38 -24.43 -40.44
C ASP D 482 -32.24 -24.01 -39.53
N ARG D 483 -32.49 -24.07 -38.23
CA ARG D 483 -31.50 -23.72 -37.21
C ARG D 483 -31.35 -24.87 -36.23
N ASP D 484 -30.16 -24.98 -35.64
CA ASP D 484 -29.84 -26.03 -34.69
C ASP D 484 -29.65 -25.42 -33.30
N LEU D 485 -30.13 -26.13 -32.28
CA LEU D 485 -29.99 -25.66 -30.91
C LEU D 485 -28.51 -25.59 -30.54
N LYS D 486 -28.16 -24.55 -29.78
CA LYS D 486 -26.79 -24.38 -29.33
C LYS D 486 -26.49 -25.36 -28.20
N ALA D 487 -25.28 -25.24 -27.63
CA ALA D 487 -24.91 -26.11 -26.51
C ALA D 487 -25.81 -25.86 -25.31
N SER D 488 -26.22 -24.61 -25.08
CA SER D 488 -27.18 -24.33 -24.03
C SER D 488 -28.53 -24.98 -24.33
N GLY D 489 -28.97 -24.94 -25.59
CA GLY D 489 -30.21 -25.60 -25.95
C GLY D 489 -30.17 -27.10 -25.75
N LYS D 490 -29.04 -27.72 -26.11
CA LYS D 490 -28.87 -29.14 -25.84
C LYS D 490 -28.86 -29.43 -24.35
N TRP D 491 -28.21 -28.57 -23.56
CA TRP D 491 -28.20 -28.75 -22.12
C TRP D 491 -29.60 -28.58 -21.54
N PHE D 492 -30.37 -27.64 -22.05
CA PHE D 492 -31.74 -27.42 -21.56
C PHE D 492 -32.61 -28.64 -21.83
N GLN D 493 -32.48 -29.24 -23.02
CA GLN D 493 -33.27 -30.44 -23.33
C GLN D 493 -32.88 -31.60 -22.42
N LYS D 494 -31.58 -31.79 -22.18
CA LYS D 494 -31.13 -32.86 -21.29
C LYS D 494 -31.53 -32.57 -19.85
N PHE D 495 -31.46 -31.30 -19.43
CA PHE D 495 -31.85 -30.95 -18.07
C PHE D 495 -33.34 -31.18 -17.85
N ILE D 496 -34.17 -30.85 -18.85
CA ILE D 496 -35.61 -31.06 -18.73
C ILE D 496 -35.93 -32.54 -18.60
N ASN D 497 -35.28 -33.37 -19.42
CA ASN D 497 -35.50 -34.81 -19.37
C ASN D 497 -34.80 -35.44 -18.17
C1 NAG E . -4.85 30.29 -31.18
C2 NAG E . -6.19 29.54 -31.13
C3 NAG E . -7.22 30.33 -30.31
C4 NAG E . -6.66 30.67 -28.93
C5 NAG E . -5.35 31.42 -29.10
C6 NAG E . -4.68 31.75 -27.77
C7 NAG E . -6.32 28.26 -33.23
C8 NAG E . -6.96 28.17 -34.57
N2 NAG E . -6.70 29.30 -32.47
O3 NAG E . -8.41 29.55 -30.17
O4 NAG E . -7.59 31.44 -28.19
O5 NAG E . -4.42 30.62 -29.85
O6 NAG E . -4.68 30.63 -26.89
O7 NAG E . -5.49 27.44 -32.83
C1 NAG E . -8.03 30.69 -27.04
C2 NAG E . -8.33 31.65 -25.89
C3 NAG E . -8.82 30.89 -24.66
C4 NAG E . -10.00 30.01 -25.03
C5 NAG E . -9.65 29.11 -26.21
C6 NAG E . -10.82 28.27 -26.69
C7 NAG E . -7.22 33.66 -25.01
C8 NAG E . -5.91 34.33 -24.74
N2 NAG E . -7.15 32.45 -25.56
O3 NAG E . -9.19 31.80 -23.63
O4 NAG E . -10.36 29.20 -23.91
O5 NAG E . -9.22 29.90 -27.33
O6 NAG E . -11.51 28.91 -27.75
O7 NAG E . -8.29 34.18 -24.73
C1 NAG F . -7.81 0.83 36.43
C2 NAG F . -6.62 -0.08 36.14
C3 NAG F . -6.82 -1.43 36.82
C4 NAG F . -7.12 -1.26 38.31
C5 NAG F . -8.25 -0.23 38.52
C6 NAG F . -8.43 0.14 39.98
C7 NAG F . -5.26 0.01 34.11
C8 NAG F . -5.22 -0.22 32.63
N2 NAG F . -6.41 -0.24 34.72
O3 NAG F . -5.65 -2.23 36.65
O4 NAG F . -7.53 -2.51 38.84
O5 NAG F . -7.96 0.99 37.83
O6 NAG F . -7.69 1.31 40.31
O7 NAG F . -4.26 0.39 34.73
C1 NAG F . -6.84 -2.88 40.05
C2 NAG F . -6.34 -4.32 39.92
C3 NAG F . -5.58 -4.73 41.19
C4 NAG F . -4.48 -3.73 41.50
C5 NAG F . -5.04 -2.31 41.56
C6 NAG F . -3.99 -1.26 41.75
C7 NAG F . -7.65 -5.84 38.50
C8 NAG F . -8.84 -6.74 38.42
N2 NAG F . -7.45 -5.23 39.67
O3 NAG F . -5.03 -6.03 41.01
O4 NAG F . -3.87 -4.05 42.75
O5 NAG F . -5.71 -2.01 40.33
O6 NAG F . -4.42 -0.27 42.68
O7 NAG F . -6.91 -5.65 37.54
C1 NAG G . 34.65 25.89 -17.14
C2 NAG G . 33.45 26.45 -16.38
C3 NAG G . 33.62 26.20 -14.88
C4 NAG G . 33.86 24.73 -14.61
C5 NAG G . 35.03 24.21 -15.45
C6 NAG G . 35.21 22.71 -15.34
C7 NAG G . 32.08 28.44 -16.81
C8 NAG G . 32.08 29.92 -17.06
N2 NAG G . 33.27 27.87 -16.65
O3 NAG G . 32.46 26.65 -14.20
O4 NAG G . 34.15 24.54 -13.22
O5 NAG G . 34.81 24.50 -16.83
O6 NAG G . 34.35 22.00 -16.22
O7 NAG G . 31.03 27.79 -16.74
C1 NAG H . 22.33 38.03 -26.23
C2 NAG H . 23.14 39.04 -27.05
C3 NAG H . 22.28 40.25 -27.40
C4 NAG H . 21.01 39.81 -28.10
C5 NAG H . 20.27 38.77 -27.25
C6 NAG H . 19.06 38.19 -27.94
C7 NAG H . 25.57 39.00 -26.61
C8 NAG H . 25.66 38.00 -27.73
N2 NAG H . 24.34 39.46 -26.33
O3 NAG H . 23.02 41.13 -28.24
O4 NAG H . 20.15 40.91 -28.31
O5 NAG H . 21.15 37.67 -26.95
O6 NAG H . 18.99 36.78 -27.78
O7 NAG H . 26.56 39.38 -26.00
C1 NAG I . -9.05 12.67 -39.38
C2 NAG I . -9.61 11.33 -39.91
C3 NAG I . -11.12 11.27 -39.69
C4 NAG I . -11.48 11.57 -38.24
C5 NAG I . -10.87 12.90 -37.83
C6 NAG I . -11.12 13.24 -36.38
C7 NAG I . -8.53 10.17 -41.78
C8 NAG I . -7.99 9.21 -40.76
N2 NAG I . -9.29 11.15 -41.31
O3 NAG I . -11.60 9.98 -40.06
O4 NAG I . -12.89 11.62 -38.08
O5 NAG I . -9.45 12.86 -38.01
O6 NAG I . -11.95 14.38 -36.24
O7 NAG I . -8.27 10.05 -42.98
C1 NAG J . 40.41 6.76 -16.58
C2 NAG J . 40.91 6.94 -15.15
C3 NAG J . 42.19 7.78 -15.14
C4 NAG J . 43.23 7.16 -16.06
C5 NAG J . 42.63 6.96 -17.46
C6 NAG J . 43.57 6.25 -18.40
C7 NAG J . 39.46 7.02 -13.17
C8 NAG J . 38.41 7.80 -12.44
N2 NAG J . 39.89 7.56 -14.31
O3 NAG J . 42.71 7.84 -13.82
O4 NAG J . 44.36 8.01 -16.15
O5 NAG J . 41.44 6.17 -17.37
O6 NAG J . 43.06 4.96 -18.76
O7 NAG J . 39.88 5.95 -12.75
C1 NAG K . 33.90 -8.82 -23.30
C2 NAG K . 35.02 -9.30 -24.19
C3 NAG K . 35.72 -10.51 -23.55
C4 NAG K . 35.37 -10.74 -22.08
C5 NAG K . 34.75 -9.57 -21.29
C6 NAG K . 35.65 -9.04 -20.20
C7 NAG K . 35.36 -9.73 -26.58
C8 NAG K . 34.71 -10.07 -27.88
N2 NAG K . 34.55 -9.62 -25.52
O3 NAG K . 37.13 -10.38 -23.71
O4 NAG K . 34.51 -11.87 -21.95
O5 NAG K . 34.40 -8.44 -22.11
O6 NAG K . 34.90 -8.65 -19.05
O7 NAG K . 36.58 -9.57 -26.49
C1 NAG L . -12.11 6.14 -16.74
C2 NAG L . -13.26 6.73 -15.93
C3 NAG L . -14.60 6.29 -16.53
C4 NAG L . -14.65 6.64 -18.01
C5 NAG L . -13.45 6.06 -18.74
C6 NAG L . -13.37 6.48 -20.19
C7 NAG L . -12.53 7.04 -13.61
C8 NAG L . -12.54 6.48 -12.22
N2 NAG L . -13.18 6.33 -14.53
O3 NAG L . -15.66 6.95 -15.84
O4 NAG L . -15.85 6.12 -18.59
O5 NAG L . -12.24 6.52 -18.11
O6 NAG L . -12.74 7.74 -20.32
O7 NAG L . -11.94 8.09 -13.89
C1 NAG M . -9.20 15.53 -43.98
C2 NAG M . -8.23 14.54 -44.63
C3 NAG M . -9.02 13.44 -45.36
C4 NAG M . -10.02 12.80 -44.42
C5 NAG M . -10.91 13.87 -43.78
C6 NAG M . -11.85 13.31 -42.74
C7 NAG M . -7.65 15.91 -46.62
C8 NAG M . -6.53 16.51 -47.41
N2 NAG M . -7.30 15.20 -45.53
O3 NAG M . -8.10 12.46 -45.84
O4 NAG M . -10.84 11.88 -45.14
O5 NAG M . -10.09 14.85 -43.10
O6 NAG M . -12.53 12.16 -43.22
O7 NAG M . -8.83 16.05 -46.95
CA CA N . 9.24 -2.66 -11.25
C1 NAG O . -6.98 -37.82 -10.28
C2 NAG O . -7.90 -36.68 -9.86
C3 NAG O . -8.59 -36.08 -11.09
C4 NAG O . -7.55 -35.68 -12.14
C5 NAG O . -6.67 -36.88 -12.47
C6 NAG O . -5.55 -36.54 -13.43
C7 NAG O . -9.40 -36.32 -7.96
C8 NAG O . -10.41 -36.94 -7.05
N2 NAG O . -8.88 -37.13 -8.89
O3 NAG O . -9.35 -34.95 -10.71
O4 NAG O . -8.20 -35.23 -13.33
O5 NAG O . -6.04 -37.37 -11.27
O6 NAG O . -4.30 -36.40 -12.76
O7 NAG O . -9.07 -35.15 -7.85
C1 NAG P . -7.99 -14.10 24.01
C2 NAG P . -7.79 -12.63 24.42
C3 NAG P . -9.13 -11.99 24.75
C4 NAG P . -10.11 -12.16 23.61
C5 NAG P . -10.26 -13.64 23.27
C6 NAG P . -11.15 -13.90 22.07
C7 NAG P . -5.54 -12.46 25.40
C8 NAG P . -4.77 -12.34 26.67
N2 NAG P . -6.88 -12.53 25.54
O3 NAG P . -8.93 -10.61 25.02
O4 NAG P . -11.38 -11.63 23.98
O5 NAG P . -8.96 -14.18 22.95
O6 NAG P . -12.12 -12.87 21.92
O7 NAG P . -5.01 -12.50 24.30
C1 NAG Q . -13.70 -37.01 8.37
C2 NAG Q . -13.15 -38.42 8.17
C3 NAG Q . -12.96 -39.11 9.52
C4 NAG Q . -12.13 -38.24 10.46
C5 NAG Q . -12.72 -36.83 10.53
C6 NAG Q . -11.86 -35.88 11.36
C7 NAG Q . -13.65 -40.36 6.74
C8 NAG Q . -14.69 -41.04 5.89
N2 NAG Q . -14.02 -39.21 7.32
O3 NAG Q . -12.34 -40.38 9.36
O4 NAG Q . -12.13 -38.79 11.77
O5 NAG Q . -12.81 -36.27 9.21
O6 NAG Q . -11.75 -34.59 10.74
O7 NAG Q . -12.52 -40.82 6.88
C1 NAG R . 8.90 -33.82 -22.13
C2 NAG R . 7.85 -33.70 -23.24
C3 NAG R . 7.44 -35.08 -23.72
C4 NAG R . 8.66 -35.90 -24.13
C5 NAG R . 9.68 -35.91 -22.98
C6 NAG R . 10.98 -36.60 -23.36
C7 NAG R . 6.02 -32.10 -23.57
C8 NAG R . 4.84 -31.41 -22.94
N2 NAG R . 6.69 -32.95 -22.79
O3 NAG R . 6.56 -34.95 -24.83
O4 NAG R . 8.28 -37.24 -24.42
O5 NAG R . 10.02 -34.58 -22.61
O6 NAG R . 10.87 -38.01 -23.24
O7 NAG R . 6.33 -31.91 -24.74
C1 NAG S . 25.48 -25.50 -19.36
C2 NAG S . 24.85 -25.90 -20.68
C3 NAG S . 25.93 -26.18 -21.70
C4 NAG S . 26.57 -24.86 -22.09
C5 NAG S . 27.12 -24.10 -20.88
C6 NAG S . 26.94 -22.61 -21.00
C7 NAG S . 22.66 -27.00 -20.48
C8 NAG S . 21.94 -28.30 -20.30
N2 NAG S . 23.99 -27.07 -20.51
O3 NAG S . 25.35 -26.80 -22.84
O4 NAG S . 27.64 -25.10 -23.00
O5 NAG S . 26.56 -24.47 -19.59
O6 NAG S . 27.36 -22.14 -22.29
O7 NAG S . 22.05 -25.93 -20.60
C1 NAG T . 2.43 8.97 8.18
C2 NAG T . 1.34 9.92 8.68
C3 NAG T . 1.98 11.14 9.35
C4 NAG T . 2.97 10.72 10.43
C5 NAG T . 3.98 9.73 9.85
C6 NAG T . 4.92 9.17 10.89
C7 NAG T . -0.68 9.70 7.33
C8 NAG T . -1.48 10.25 6.18
N2 NAG T . 0.46 10.33 7.61
O3 NAG T . 0.97 11.96 9.92
O4 NAG T . 3.65 11.85 10.94
O5 NAG T . 3.30 8.61 9.26
O6 NAG T . 5.94 10.10 11.24
O7 NAG T . -1.06 8.72 7.97
C1 NAG U . 11.85 -6.51 25.82
C2 NAG U . 13.03 -5.59 25.51
C3 NAG U . 12.89 -4.27 26.28
C4 NAG U . 11.53 -3.63 25.98
C5 NAG U . 10.42 -4.63 26.31
C6 NAG U . 9.05 -4.11 25.96
C7 NAG U . 15.26 -6.45 24.95
C8 NAG U . 16.50 -7.12 25.46
N2 NAG U . 14.30 -6.23 25.85
O3 NAG U . 13.93 -3.39 25.88
O4 NAG U . 11.36 -2.47 26.78
O5 NAG U . 10.62 -5.83 25.55
O6 NAG U . 9.11 -2.84 25.32
O7 NAG U . 15.14 -6.13 23.77
C1 NAG V . 10.25 -8.50 30.00
C2 NAG V . 11.67 -8.48 29.43
C3 NAG V . 12.47 -7.33 30.05
C4 NAG V . 11.71 -6.01 29.88
C5 NAG V . 10.30 -6.14 30.42
C6 NAG V . 9.45 -4.91 30.19
C7 NAG V . 13.37 -10.17 28.92
C8 NAG V . 13.94 -11.51 29.30
N2 NAG V . 12.35 -9.74 29.67
O3 NAG V . 13.74 -7.24 29.44
O4 NAG V . 12.39 -4.96 30.55
O5 NAG V . 9.62 -7.23 29.78
O6 NAG V . 8.12 -5.08 30.66
O7 NAG V . 13.81 -9.52 27.97
C1 NAG W . -6.07 16.23 66.54
C2 NAG W . -6.78 17.28 67.40
C3 NAG W . -7.96 16.66 68.12
C4 NAG W . -8.88 15.94 67.14
C5 NAG W . -8.08 14.93 66.33
C6 NAG W . -8.91 14.25 65.25
C7 NAG W . -5.23 19.04 68.11
C8 NAG W . -4.32 19.53 69.20
N2 NAG W . -5.86 17.89 68.35
O3 NAG W . -8.69 17.68 68.81
O4 NAG W . -9.92 15.26 67.85
O5 NAG W . -7.01 15.60 65.65
O6 NAG W . -8.26 13.09 64.76
O7 NAG W . -5.38 19.67 67.06
C1 NAG X . -11.31 4.54 55.67
C2 NAG X . -12.60 4.97 54.99
C3 NAG X . -13.69 3.93 55.23
C4 NAG X . -13.22 2.55 54.81
C5 NAG X . -11.90 2.21 55.51
C6 NAG X . -11.30 0.90 55.07
C7 NAG X . -13.50 7.24 54.65
C8 NAG X . -13.52 6.93 53.19
N2 NAG X . -13.04 6.28 55.46
O3 NAG X . -14.86 4.29 54.49
O4 NAG X . -14.19 1.57 55.16
O5 NAG X . -10.93 3.24 55.22
O6 NAG X . -10.76 0.18 56.16
O7 NAG X . -13.86 8.33 55.09
C1 NAG Y . 3.14 5.64 20.40
C2 NAG Y . 2.42 6.61 19.44
C3 NAG Y . 3.22 7.88 19.25
C4 NAG Y . 4.64 7.59 18.77
C5 NAG Y . 5.34 6.56 19.65
C6 NAG Y . 5.83 7.11 20.97
C7 NAG Y . 0.98 5.34 17.92
C8 NAG Y . 0.84 4.75 16.55
N2 NAG Y . 2.13 5.97 18.17
O3 NAG Y . 3.23 8.64 20.45
O4 NAG Y . 4.61 7.10 17.44
O5 NAG Y . 4.52 5.41 19.94
O6 NAG Y . 7.24 7.26 21.00
O7 NAG Y . 0.09 5.26 18.76
C1 NAG Z . 39.85 6.58 53.90
C2 NAG Z . 40.87 5.60 53.34
C3 NAG Z . 42.24 5.86 53.97
C4 NAG Z . 42.64 7.31 53.80
C5 NAG Z . 41.54 8.23 54.32
C6 NAG Z . 41.82 9.70 54.06
C7 NAG Z . 40.09 3.40 52.59
C8 NAG Z . 39.68 2.02 53.00
N2 NAG Z . 40.46 4.23 53.57
O3 NAG Z . 43.20 5.00 53.38
O4 NAG Z . 43.85 7.57 54.50
O5 NAG Z . 40.29 7.93 53.67
O6 NAG Z . 41.23 10.12 52.84
O7 NAG Z . 40.10 3.74 51.41
C1 NAG AA . 36.70 28.00 40.13
C2 NAG AA . 37.50 29.31 40.14
C3 NAG AA . 38.98 29.03 40.36
C4 NAG AA . 39.19 28.20 41.61
C5 NAG AA . 38.36 26.92 41.52
C6 NAG AA . 38.43 26.07 42.77
C7 NAG AA . 37.49 31.36 38.77
C8 NAG AA . 37.24 31.94 37.41
N2 NAG AA . 37.30 30.04 38.89
O3 NAG AA . 39.69 30.26 40.48
O4 NAG AA . 40.56 27.85 41.76
O5 NAG AA . 36.98 27.27 41.35
O6 NAG AA . 38.65 26.87 43.93
O7 NAG AA . 37.86 32.05 39.71
C1 NAG BA . -20.84 11.01 -8.55
C2 NAG BA . -20.23 10.08 -9.62
C3 NAG BA . -19.38 10.89 -10.62
C4 NAG BA . -20.18 12.05 -11.17
C5 NAG BA . -20.75 12.90 -10.03
C6 NAG BA . -21.64 14.02 -10.52
C7 NAG BA . -18.40 8.93 -8.29
C8 NAG BA . -17.80 10.25 -7.89
N2 NAG BA . -19.50 8.94 -9.07
O3 NAG BA . -18.96 10.04 -11.68
O4 NAG BA . -19.34 12.88 -11.98
O5 NAG BA . -21.56 12.07 -9.18
O6 NAG BA . -22.96 13.57 -10.77
O7 NAG BA . -17.91 7.87 -7.91
C1 NAG CA . -52.36 15.05 -21.85
C2 NAG CA . -52.61 15.66 -23.23
C3 NAG CA . -53.58 16.85 -23.13
C4 NAG CA . -54.84 16.44 -22.40
C5 NAG CA . -54.50 15.82 -21.05
C6 NAG CA . -55.71 15.29 -20.31
C7 NAG CA . -50.50 16.93 -23.38
C8 NAG CA . -49.28 17.19 -24.21
N2 NAG CA . -51.37 16.05 -23.88
O3 NAG CA . -53.89 17.31 -24.43
O4 NAG CA . -55.67 17.57 -22.18
O5 NAG CA . -53.62 14.70 -21.24
O6 NAG CA . -56.61 16.35 -20.00
O7 NAG CA . -50.69 17.51 -22.31
C1 NAG DA . -37.23 20.11 -15.98
C2 NAG DA . -36.27 21.29 -16.19
C3 NAG DA . -36.04 22.02 -14.87
C4 NAG DA . -37.37 22.41 -14.24
C5 NAG DA . -38.28 21.19 -14.12
C6 NAG DA . -39.66 21.53 -13.60
C7 NAG DA . -34.75 20.85 -18.07
C8 NAG DA . -33.40 20.35 -18.48
N2 NAG DA . -35.00 20.84 -16.76
O3 NAG DA . -35.25 23.18 -15.10
O4 NAG DA . -37.16 22.96 -12.95
O5 NAG DA . -38.45 20.58 -15.41
O6 NAG DA . -40.05 22.85 -13.98
O7 NAG DA . -35.58 21.23 -18.89
C1 NAG EA . -15.67 -5.37 -1.88
C2 NAG EA . -14.60 -6.41 -2.23
C3 NAG EA . -14.24 -7.25 -1.00
C4 NAG EA . -13.89 -6.35 0.17
C5 NAG EA . -14.97 -5.30 0.41
C6 NAG EA . -14.62 -4.31 1.48
C7 NAG EA . -16.08 -8.07 -3.31
C8 NAG EA . -16.34 -8.87 -4.55
N2 NAG EA . -15.02 -7.26 -3.34
O3 NAG EA . -13.16 -8.12 -1.31
O4 NAG EA . -13.73 -7.14 1.35
O5 NAG EA . -15.19 -4.56 -0.79
O6 NAG EA . -14.95 -4.80 2.77
O7 NAG EA . -16.81 -8.18 -2.32
C1 NAG FA . -19.96 -30.19 -20.03
C2 NAG FA . -18.80 -29.35 -20.59
C3 NAG FA . -17.71 -30.25 -21.15
C4 NAG FA . -17.27 -31.26 -20.09
C5 NAG FA . -18.47 -32.03 -19.55
C6 NAG FA . -18.12 -32.96 -18.41
C7 NAG FA . -19.84 -28.74 -22.75
C8 NAG FA . -20.24 -27.60 -23.64
N2 NAG FA . -19.26 -28.40 -21.59
O3 NAG FA . -16.60 -29.45 -21.56
O4 NAG FA . -16.35 -32.19 -20.67
O5 NAG FA . -19.45 -31.11 -19.05
O6 NAG FA . -19.25 -33.69 -17.96
O7 NAG FA . -20.04 -29.91 -23.07
CA CA GA . -35.72 0.00 -42.75
#